data_8T5C
#
_entry.id   8T5C
#
_cell.length_a   1.00
_cell.length_b   1.00
_cell.length_c   1.00
_cell.angle_alpha   90.00
_cell.angle_beta   90.00
_cell.angle_gamma   90.00
#
_symmetry.space_group_name_H-M   'P 1'
#
loop_
_entity.id
_entity.type
_entity.pdbx_description
1 polymer 'Glycoprotein G1'
2 polymer 'Glycoprotein G2'
3 polymer 'D5 nanobody'
4 polymer '8.11G Heavy Chain'
5 polymer '8.11G Light Chain'
6 branched alpha-D-mannopyranose-(1-2)-alpha-D-mannopyranose-(1-3)-[alpha-D-mannopyranose-(1-3)-[alpha-D-mannopyranose-(1-6)]alpha-D-mannopyranose-(1-6)]beta-D-mannopyranose-(1-4)-2-acetamido-2-deoxy-beta-D-glucopyranose-(1-4)-2-acetamido-2-deoxy-beta-D-glucopyranose
7 branched beta-D-mannopyranose-(1-4)-2-acetamido-2-deoxy-beta-D-glucopyranose-(1-4)-2-acetamido-2-deoxy-beta-D-glucopyranose
8 branched beta-D-mannopyranose-(1-4)-2-acetamido-2-deoxy-beta-D-glucopyranose
9 branched alpha-D-mannopyranose-(1-3)-alpha-D-mannopyranose-(1-6)-[alpha-D-mannopyranose-(1-3)]beta-D-mannopyranose-(1-4)-2-acetamido-2-deoxy-beta-D-glucopyranose-(1-4)-2-acetamido-2-deoxy-beta-D-glucopyranose
10 branched alpha-D-mannopyranose-(1-3)-[alpha-D-mannopyranose-(1-6)]beta-D-mannopyranose-(1-4)-2-acetamido-2-deoxy-beta-D-glucopyranose-(1-4)-2-acetamido-2-deoxy-beta-D-glucopyranose
11 branched alpha-D-mannopyranose-(1-2)-alpha-D-mannopyranose-(1-3)-beta-D-mannopyranose-(1-4)-2-acetamido-2-deoxy-beta-D-glucopyranose-(1-4)-2-acetamido-2-deoxy-beta-D-glucopyranose
12 branched alpha-D-mannopyranose-(1-3)-[alpha-D-mannopyranose-(1-6)]alpha-D-mannopyranose
13 branched alpha-D-mannopyranose-(1-6)-alpha-D-mannopyranose-(1-6)-[alpha-D-mannopyranose-(1-3)]beta-D-mannopyranose-(1-4)-2-acetamido-2-deoxy-beta-D-glucopyranose-(1-4)-2-acetamido-2-deoxy-beta-D-glucopyranose
14 non-polymer 2-acetamido-2-deoxy-beta-D-glucopyranose
#
loop_
_entity_poly.entity_id
_entity_poly.type
_entity_poly.pdbx_seq_one_letter_code
_entity_poly.pdbx_strand_id
1 'polypeptide(L)'
;TSLYKGVYELQTLELNMETLNMTMPLSCTKNNSHHYIMVGNETGLELTLTNTSIINHKFCNLSDAHKKNLYDHALMSIIS
TFHLSIPNFNQYEAMSCDFNGGKISVQYNLSHSYAGDAANHCGTVANGVLQTFMRMAWGGSYIALDSGGCGNWDCIMTSY
QYLIIQNTTWEDHCQFSRPSPIGYLGLLSQRTRDIYISRRRR
;
B,A,C
2 'polypeptide(L)'
;GTFTWTLSDSEGKDTPGGYCLTRWMLIEAELKCFGNTAVAKCNEKHDEEFCDMLRLFDFNKQAIQRCKAPAQMSIQLINK
AVNALINDQLIMKNHLRDIMGIPYCNYSKYWYLNHTTTGRTSLPKCWLVSNGSYLNETHFSDDIEQQADNMITEMLQKEG
GGYIPEAPRDGQAYVRKDGEWVLLSTFLGGLVPR
;
b,a,c
3 'polypeptide(L)'
;AWQLVESGGGSVQPGGSLTLTCQASKSTFSTSGMRWERQAQGKGVEFVADISSDSTRKWYSDSVKGRFTISRSNWWRTVT
LQMNDLKPEDTARYYCKDLESHHLRGQGTQVTVSSSGQAG
;
D
4 'polypeptide(L)'
;DQVQLQESGPGLVKPSETLSLTCSISGVSTRNYYWSWIRQSPGKGLEWIGYIFNIGTTNYNPSLKSRLTISVDTSKNQFS
LKITSVTAADTAVYYCASGFEYGDYTFDYWGQGTPVTVSS
;
H,E
5 'polypeptide(L)'
;DEIVLTQSPATLSVSPGGRASLSCRASQSIGDKLSWYQQKPGQAPRLVIYGAYTRATDISPRFSGSRSGTDFNLTISRMQ
SGDFAVYFCQQYENWPRTFGQGTKLEIKR
;
L,I
#
loop_
_chem_comp.id
_chem_comp.type
_chem_comp.name
_chem_comp.formula
BMA D-saccharide, beta linking beta-D-mannopyranose 'C6 H12 O6'
MAN D-saccharide, alpha linking alpha-D-mannopyranose 'C6 H12 O6'
NAG D-saccharide, beta linking 2-acetamido-2-deoxy-beta-D-glucopyranose 'C8 H15 N O6'
#
# COMPACT_ATOMS: atom_id res chain seq x y z
N THR A 1 -18.93 21.20 -19.79
CA THR A 1 -20.21 20.75 -19.24
C THR A 1 -20.91 19.80 -20.21
N SER A 2 -21.46 18.71 -19.67
CA SER A 2 -22.18 17.74 -20.48
C SER A 2 -23.09 16.95 -19.55
N LEU A 3 -24.40 17.05 -19.77
CA LEU A 3 -25.35 16.35 -18.91
C LEU A 3 -25.16 14.84 -19.04
N TYR A 4 -25.27 14.15 -17.90
CA TYR A 4 -25.24 12.70 -17.86
C TYR A 4 -26.54 12.23 -17.21
N LYS A 5 -27.31 11.42 -17.94
CA LYS A 5 -28.64 10.94 -17.57
C LYS A 5 -29.68 12.07 -17.60
N GLY A 6 -29.28 13.30 -17.86
CA GLY A 6 -30.22 14.43 -17.82
C GLY A 6 -30.57 14.88 -16.42
N VAL A 7 -30.97 13.94 -15.55
CA VAL A 7 -31.32 14.30 -14.19
C VAL A 7 -30.12 14.81 -13.42
N TYR A 8 -28.92 14.33 -13.75
CA TYR A 8 -27.69 14.69 -13.04
C TYR A 8 -26.74 15.41 -13.99
N GLU A 9 -25.90 16.27 -13.40
CA GLU A 9 -24.95 17.08 -14.16
C GLU A 9 -23.55 16.87 -13.58
N LEU A 10 -22.55 16.98 -14.45
CA LEU A 10 -21.16 16.78 -14.07
C LEU A 10 -20.54 18.11 -13.66
N GLN A 11 -19.69 18.06 -12.64
CA GLN A 11 -18.96 19.23 -12.16
C GLN A 11 -17.54 18.82 -11.82
N THR A 12 -16.62 19.78 -11.91
CA THR A 12 -15.20 19.54 -11.70
C THR A 12 -14.64 20.50 -10.67
N LEU A 13 -13.78 19.99 -9.80
CA LEU A 13 -13.06 20.81 -8.83
C LEU A 13 -11.62 20.34 -8.75
N GLU A 14 -10.73 21.29 -8.50
CA GLU A 14 -9.31 21.04 -8.36
C GLU A 14 -8.82 21.56 -7.01
N LEU A 15 -7.97 20.78 -6.35
CA LEU A 15 -7.46 21.11 -5.04
C LEU A 15 -6.08 21.75 -5.17
N ASN A 16 -5.90 22.89 -4.49
CA ASN A 16 -4.62 23.58 -4.47
C ASN A 16 -3.81 23.06 -3.28
N MET A 17 -2.75 22.32 -3.57
CA MET A 17 -1.90 21.74 -2.52
C MET A 17 -0.75 22.69 -2.16
N GLU A 18 -1.10 23.94 -1.87
CA GLU A 18 -0.17 24.90 -1.29
C GLU A 18 -0.49 25.25 0.15
N THR A 19 -1.73 25.03 0.58
CA THR A 19 -2.07 25.19 1.99
C THR A 19 -1.35 24.18 2.85
N LEU A 20 -1.00 23.02 2.28
CA LEU A 20 -0.27 21.98 3.01
C LEU A 20 1.23 22.24 2.96
N ASN A 21 1.64 23.44 3.34
CA ASN A 21 3.05 23.83 3.38
C ASN A 21 3.60 23.97 4.78
N MET A 22 2.75 24.26 5.76
CA MET A 22 3.16 24.40 7.15
C MET A 22 2.99 23.11 7.95
N THR A 23 2.63 22.01 7.30
CA THR A 23 2.44 20.75 8.00
C THR A 23 3.15 19.59 7.30
N MET A 24 3.33 19.69 5.99
CA MET A 24 3.98 18.63 5.23
C MET A 24 4.67 19.24 4.02
N PRO A 25 5.65 18.55 3.44
CA PRO A 25 6.32 19.08 2.24
C PRO A 25 5.42 19.04 1.02
N LEU A 26 5.89 19.74 -0.02
CA LEU A 26 5.21 19.80 -1.30
C LEU A 26 6.26 19.72 -2.41
N SER A 27 5.97 18.95 -3.45
CA SER A 27 6.93 18.65 -4.51
C SER A 27 6.40 19.11 -5.86
N CYS A 28 7.23 19.85 -6.60
CA CYS A 28 6.90 20.30 -7.95
C CYS A 28 8.15 20.22 -8.81
N THR A 29 7.95 20.24 -10.13
CA THR A 29 9.02 20.10 -11.11
C THR A 29 8.89 21.18 -12.18
N LYS A 30 10.03 21.75 -12.57
CA LYS A 30 10.01 22.84 -13.55
C LYS A 30 9.95 22.31 -14.99
N ASN A 31 11.02 21.65 -15.44
CA ASN A 31 10.98 20.87 -16.68
C ASN A 31 12.30 20.14 -16.91
N ASN A 32 12.21 18.88 -17.35
CA ASN A 32 13.30 18.06 -17.87
C ASN A 32 14.35 17.68 -16.83
N SER A 33 14.29 18.28 -15.64
CA SER A 33 15.17 17.97 -14.52
C SER A 33 14.71 18.88 -13.38
N HIS A 34 15.51 18.98 -12.33
CA HIS A 34 15.37 20.13 -11.43
C HIS A 34 14.02 20.12 -10.72
N HIS A 35 13.76 19.08 -9.94
CA HIS A 35 12.56 18.97 -9.13
C HIS A 35 12.81 19.62 -7.77
N TYR A 36 11.74 19.78 -7.00
CA TYR A 36 11.81 20.53 -5.75
C TYR A 36 10.95 19.89 -4.67
N ILE A 37 11.27 20.24 -3.43
CA ILE A 37 10.46 19.91 -2.26
C ILE A 37 10.34 21.20 -1.46
N MET A 38 9.24 21.92 -1.63
CA MET A 38 9.00 23.17 -0.90
C MET A 38 8.31 22.87 0.41
N VAL A 39 8.89 23.36 1.51
CA VAL A 39 8.34 23.20 2.85
C VAL A 39 8.18 24.59 3.44
N GLY A 40 7.02 24.86 4.03
CA GLY A 40 6.78 26.19 4.56
C GLY A 40 6.74 27.22 3.45
N ASN A 41 7.21 28.43 3.76
CA ASN A 41 7.26 29.49 2.76
C ASN A 41 8.58 30.27 2.84
N GLU A 42 9.64 29.67 3.38
CA GLU A 42 10.94 30.31 3.51
C GLU A 42 12.04 29.58 2.76
N THR A 43 12.12 28.26 2.90
CA THR A 43 13.25 27.48 2.41
C THR A 43 12.79 26.53 1.30
N GLY A 44 13.74 25.73 0.80
CA GLY A 44 13.46 24.79 -0.26
C GLY A 44 14.62 23.86 -0.49
N LEU A 45 14.41 22.89 -1.37
CA LEU A 45 15.40 21.88 -1.74
C LEU A 45 15.73 22.04 -3.23
N GLU A 46 16.48 21.09 -3.77
CA GLU A 46 16.77 21.07 -5.20
C GLU A 46 17.14 19.65 -5.61
N LEU A 47 16.47 19.14 -6.65
CA LEU A 47 16.74 17.81 -7.21
C LEU A 47 17.02 18.01 -8.70
N THR A 48 18.30 18.20 -9.04
CA THR A 48 18.72 18.47 -10.41
C THR A 48 19.53 17.29 -10.95
N LEU A 49 19.11 16.76 -12.08
CA LEU A 49 19.86 15.77 -12.83
C LEU A 49 20.59 16.49 -13.96
N THR A 50 21.90 16.69 -13.81
CA THR A 50 22.68 17.50 -14.73
C THR A 50 23.94 16.75 -15.14
N ASN A 51 24.45 17.11 -16.32
CA ASN A 51 25.71 16.55 -16.80
C ASN A 51 26.90 17.13 -16.05
N THR A 52 26.73 18.25 -15.35
CA THR A 52 27.81 18.90 -14.64
C THR A 52 27.87 18.42 -13.19
N SER A 53 28.93 18.82 -12.50
CA SER A 53 29.14 18.48 -11.10
C SER A 53 29.54 19.73 -10.33
N ILE A 54 29.20 19.73 -9.03
CA ILE A 54 29.48 20.87 -8.16
C ILE A 54 30.47 20.47 -7.08
N ILE A 55 30.48 19.20 -6.71
CA ILE A 55 31.37 18.71 -5.66
C ILE A 55 32.75 18.47 -6.25
N ASN A 56 33.79 18.77 -5.44
CA ASN A 56 35.17 18.57 -5.84
C ASN A 56 35.92 17.63 -4.91
N HIS A 57 35.28 17.09 -3.88
CA HIS A 57 35.92 16.19 -2.93
C HIS A 57 35.04 14.97 -2.70
N LYS A 58 35.69 13.83 -2.50
CA LYS A 58 34.98 12.56 -2.29
C LYS A 58 34.89 12.28 -0.79
N PHE A 59 34.09 13.11 -0.12
CA PHE A 59 33.86 12.99 1.32
C PHE A 59 32.42 13.38 1.63
N CYS A 60 31.92 12.90 2.77
CA CYS A 60 30.57 13.22 3.21
C CYS A 60 30.56 13.27 4.73
N ASN A 61 30.40 14.46 5.29
CA ASN A 61 30.33 14.66 6.73
C ASN A 61 28.94 15.16 7.09
N LEU A 62 28.29 14.46 8.03
CA LEU A 62 26.95 14.82 8.49
C LEU A 62 26.89 15.13 9.97
N SER A 63 27.48 14.28 10.81
CA SER A 63 27.38 14.48 12.25
C SER A 63 28.05 15.78 12.69
N ASP A 64 29.21 16.09 12.12
CA ASP A 64 29.91 17.31 12.51
C ASP A 64 29.07 18.55 12.22
N ALA A 65 28.44 18.60 11.04
CA ALA A 65 27.55 19.72 10.72
C ALA A 65 26.37 19.76 11.67
N HIS A 66 25.83 18.58 12.02
CA HIS A 66 24.67 18.54 12.91
C HIS A 66 25.01 19.10 14.29
N LYS A 67 26.18 18.75 14.83
CA LYS A 67 26.54 19.24 16.15
C LYS A 67 26.66 20.75 16.18
N LYS A 68 27.23 21.34 15.14
CA LYS A 68 27.29 22.80 15.03
C LYS A 68 25.98 23.41 14.57
N ASN A 69 25.05 22.61 14.04
CA ASN A 69 23.76 23.10 13.59
C ASN A 69 23.91 24.20 12.55
N LEU A 70 24.71 23.91 11.53
CA LEU A 70 24.96 24.88 10.46
C LEU A 70 23.76 25.06 9.55
N TYR A 71 22.74 24.21 9.64
CA TYR A 71 21.56 24.26 8.79
C TYR A 71 20.30 24.35 9.63
N ASP A 72 19.20 24.72 8.97
CA ASP A 72 17.93 24.84 9.67
C ASP A 72 17.47 23.53 10.30
N HIS A 73 17.92 22.40 9.76
CA HIS A 73 17.63 21.04 10.20
C HIS A 73 16.23 20.59 9.78
N ALA A 74 15.41 21.48 9.21
CA ALA A 74 14.12 21.03 8.68
C ALA A 74 14.32 20.29 7.36
N LEU A 75 15.20 20.78 6.51
CA LEU A 75 15.44 20.15 5.22
C LEU A 75 16.29 18.89 5.33
N MET A 76 17.04 18.73 6.43
CA MET A 76 17.87 17.55 6.58
C MET A 76 17.03 16.28 6.63
N SER A 77 15.87 16.34 7.29
CA SER A 77 15.01 15.17 7.37
C SER A 77 14.59 14.70 5.98
N ILE A 78 14.35 15.64 5.06
CA ILE A 78 14.01 15.27 3.69
C ILE A 78 15.17 14.53 3.05
N ILE A 79 16.39 15.02 3.25
CA ILE A 79 17.57 14.33 2.72
C ILE A 79 17.71 12.95 3.33
N SER A 80 17.51 12.85 4.65
CA SER A 80 17.64 11.56 5.31
C SER A 80 16.60 10.57 4.79
N THR A 81 15.36 11.01 4.63
CA THR A 81 14.33 10.15 4.07
C THR A 81 14.66 9.78 2.63
N PHE A 82 15.16 10.75 1.85
CA PHE A 82 15.52 10.47 0.46
C PHE A 82 16.65 9.45 0.37
N HIS A 83 17.68 9.62 1.20
CA HIS A 83 18.84 8.72 1.13
C HIS A 83 18.45 7.29 1.48
N LEU A 84 17.99 7.07 2.71
CA LEU A 84 17.70 5.72 3.17
C LEU A 84 16.58 5.08 2.37
N SER A 85 15.73 5.87 1.71
CA SER A 85 14.70 5.30 0.86
C SER A 85 15.27 4.58 -0.35
N ILE A 86 16.54 4.84 -0.68
CA ILE A 86 17.20 4.18 -1.81
C ILE A 86 17.34 2.70 -1.47
N PRO A 87 16.82 1.78 -2.31
CA PRO A 87 17.00 0.36 -2.01
C PRO A 87 18.32 -0.19 -2.52
N ASN A 88 19.07 -0.87 -1.65
CA ASN A 88 20.29 -1.56 -2.05
C ASN A 88 21.33 -0.59 -2.60
N PHE A 89 21.73 0.36 -1.75
CA PHE A 89 22.74 1.33 -2.15
C PHE A 89 24.14 0.73 -2.01
N ASN A 90 24.54 0.44 -0.77
CA ASN A 90 25.70 -0.39 -0.48
C ASN A 90 27.03 0.18 -1.00
N GLN A 91 27.01 1.38 -1.58
CA GLN A 91 28.21 1.99 -2.17
C GLN A 91 28.22 3.48 -1.81
N TYR A 92 28.83 3.81 -0.68
CA TYR A 92 28.87 5.19 -0.21
C TYR A 92 30.05 5.97 -0.76
N GLU A 93 30.92 5.33 -1.56
CA GLU A 93 31.99 6.08 -2.21
C GLU A 93 31.43 7.11 -3.18
N ALA A 94 30.37 6.76 -3.90
CA ALA A 94 29.76 7.70 -4.83
C ALA A 94 29.17 8.90 -4.10
N MET A 95 28.56 8.67 -2.94
CA MET A 95 27.92 9.75 -2.20
C MET A 95 28.94 10.78 -1.73
N SER A 96 28.54 12.04 -1.76
CA SER A 96 29.37 13.13 -1.27
C SER A 96 28.47 14.17 -0.63
N CYS A 97 28.95 14.80 0.44
CA CYS A 97 28.17 15.79 1.19
C CYS A 97 29.05 16.98 1.52
N ASP A 98 28.44 18.17 1.48
CA ASP A 98 29.12 19.43 1.75
C ASP A 98 28.27 20.29 2.68
N PHE A 99 27.77 19.69 3.76
CA PHE A 99 26.92 20.41 4.69
C PHE A 99 27.64 21.61 5.31
N ASN A 100 28.96 21.54 5.40
CA ASN A 100 29.72 22.65 5.97
C ASN A 100 29.55 23.91 5.12
N GLY A 101 29.53 25.06 5.79
CA GLY A 101 29.35 26.34 5.15
C GLY A 101 27.96 26.92 5.24
N GLY A 102 27.02 26.20 5.86
CA GLY A 102 25.67 26.68 6.02
C GLY A 102 24.72 26.34 4.89
N LYS A 103 25.22 25.75 3.80
CA LYS A 103 24.41 25.36 2.66
C LYS A 103 24.44 23.84 2.53
N ILE A 104 23.27 23.24 2.37
CA ILE A 104 23.16 21.80 2.20
C ILE A 104 23.31 21.47 0.72
N SER A 105 24.26 20.58 0.40
CA SER A 105 24.46 20.16 -0.98
C SER A 105 25.16 18.79 -0.96
N VAL A 106 24.38 17.73 -1.18
CA VAL A 106 24.92 16.40 -1.38
C VAL A 106 24.88 16.10 -2.88
N GLN A 107 25.60 15.05 -3.28
CA GLN A 107 25.64 14.69 -4.69
C GLN A 107 26.00 13.21 -4.81
N TYR A 108 25.42 12.56 -5.81
CA TYR A 108 25.65 11.14 -6.07
C TYR A 108 26.38 10.96 -7.39
N ASN A 109 27.34 10.04 -7.39
CA ASN A 109 28.14 9.70 -8.57
C ASN A 109 27.42 8.57 -9.30
N LEU A 110 26.67 8.92 -10.34
CA LEU A 110 25.69 8.01 -10.94
C LEU A 110 26.35 7.18 -12.05
N SER A 111 26.50 5.88 -11.79
CA SER A 111 26.78 4.87 -12.82
C SER A 111 27.95 5.30 -13.72
N HIS A 112 29.01 5.77 -13.10
CA HIS A 112 30.19 6.21 -13.85
C HIS A 112 31.09 5.05 -14.26
N SER A 113 30.82 3.83 -13.78
CA SER A 113 31.53 2.64 -14.26
C SER A 113 30.80 1.99 -15.42
N TYR A 114 30.46 2.81 -16.42
CA TYR A 114 29.68 2.40 -17.60
C TYR A 114 28.56 1.44 -17.22
N ALA A 115 27.82 1.80 -16.17
CA ALA A 115 26.74 0.97 -15.65
C ALA A 115 25.36 1.41 -16.11
N GLY A 116 25.24 2.58 -16.73
CA GLY A 116 23.96 3.07 -17.19
C GLY A 116 23.92 3.40 -18.67
N ASP A 117 25.08 3.71 -19.25
CA ASP A 117 25.15 4.10 -20.66
C ASP A 117 25.49 2.91 -21.56
N ALA A 118 26.65 2.29 -21.33
CA ALA A 118 27.06 1.16 -22.16
C ALA A 118 26.12 -0.02 -21.98
N ALA A 119 25.74 -0.32 -20.74
CA ALA A 119 24.85 -1.43 -20.45
C ALA A 119 24.18 -1.17 -19.11
N ASN A 120 22.87 -1.45 -19.05
CA ASN A 120 22.08 -1.16 -17.84
C ASN A 120 22.04 -2.38 -16.93
N HIS A 121 23.20 -2.67 -16.34
CA HIS A 121 23.27 -3.70 -15.32
C HIS A 121 22.41 -3.33 -14.12
N CYS A 122 22.41 -2.05 -13.75
CA CYS A 122 21.51 -1.50 -12.73
C CYS A 122 21.66 -2.22 -11.39
N GLY A 123 22.89 -2.60 -11.07
CA GLY A 123 23.18 -3.22 -9.78
C GLY A 123 24.23 -2.46 -8.99
N THR A 124 24.56 -1.23 -9.43
CA THR A 124 25.60 -0.44 -8.78
C THR A 124 25.23 1.03 -8.90
N VAL A 125 24.58 1.57 -7.86
CA VAL A 125 24.25 2.99 -7.72
C VAL A 125 23.74 3.56 -9.04
N ALA A 126 22.85 2.83 -9.70
CA ALA A 126 22.28 3.26 -10.98
C ALA A 126 20.77 3.39 -10.93
N ASN A 127 20.06 2.44 -10.31
CA ASN A 127 18.61 2.46 -10.26
C ASN A 127 18.07 2.88 -8.91
N GLY A 128 18.80 2.60 -7.82
CA GLY A 128 18.30 2.96 -6.50
C GLY A 128 18.08 4.44 -6.33
N VAL A 129 19.03 5.26 -6.79
CA VAL A 129 18.88 6.71 -6.70
C VAL A 129 17.69 7.17 -7.53
N LEU A 130 17.61 6.69 -8.77
CA LEU A 130 16.51 7.10 -9.64
C LEU A 130 15.17 6.54 -9.17
N GLN A 131 15.17 5.33 -8.62
CA GLN A 131 13.92 4.74 -8.14
C GLN A 131 13.31 5.59 -7.04
N THR A 132 14.13 6.06 -6.09
CA THR A 132 13.64 6.98 -5.08
C THR A 132 13.21 8.30 -5.70
N PHE A 133 13.98 8.78 -6.70
CA PHE A 133 13.64 10.04 -7.35
C PHE A 133 12.28 9.98 -8.02
N MET A 134 11.86 8.79 -8.47
CA MET A 134 10.53 8.64 -9.04
C MET A 134 9.46 8.93 -7.99
N ARG A 135 9.55 8.27 -6.83
CA ARG A 135 8.53 8.43 -5.81
C ARG A 135 8.60 9.80 -5.15
N MET A 136 9.81 10.35 -5.00
CA MET A 136 9.96 11.63 -4.31
C MET A 136 9.20 12.74 -5.03
N ALA A 137 9.32 12.79 -6.35
CA ALA A 137 8.68 13.82 -7.17
C ALA A 137 7.73 13.14 -8.14
N TRP A 138 6.43 13.23 -7.87
CA TRP A 138 5.43 12.70 -8.78
C TRP A 138 5.55 13.42 -10.12
N GLY A 139 5.24 14.72 -10.12
CA GLY A 139 5.56 15.64 -11.20
C GLY A 139 5.50 15.10 -12.62
N GLY A 140 4.52 14.27 -12.92
CA GLY A 140 4.42 13.65 -14.23
C GLY A 140 5.74 13.04 -14.67
N SER A 141 6.18 11.98 -13.97
CA SER A 141 7.50 11.41 -14.19
C SER A 141 7.48 10.56 -15.46
N TYR A 142 7.36 11.24 -16.59
CA TYR A 142 7.51 10.60 -17.90
C TYR A 142 8.34 11.38 -18.90
N ILE A 143 8.60 12.67 -18.69
CA ILE A 143 9.54 13.44 -19.49
C ILE A 143 10.57 14.09 -18.59
N ALA A 144 10.09 14.69 -17.49
CA ALA A 144 10.95 15.48 -16.62
C ALA A 144 12.10 14.66 -16.02
N LEU A 145 11.97 13.33 -15.99
CA LEU A 145 12.96 12.47 -15.38
C LEU A 145 13.62 11.51 -16.36
N ASP A 146 13.18 11.46 -17.62
CA ASP A 146 13.64 10.47 -18.58
C ASP A 146 13.26 9.07 -18.11
N SER A 147 11.96 8.89 -17.88
CA SER A 147 11.47 7.65 -17.28
C SER A 147 11.71 6.45 -18.19
N GLY A 148 11.40 6.59 -19.47
CA GLY A 148 11.41 5.45 -20.37
C GLY A 148 10.05 4.78 -20.40
N GLY A 149 9.90 3.70 -19.63
CA GLY A 149 8.62 3.03 -19.53
C GLY A 149 8.69 1.75 -18.71
N CYS A 150 8.03 0.71 -19.21
CA CYS A 150 8.04 -0.60 -18.55
C CYS A 150 9.26 -1.44 -18.92
N GLY A 151 10.27 -0.84 -19.55
CA GLY A 151 11.45 -1.57 -19.97
C GLY A 151 12.44 -1.75 -18.84
N ASN A 152 12.18 -2.72 -17.96
CA ASN A 152 13.05 -3.01 -16.82
C ASN A 152 13.21 -1.79 -15.91
N TRP A 153 12.08 -1.43 -15.28
CA TRP A 153 12.07 -0.25 -14.43
C TRP A 153 13.10 -0.35 -13.31
N ASP A 154 13.46 -1.56 -12.89
CA ASP A 154 14.58 -1.72 -11.97
C ASP A 154 15.91 -1.35 -12.60
N CYS A 155 15.96 -1.18 -13.92
CA CYS A 155 17.14 -0.66 -14.62
C CYS A 155 16.68 0.54 -15.44
N ILE A 156 16.68 1.71 -14.82
CA ILE A 156 16.33 2.96 -15.48
C ILE A 156 17.62 3.68 -15.85
N MET A 157 17.85 3.86 -17.14
CA MET A 157 19.06 4.47 -17.64
C MET A 157 18.84 5.95 -17.94
N THR A 158 19.88 6.74 -17.76
CA THR A 158 19.83 8.17 -18.03
C THR A 158 21.22 8.64 -18.46
N SER A 159 21.24 9.75 -19.19
CA SER A 159 22.48 10.33 -19.68
C SER A 159 23.07 11.36 -18.72
N TYR A 160 22.43 11.61 -17.58
CA TYR A 160 22.92 12.60 -16.63
C TYR A 160 23.95 11.95 -15.71
N GLN A 161 25.13 12.57 -15.63
CA GLN A 161 26.26 11.97 -14.92
C GLN A 161 26.13 12.07 -13.40
N TYR A 162 25.55 13.16 -12.90
CA TYR A 162 25.50 13.41 -11.47
C TYR A 162 24.12 13.91 -11.06
N LEU A 163 23.77 13.65 -9.80
CA LEU A 163 22.61 14.24 -9.15
C LEU A 163 23.12 15.25 -8.12
N ILE A 164 22.55 16.45 -8.14
CA ILE A 164 23.04 17.57 -7.34
C ILE A 164 21.91 18.10 -6.47
N ILE A 165 22.24 18.35 -5.19
CA ILE A 165 21.34 19.01 -4.25
C ILE A 165 21.93 20.36 -3.89
N GLN A 166 21.07 21.35 -3.71
CA GLN A 166 21.49 22.71 -3.35
C GLN A 166 20.47 23.26 -2.37
N ASN A 167 20.61 24.56 -2.05
CA ASN A 167 19.75 25.25 -1.11
C ASN A 167 19.15 26.51 -1.74
N THR A 168 18.63 26.36 -2.95
CA THR A 168 18.03 27.49 -3.66
C THR A 168 16.88 28.06 -2.85
N THR A 169 16.62 29.36 -3.06
CA THR A 169 15.70 30.12 -2.23
C THR A 169 14.42 30.50 -2.95
N TRP A 170 14.50 31.24 -4.06
CA TRP A 170 13.30 31.76 -4.70
C TRP A 170 13.60 32.08 -6.16
N GLU A 171 13.00 31.32 -7.08
CA GLU A 171 13.01 31.67 -8.50
C GLU A 171 11.69 31.31 -9.18
N ASP A 172 10.57 31.36 -8.45
CA ASP A 172 9.24 31.11 -9.02
C ASP A 172 9.15 29.71 -9.62
N HIS A 173 9.18 28.73 -8.72
CA HIS A 173 9.26 27.32 -9.12
C HIS A 173 7.89 26.81 -9.60
N CYS A 174 7.81 25.49 -9.75
CA CYS A 174 6.54 24.78 -9.99
C CYS A 174 5.88 25.25 -11.29
N GLN A 175 6.58 24.97 -12.40
CA GLN A 175 6.09 25.31 -13.73
C GLN A 175 5.34 24.15 -14.37
N PHE A 176 6.03 23.01 -14.55
CA PHE A 176 5.41 21.89 -15.26
C PHE A 176 4.28 21.28 -14.46
N SER A 177 4.43 21.17 -13.14
CA SER A 177 3.46 20.48 -12.29
C SER A 177 3.18 21.30 -11.04
N ARG A 178 1.94 21.17 -10.57
CA ARG A 178 1.53 21.80 -9.31
C ARG A 178 2.26 21.12 -8.15
N PRO A 179 2.55 21.86 -7.07
CA PRO A 179 3.12 21.19 -5.90
C PRO A 179 2.21 20.10 -5.35
N SER A 180 2.84 19.00 -4.90
CA SER A 180 2.13 17.82 -4.42
C SER A 180 2.82 17.31 -3.17
N PRO A 181 2.09 17.00 -2.10
CA PRO A 181 2.71 16.32 -0.95
C PRO A 181 2.81 14.82 -1.10
N ILE A 182 2.13 14.23 -2.09
CA ILE A 182 2.07 12.76 -2.15
C ILE A 182 3.45 12.17 -2.42
N GLY A 183 4.28 12.88 -3.20
CA GLY A 183 5.58 12.33 -3.54
C GLY A 183 6.43 12.04 -2.31
N TYR A 184 6.51 12.99 -1.38
CA TYR A 184 7.32 12.79 -0.19
C TYR A 184 6.63 11.87 0.82
N LEU A 185 5.30 11.99 0.96
CA LEU A 185 4.59 11.18 1.94
C LEU A 185 4.76 9.69 1.63
N GLY A 186 4.75 9.33 0.34
CA GLY A 186 4.83 7.92 0.00
C GLY A 186 6.14 7.28 0.44
N LEU A 187 7.26 7.97 0.19
CA LEU A 187 8.54 7.46 0.63
C LEU A 187 8.59 7.37 2.16
N LEU A 188 8.04 8.39 2.83
CA LEU A 188 7.98 8.36 4.29
C LEU A 188 6.98 7.32 4.78
N SER A 189 5.84 7.17 4.08
CA SER A 189 4.86 6.18 4.48
C SER A 189 5.42 4.77 4.37
N GLN A 190 6.15 4.48 3.28
CA GLN A 190 6.81 3.20 3.16
C GLN A 190 7.87 3.03 4.24
N ARG A 191 8.54 4.11 4.62
CA ARG A 191 9.57 4.05 5.64
C ARG A 191 8.95 3.81 7.01
N THR A 192 8.18 4.79 7.50
CA THR A 192 7.63 4.75 8.85
C THR A 192 8.69 4.25 9.83
N ARG A 193 8.59 3.00 10.25
CA ARG A 193 9.70 2.29 10.88
C ARG A 193 9.94 0.91 10.27
N ASP A 194 8.99 0.38 9.50
CA ASP A 194 9.18 -0.87 8.76
C ASP A 194 9.57 -2.01 9.71
N ILE A 195 8.68 -2.28 10.67
CA ILE A 195 8.97 -3.22 11.74
C ILE A 195 7.93 -4.34 11.83
N TYR A 196 6.66 -4.03 12.11
CA TYR A 196 5.64 -5.08 12.22
C TYR A 196 4.49 -4.91 11.23
N ILE A 197 3.83 -3.76 11.22
CA ILE A 197 2.49 -3.57 10.65
C ILE A 197 1.65 -4.85 10.82
N SER A 198 1.68 -5.41 12.02
CA SER A 198 1.01 -6.67 12.33
C SER A 198 -0.38 -6.40 12.89
N ARG A 199 -0.98 -7.43 13.51
CA ARG A 199 -2.25 -7.38 14.21
C ARG A 199 -3.40 -7.74 13.29
N ARG A 200 -4.26 -6.77 12.93
CA ARG A 200 -5.44 -7.06 12.13
C ARG A 200 -5.68 -5.99 11.07
N ARG A 201 -4.61 -5.39 10.56
CA ARG A 201 -4.76 -4.39 9.50
C ARG A 201 -5.32 -5.05 8.24
N ARG A 202 -6.17 -4.30 7.53
CA ARG A 202 -6.81 -4.79 6.31
C ARG A 202 -6.96 -3.66 5.30
N GLY B 1 -1.71 -0.77 9.58
CA GLY B 1 -2.68 -0.33 8.58
C GLY B 1 -4.07 -0.19 9.16
N THR B 2 -4.93 0.53 8.44
CA THR B 2 -6.32 0.73 8.84
C THR B 2 -6.37 1.55 10.13
N PHE B 3 -7.57 1.94 10.57
CA PHE B 3 -7.80 2.61 11.85
C PHE B 3 -7.12 3.98 11.88
N THR B 4 -7.60 4.86 11.02
CA THR B 4 -7.02 6.18 10.87
C THR B 4 -8.09 7.25 11.13
N TRP B 5 -7.72 8.50 10.87
CA TRP B 5 -8.58 9.63 11.22
C TRP B 5 -9.96 9.49 10.58
N THR B 6 -11.00 9.76 11.38
CA THR B 6 -12.36 9.69 10.85
C THR B 6 -12.72 10.96 10.09
N LEU B 7 -12.83 12.08 10.81
CA LEU B 7 -13.07 13.40 10.23
C LEU B 7 -13.13 14.39 11.38
N SER B 8 -12.99 15.68 11.05
CA SER B 8 -13.06 16.73 12.06
C SER B 8 -14.48 17.08 12.46
N ASP B 9 -15.47 16.74 11.64
CA ASP B 9 -16.88 17.09 11.89
C ASP B 9 -17.03 18.60 12.07
N SER B 10 -16.68 19.33 11.01
CA SER B 10 -16.80 20.78 11.04
C SER B 10 -18.25 21.21 10.97
N GLU B 11 -18.50 22.44 11.43
CA GLU B 11 -19.84 23.04 11.43
C GLU B 11 -19.98 24.07 10.31
N GLY B 12 -19.42 23.78 9.14
CA GLY B 12 -19.28 24.76 8.09
C GLY B 12 -20.54 25.48 7.67
N LYS B 13 -21.46 24.80 6.99
CA LYS B 13 -22.62 25.50 6.41
C LYS B 13 -23.75 25.65 7.42
N ASP B 14 -24.38 24.53 7.82
CA ASP B 14 -25.43 24.60 8.82
C ASP B 14 -25.55 23.37 9.71
N THR B 15 -24.68 22.38 9.58
CA THR B 15 -24.87 21.08 10.21
C THR B 15 -23.67 20.70 11.07
N PRO B 16 -23.87 19.83 12.07
CA PRO B 16 -22.72 19.37 12.85
C PRO B 16 -21.82 18.44 12.07
N GLY B 17 -22.39 17.50 11.32
CA GLY B 17 -21.62 16.63 10.47
C GLY B 17 -21.32 17.27 9.11
N GLY B 18 -20.41 16.64 8.40
CA GLY B 18 -20.01 17.15 7.09
C GLY B 18 -18.82 18.07 7.17
N TYR B 19 -17.97 18.00 6.14
CA TYR B 19 -16.76 18.80 6.05
C TYR B 19 -16.60 19.29 4.63
N CYS B 20 -15.96 20.45 4.48
CA CYS B 20 -15.67 21.00 3.16
C CYS B 20 -14.54 22.01 3.30
N LEU B 21 -14.15 22.58 2.16
CA LEU B 21 -12.97 23.43 2.06
C LEU B 21 -13.37 24.82 1.57
N THR B 22 -12.54 25.81 1.92
CA THR B 22 -12.77 27.18 1.51
C THR B 22 -12.22 27.40 0.10
N ARG B 23 -12.36 28.64 -0.39
CA ARG B 23 -11.97 28.94 -1.77
C ARG B 23 -10.46 28.80 -1.95
N TRP B 24 -9.67 29.32 -1.02
CA TRP B 24 -8.23 29.31 -1.19
C TRP B 24 -7.68 27.89 -1.21
N MET B 25 -8.36 26.96 -0.54
CA MET B 25 -7.93 25.56 -0.59
C MET B 25 -8.09 25.00 -2.00
N LEU B 26 -9.12 25.43 -2.70
CA LEU B 26 -9.35 25.02 -4.08
C LEU B 26 -8.67 25.99 -5.04
N ILE B 27 -8.61 25.58 -6.31
CA ILE B 27 -7.98 26.35 -7.36
C ILE B 27 -8.97 26.53 -8.51
N GLU B 28 -9.10 27.75 -9.00
CA GLU B 28 -10.00 28.06 -10.11
C GLU B 28 -11.42 27.58 -9.81
N ALA B 29 -11.86 27.76 -8.57
CA ALA B 29 -13.19 27.35 -8.16
C ALA B 29 -13.58 28.15 -6.92
N GLU B 30 -14.89 28.18 -6.66
CA GLU B 30 -15.41 28.89 -5.50
C GLU B 30 -15.43 27.95 -4.31
N LEU B 31 -16.09 28.37 -3.23
CA LEU B 31 -16.28 27.48 -2.09
C LEU B 31 -17.31 26.41 -2.43
N LYS B 32 -16.95 25.15 -2.24
CA LYS B 32 -17.83 24.03 -2.51
C LYS B 32 -17.92 23.15 -1.26
N CYS B 33 -19.12 22.70 -0.94
CA CYS B 33 -19.34 21.85 0.22
C CYS B 33 -20.30 20.73 -0.14
N PHE B 34 -19.95 19.51 0.27
CA PHE B 34 -20.76 18.33 0.03
C PHE B 34 -21.64 18.03 1.24
N GLY B 35 -22.62 17.15 1.02
CA GLY B 35 -23.49 16.76 2.11
C GLY B 35 -22.82 15.81 3.08
N ASN B 36 -23.39 15.74 4.29
CA ASN B 36 -22.85 14.85 5.31
C ASN B 36 -22.95 13.40 4.87
N THR B 37 -24.05 13.05 4.18
CA THR B 37 -24.19 11.68 3.67
C THR B 37 -23.11 11.37 2.65
N ALA B 38 -22.78 12.33 1.79
CA ALA B 38 -21.79 12.08 0.74
C ALA B 38 -20.43 11.77 1.34
N VAL B 39 -20.00 12.55 2.34
CA VAL B 39 -18.71 12.32 2.97
C VAL B 39 -18.75 11.17 3.97
N ALA B 40 -19.94 10.70 4.35
CA ALA B 40 -20.03 9.55 5.26
C ALA B 40 -19.34 8.33 4.68
N LYS B 41 -19.30 8.21 3.35
CA LYS B 41 -18.59 7.09 2.73
C LYS B 41 -17.09 7.16 3.02
N CYS B 42 -16.56 8.36 3.28
CA CYS B 42 -15.16 8.49 3.63
C CYS B 42 -14.90 8.24 5.11
N ASN B 43 -15.90 8.49 5.97
CA ASN B 43 -15.74 8.23 7.39
C ASN B 43 -15.43 6.76 7.64
N GLU B 44 -16.18 5.87 6.98
CA GLU B 44 -15.82 4.47 6.92
C GLU B 44 -14.82 4.28 5.80
N LYS B 45 -13.66 3.70 6.13
CA LYS B 45 -12.52 3.77 5.22
C LYS B 45 -12.73 2.95 3.96
N HIS B 46 -12.08 3.40 2.89
CA HIS B 46 -12.06 2.70 1.61
C HIS B 46 -10.81 3.15 0.87
N ASP B 47 -10.63 2.62 -0.35
CA ASP B 47 -9.44 2.90 -1.16
C ASP B 47 -9.68 4.03 -2.16
N GLU B 48 -10.51 5.00 -1.81
CA GLU B 48 -10.77 6.15 -2.68
C GLU B 48 -9.76 7.25 -2.37
N GLU B 49 -9.16 7.79 -3.43
CA GLU B 49 -8.11 8.79 -3.25
C GLU B 49 -8.65 10.07 -2.60
N PHE B 50 -9.87 10.47 -2.99
CA PHE B 50 -10.41 11.73 -2.48
C PHE B 50 -10.56 11.71 -0.97
N CYS B 51 -10.96 10.56 -0.41
CA CYS B 51 -11.14 10.49 1.04
C CYS B 51 -9.85 10.77 1.77
N ASP B 52 -8.73 10.23 1.28
CA ASP B 52 -7.44 10.49 1.92
C ASP B 52 -7.06 11.96 1.83
N MET B 53 -7.32 12.58 0.67
CA MET B 53 -6.98 14.00 0.51
C MET B 53 -7.78 14.85 1.49
N LEU B 54 -9.05 14.53 1.71
CA LEU B 54 -9.81 15.21 2.74
C LEU B 54 -9.16 15.03 4.10
N ARG B 55 -8.63 13.84 4.37
CA ARG B 55 -7.86 13.64 5.59
C ARG B 55 -6.60 14.50 5.58
N LEU B 56 -5.91 14.56 4.44
CA LEU B 56 -4.73 15.40 4.35
C LEU B 56 -5.06 16.86 4.59
N PHE B 57 -6.16 17.34 3.99
CA PHE B 57 -6.58 18.72 4.23
C PHE B 57 -7.12 18.90 5.64
N ASP B 58 -7.74 17.86 6.20
CA ASP B 58 -8.27 17.95 7.55
C ASP B 58 -7.16 18.20 8.56
N PHE B 59 -6.02 17.50 8.41
CA PHE B 59 -4.92 17.67 9.35
C PHE B 59 -4.39 19.10 9.33
N ASN B 60 -4.27 19.69 8.14
CA ASN B 60 -3.80 21.06 8.04
C ASN B 60 -4.74 22.02 8.75
N LYS B 61 -6.05 21.77 8.66
CA LYS B 61 -7.00 22.63 9.35
C LYS B 61 -6.81 22.55 10.86
N GLN B 62 -6.59 21.35 11.39
CA GLN B 62 -6.40 21.18 12.83
C GLN B 62 -5.03 21.66 13.29
N ALA B 63 -3.99 21.46 12.49
CA ALA B 63 -2.63 21.74 12.92
C ALA B 63 -2.22 23.18 12.69
N ILE B 64 -3.08 24.02 12.11
CA ILE B 64 -2.75 25.42 11.85
C ILE B 64 -3.83 26.33 12.42
N GLN B 65 -5.09 26.04 12.09
CA GLN B 65 -6.16 26.96 12.46
C GLN B 65 -6.28 27.10 13.98
N ARG B 66 -6.20 25.99 14.71
CA ARG B 66 -6.29 25.99 16.17
C ARG B 66 -5.02 25.40 16.79
N CYS B 67 -3.87 25.78 16.24
CA CYS B 67 -2.57 25.34 16.76
C CYS B 67 -1.66 26.55 16.86
N LYS B 68 -0.78 26.53 17.85
CA LYS B 68 0.22 27.57 17.97
C LYS B 68 1.21 27.47 16.79
N ALA B 69 2.16 28.40 16.74
CA ALA B 69 3.01 28.60 15.57
C ALA B 69 4.47 28.25 15.90
N PRO B 70 4.80 26.95 15.96
CA PRO B 70 6.22 26.57 15.88
C PRO B 70 6.66 26.51 14.43
N ALA B 71 7.05 27.67 13.89
CA ALA B 71 7.17 27.87 12.45
C ALA B 71 8.50 27.41 11.89
N GLN B 72 9.15 26.42 12.51
CA GLN B 72 10.35 25.83 11.94
C GLN B 72 9.98 24.71 10.97
N MET B 73 9.06 25.00 10.04
CA MET B 73 8.67 24.13 8.93
C MET B 73 7.83 22.92 9.40
N SER B 74 7.70 22.73 10.72
CA SER B 74 6.79 21.75 11.31
C SER B 74 6.74 20.40 10.58
N ILE B 75 7.89 19.92 10.12
CA ILE B 75 7.93 18.62 9.45
C ILE B 75 7.84 17.47 10.43
N GLN B 76 7.91 17.72 11.72
CA GLN B 76 8.10 16.64 12.69
C GLN B 76 6.83 15.83 12.87
N LEU B 77 5.67 16.48 12.92
CA LEU B 77 4.45 15.78 13.30
C LEU B 77 3.90 14.90 12.18
N ILE B 78 4.26 15.16 10.93
CA ILE B 78 3.67 14.40 9.82
C ILE B 78 4.15 12.95 9.85
N ASN B 79 5.41 12.72 10.25
CA ASN B 79 5.94 11.36 10.24
C ASN B 79 5.18 10.46 11.20
N LYS B 80 4.65 11.02 12.29
CA LYS B 80 3.86 10.22 13.21
C LYS B 80 2.61 9.67 12.55
N ALA B 81 1.94 10.49 11.73
CA ALA B 81 0.68 10.12 11.11
C ALA B 81 0.83 9.87 9.61
N VAL B 82 2.05 9.58 9.14
CA VAL B 82 2.26 9.38 7.70
C VAL B 82 1.45 8.17 7.22
N ASN B 83 1.45 7.08 7.98
CA ASN B 83 0.65 5.93 7.64
C ASN B 83 -0.83 6.12 7.93
N ALA B 84 -1.20 7.21 8.60
CA ALA B 84 -2.58 7.43 9.00
C ALA B 84 -3.37 8.20 7.94
N LEU B 85 -2.82 9.31 7.46
CA LEU B 85 -3.57 10.19 6.56
C LEU B 85 -3.73 9.58 5.19
N ILE B 86 -2.62 9.34 4.50
CA ILE B 86 -2.64 8.84 3.13
C ILE B 86 -2.56 7.32 3.14
N ASN B 87 -3.42 6.67 2.36
CA ASN B 87 -3.38 5.22 2.23
C ASN B 87 -2.05 4.81 1.61
N ASP B 88 -1.28 4.01 2.35
CA ASP B 88 0.07 3.66 1.90
C ASP B 88 0.02 2.87 0.61
N GLN B 89 -0.91 1.92 0.49
CA GLN B 89 -0.96 1.05 -0.68
C GLN B 89 -1.55 1.77 -1.89
N LEU B 90 -2.54 2.63 -1.68
CA LEU B 90 -3.23 3.26 -2.81
C LEU B 90 -2.27 4.13 -3.62
N ILE B 91 -1.43 4.91 -2.94
CA ILE B 91 -0.44 5.73 -3.64
C ILE B 91 0.53 4.86 -4.42
N MET B 92 0.94 3.73 -3.85
CA MET B 92 1.83 2.83 -4.57
C MET B 92 1.14 2.29 -5.82
N LYS B 93 -0.16 2.00 -5.72
CA LYS B 93 -0.91 1.56 -6.89
C LYS B 93 -0.88 2.60 -7.99
N ASN B 94 -1.00 3.88 -7.63
CA ASN B 94 -0.90 4.94 -8.62
C ASN B 94 0.49 5.00 -9.24
N HIS B 95 1.53 4.70 -8.46
CA HIS B 95 2.88 4.70 -9.00
C HIS B 95 3.03 3.67 -10.10
N LEU B 96 2.41 2.50 -9.95
CA LEU B 96 2.47 1.48 -10.99
C LEU B 96 1.86 1.99 -12.28
N ARG B 97 0.70 2.64 -12.19
CA ARG B 97 0.06 3.18 -13.38
C ARG B 97 0.92 4.22 -14.07
N ASP B 98 1.77 4.91 -13.32
CA ASP B 98 2.57 5.98 -13.90
C ASP B 98 3.52 5.46 -14.96
N ILE B 99 4.18 4.32 -14.70
CA ILE B 99 5.16 3.79 -15.64
C ILE B 99 4.52 2.88 -16.69
N MET B 100 3.29 2.41 -16.48
CA MET B 100 2.59 1.63 -17.49
C MET B 100 2.04 2.49 -18.62
N GLY B 101 1.95 3.81 -18.42
CA GLY B 101 1.21 4.65 -19.33
C GLY B 101 -0.28 4.66 -19.10
N ILE B 102 -0.76 3.92 -18.11
CA ILE B 102 -2.19 3.93 -17.79
C ILE B 102 -2.58 5.32 -17.29
N PRO B 103 -3.77 5.83 -17.59
CA PRO B 103 -4.22 7.04 -16.91
C PRO B 103 -4.24 6.83 -15.41
N TYR B 104 -3.45 7.63 -14.70
CA TYR B 104 -3.18 7.41 -13.28
C TYR B 104 -3.66 8.61 -12.47
N CYS B 105 -3.85 8.38 -11.17
CA CYS B 105 -4.36 9.41 -10.26
C CYS B 105 -3.18 10.18 -9.70
N ASN B 106 -3.07 11.46 -10.05
CA ASN B 106 -2.00 12.32 -9.58
C ASN B 106 -2.49 13.37 -8.58
N TYR B 107 -3.63 13.11 -7.92
CA TYR B 107 -4.13 13.94 -6.84
C TYR B 107 -4.36 15.38 -7.34
N SER B 108 -5.32 15.48 -8.25
CA SER B 108 -5.60 16.70 -9.00
C SER B 108 -7.10 16.72 -9.26
N LYS B 109 -7.53 17.47 -10.28
CA LYS B 109 -8.93 17.64 -10.64
C LYS B 109 -9.75 16.38 -10.43
N TYR B 110 -10.90 16.52 -9.76
CA TYR B 110 -11.78 15.41 -9.44
C TYR B 110 -13.13 15.61 -10.12
N TRP B 111 -13.74 14.50 -10.51
CA TRP B 111 -15.04 14.51 -11.16
C TRP B 111 -16.09 13.93 -10.22
N TYR B 112 -17.25 14.58 -10.16
CA TYR B 112 -18.32 14.17 -9.28
C TYR B 112 -19.66 14.54 -9.90
N LEU B 113 -20.69 13.79 -9.55
CA LEU B 113 -22.03 14.03 -10.06
C LEU B 113 -22.80 14.93 -9.10
N ASN B 114 -23.40 15.99 -9.63
CA ASN B 114 -24.17 16.95 -8.85
C ASN B 114 -25.62 16.92 -9.31
N HIS B 115 -26.59 16.82 -8.40
CA HIS B 115 -28.02 16.69 -8.82
C HIS B 115 -28.76 18.00 -8.60
N THR B 116 -28.75 18.85 -9.61
CA THR B 116 -29.42 20.16 -9.53
C THR B 116 -30.84 19.86 -9.11
N THR B 117 -31.36 20.53 -8.08
CA THR B 117 -32.75 20.40 -7.56
C THR B 117 -32.69 19.76 -6.19
N THR B 118 -31.55 19.20 -5.82
CA THR B 118 -31.39 18.55 -4.50
C THR B 118 -30.08 18.97 -3.87
N GLY B 119 -28.94 18.61 -4.45
CA GLY B 119 -27.63 18.87 -3.83
C GLY B 119 -27.02 17.56 -3.38
N ARG B 120 -27.40 16.49 -4.05
CA ARG B 120 -26.89 15.15 -3.72
C ARG B 120 -25.62 14.97 -4.51
N THR B 121 -24.53 15.51 -4.03
CA THR B 121 -23.23 15.40 -4.70
C THR B 121 -22.63 14.04 -4.44
N SER B 122 -22.61 13.18 -5.43
CA SER B 122 -21.86 11.95 -5.22
C SER B 122 -20.49 12.27 -4.66
N LEU B 123 -19.86 11.26 -4.09
CA LEU B 123 -18.50 11.43 -3.59
C LEU B 123 -17.53 11.51 -4.77
N PRO B 124 -16.72 12.56 -4.88
CA PRO B 124 -15.83 12.67 -6.05
C PRO B 124 -14.81 11.54 -6.10
N LYS B 125 -14.70 10.91 -7.26
CA LYS B 125 -13.62 9.98 -7.56
C LYS B 125 -12.47 10.75 -8.21
N CYS B 126 -11.42 10.04 -8.59
CA CYS B 126 -10.23 10.67 -9.15
C CYS B 126 -10.30 10.72 -10.67
N TRP B 127 -10.09 11.90 -11.22
CA TRP B 127 -9.97 12.08 -12.66
C TRP B 127 -8.58 11.66 -13.07
N LEU B 128 -8.45 10.42 -13.54
CA LEU B 128 -7.15 9.89 -13.91
C LEU B 128 -6.55 10.67 -15.06
N VAL B 129 -5.24 10.87 -15.02
CA VAL B 129 -4.51 11.67 -16.00
C VAL B 129 -3.51 10.78 -16.72
N SER B 130 -3.45 10.92 -18.05
CA SER B 130 -2.49 10.23 -18.89
C SER B 130 -1.36 11.18 -19.24
N ASN B 131 -0.47 10.74 -20.13
CA ASN B 131 0.66 11.59 -20.51
C ASN B 131 0.18 12.87 -21.18
N GLY B 132 -0.79 12.76 -22.08
CA GLY B 132 -1.33 13.90 -22.78
C GLY B 132 -2.49 14.54 -22.04
N SER B 133 -2.19 15.27 -20.97
CA SER B 133 -3.21 15.98 -20.20
C SER B 133 -4.19 14.99 -19.59
N TYR B 134 -5.28 15.50 -19.01
CA TYR B 134 -6.30 14.63 -18.44
C TYR B 134 -7.06 13.90 -19.55
N LEU B 135 -7.88 12.94 -19.14
CA LEU B 135 -8.79 12.30 -20.07
C LEU B 135 -9.81 13.33 -20.57
N ASN B 136 -10.33 13.10 -21.77
CA ASN B 136 -11.20 14.07 -22.43
C ASN B 136 -12.66 13.96 -21.99
N GLU B 137 -12.93 13.36 -20.84
CA GLU B 137 -14.23 13.25 -20.21
C GLU B 137 -15.11 12.20 -20.88
N THR B 138 -14.68 11.61 -22.00
CA THR B 138 -15.45 10.57 -22.69
C THR B 138 -14.80 9.20 -22.60
N HIS B 139 -13.52 9.12 -22.23
CA HIS B 139 -12.84 7.84 -22.12
C HIS B 139 -13.40 6.98 -20.99
N PHE B 140 -14.13 7.58 -20.06
CA PHE B 140 -14.71 6.87 -18.92
C PHE B 140 -16.16 7.27 -18.71
N SER B 141 -16.92 7.37 -19.81
CA SER B 141 -18.33 7.73 -19.71
C SER B 141 -19.11 6.67 -18.93
N ASP B 142 -18.80 5.39 -19.18
CA ASP B 142 -19.50 4.32 -18.47
C ASP B 142 -19.26 4.42 -16.97
N ASP B 143 -18.06 4.81 -16.56
CA ASP B 143 -17.78 4.96 -15.14
C ASP B 143 -18.67 6.01 -14.50
N ILE B 144 -18.87 7.14 -15.18
CA ILE B 144 -19.75 8.18 -14.65
C ILE B 144 -21.18 7.65 -14.58
N GLU B 145 -21.63 6.95 -15.62
CA GLU B 145 -22.99 6.44 -15.64
C GLU B 145 -23.25 5.46 -14.50
N GLN B 146 -22.22 4.72 -14.08
CA GLN B 146 -22.38 3.82 -12.94
C GLN B 146 -22.76 4.60 -11.68
N GLN B 147 -22.08 5.71 -11.43
CA GLN B 147 -22.43 6.54 -10.29
C GLN B 147 -23.83 7.13 -10.46
N ALA B 148 -24.16 7.58 -11.67
CA ALA B 148 -25.48 8.16 -11.90
C ALA B 148 -26.58 7.15 -11.63
N ASP B 149 -26.42 5.92 -12.11
CA ASP B 149 -27.38 4.87 -11.79
C ASP B 149 -27.31 4.50 -10.32
N ASN B 150 -26.11 4.55 -9.72
CA ASN B 150 -25.98 4.23 -8.29
C ASN B 150 -26.72 5.24 -7.43
N MET B 151 -26.84 6.49 -7.89
CA MET B 151 -27.64 7.46 -7.15
C MET B 151 -29.10 7.03 -7.10
N ILE B 152 -29.62 6.47 -8.20
CA ILE B 152 -30.98 5.97 -8.19
C ILE B 152 -31.10 4.81 -7.20
N THR B 153 -30.04 4.00 -7.08
CA THR B 153 -30.03 2.98 -6.04
C THR B 153 -30.07 3.62 -4.65
N GLU B 154 -29.33 4.70 -4.45
CA GLU B 154 -29.38 5.41 -3.17
C GLU B 154 -30.69 6.18 -3.00
N MET B 155 -31.38 6.49 -4.10
CA MET B 155 -32.69 7.12 -4.00
C MET B 155 -33.66 6.22 -3.25
N LEU B 156 -33.61 4.90 -3.53
CA LEU B 156 -34.52 3.97 -2.88
C LEU B 156 -34.35 4.01 -1.36
N GLN B 157 -33.10 4.07 -0.88
CA GLN B 157 -32.88 4.21 0.55
C GLN B 157 -33.45 5.52 1.07
N LYS B 158 -33.24 6.61 0.33
CA LYS B 158 -33.77 7.90 0.75
C LYS B 158 -35.30 7.89 0.79
N GLU B 159 -35.93 7.29 -0.21
CA GLU B 159 -37.39 7.23 -0.29
C GLU B 159 -37.87 5.79 -0.20
N THR C 1 -19.91 -31.51 -4.43
CA THR C 1 -20.82 -30.48 -3.93
C THR C 1 -22.16 -31.09 -3.52
N SER C 2 -22.91 -30.38 -2.69
CA SER C 2 -24.19 -30.86 -2.19
C SER C 2 -25.20 -29.73 -2.18
N LEU C 3 -26.47 -30.09 -2.25
CA LEU C 3 -27.54 -29.09 -2.28
C LEU C 3 -27.75 -28.52 -0.87
N TYR C 4 -27.70 -27.19 -0.77
CA TYR C 4 -27.88 -26.48 0.49
C TYR C 4 -29.03 -25.49 0.32
N LYS C 5 -30.01 -25.55 1.23
CA LYS C 5 -31.18 -24.68 1.27
C LYS C 5 -32.14 -24.92 0.11
N GLY C 6 -31.85 -25.85 -0.80
CA GLY C 6 -32.73 -26.12 -1.91
C GLY C 6 -32.69 -25.07 -3.00
N VAL C 7 -32.93 -23.81 -2.63
CA VAL C 7 -33.00 -22.75 -3.62
C VAL C 7 -31.65 -22.54 -4.30
N TYR C 8 -30.56 -22.68 -3.55
CA TYR C 8 -29.22 -22.40 -4.06
C TYR C 8 -28.44 -23.70 -4.22
N GLU C 9 -27.62 -23.73 -5.27
CA GLU C 9 -26.79 -24.90 -5.60
C GLU C 9 -25.32 -24.54 -5.41
N LEU C 10 -24.59 -25.45 -4.78
CA LEU C 10 -23.17 -25.22 -4.52
C LEU C 10 -22.33 -25.53 -5.76
N GLN C 11 -21.34 -24.69 -6.01
CA GLN C 11 -20.44 -24.86 -7.14
C GLN C 11 -19.01 -24.58 -6.68
N THR C 12 -18.06 -25.14 -7.43
CA THR C 12 -16.63 -25.00 -7.12
C THR C 12 -15.87 -24.66 -8.39
N LEU C 13 -14.72 -24.01 -8.21
CA LEU C 13 -13.83 -23.66 -9.31
C LEU C 13 -12.39 -23.92 -8.89
N GLU C 14 -11.53 -24.05 -9.89
CA GLU C 14 -10.09 -24.26 -9.66
C GLU C 14 -9.32 -23.38 -10.62
N LEU C 15 -8.51 -22.48 -10.08
CA LEU C 15 -7.72 -21.57 -10.89
C LEU C 15 -6.42 -22.23 -11.31
N ASN C 16 -6.14 -22.21 -12.61
CA ASN C 16 -4.89 -22.75 -13.15
C ASN C 16 -3.82 -21.68 -13.03
N MET C 17 -3.08 -21.70 -11.93
CA MET C 17 -2.00 -20.74 -11.71
C MET C 17 -0.76 -21.14 -12.52
N GLU C 18 -0.93 -21.18 -13.84
CA GLU C 18 0.13 -21.51 -14.77
C GLU C 18 0.34 -20.44 -15.84
N THR C 19 -0.57 -19.47 -15.97
CA THR C 19 -0.34 -18.33 -16.84
C THR C 19 0.49 -17.24 -16.18
N LEU C 20 0.79 -17.38 -14.88
CA LEU C 20 1.64 -16.43 -14.17
C LEU C 20 3.11 -16.83 -14.34
N ASN C 21 3.56 -16.78 -15.59
CA ASN C 21 4.87 -17.28 -15.98
C ASN C 21 5.87 -16.16 -16.22
N MET C 22 5.55 -15.22 -17.13
CA MET C 22 6.48 -14.18 -17.54
C MET C 22 6.29 -12.88 -16.78
N THR C 23 5.76 -12.94 -15.57
CA THR C 23 5.61 -11.72 -14.77
C THR C 23 6.11 -11.92 -13.33
N MET C 24 6.08 -13.15 -12.83
CA MET C 24 6.60 -13.43 -11.50
C MET C 24 6.91 -14.92 -11.42
N PRO C 25 7.71 -15.35 -10.43
CA PRO C 25 8.04 -16.77 -10.31
C PRO C 25 6.87 -17.57 -9.78
N LEU C 26 7.03 -18.90 -9.86
CA LEU C 26 6.05 -19.85 -9.35
C LEU C 26 6.78 -20.99 -8.64
N SER C 27 6.27 -21.39 -7.48
CA SER C 27 6.93 -22.37 -6.63
C SER C 27 6.06 -23.60 -6.44
N CYS C 28 6.70 -24.71 -6.11
CA CYS C 28 6.02 -25.99 -5.93
C CYS C 28 6.88 -26.88 -5.03
N THR C 29 6.55 -28.16 -4.98
CA THR C 29 7.37 -29.16 -4.30
C THR C 29 7.13 -30.51 -4.96
N LYS C 30 8.21 -31.25 -5.23
CA LYS C 30 8.06 -32.57 -5.85
C LYS C 30 7.76 -33.63 -4.80
N ASN C 31 8.73 -33.91 -3.92
CA ASN C 31 8.49 -34.84 -2.81
C ASN C 31 9.56 -34.63 -1.74
N ASN C 32 9.17 -33.98 -0.64
CA ASN C 32 9.85 -33.98 0.66
C ASN C 32 11.28 -33.46 0.67
N SER C 33 11.86 -33.13 -0.48
CA SER C 33 13.15 -32.46 -0.47
C SER C 33 13.33 -31.46 -1.61
N HIS C 34 12.32 -31.23 -2.44
CA HIS C 34 12.48 -30.47 -3.67
C HIS C 34 11.51 -29.30 -3.70
N HIS C 35 11.98 -28.17 -4.21
CA HIS C 35 11.14 -26.99 -4.39
C HIS C 35 11.68 -26.25 -5.61
N TYR C 36 10.88 -26.18 -6.68
CA TYR C 36 11.30 -25.58 -7.93
C TYR C 36 10.58 -24.26 -8.12
N ILE C 37 11.35 -23.19 -8.27
CA ILE C 37 10.80 -21.85 -8.50
C ILE C 37 10.70 -21.68 -10.02
N MET C 38 9.57 -22.11 -10.57
CA MET C 38 9.37 -22.03 -12.02
C MET C 38 9.34 -20.57 -12.46
N VAL C 39 10.14 -20.26 -13.48
CA VAL C 39 10.17 -18.93 -14.08
C VAL C 39 10.18 -19.10 -15.59
N GLY C 40 9.27 -18.43 -16.27
CA GLY C 40 9.18 -18.55 -17.72
C GLY C 40 8.90 -19.99 -18.12
N ASN C 41 9.44 -20.38 -19.27
CA ASN C 41 9.37 -21.77 -19.71
C ASN C 41 10.68 -22.24 -20.34
N GLU C 42 11.78 -21.51 -20.13
CA GLU C 42 13.10 -21.90 -20.61
C GLU C 42 14.10 -22.17 -19.50
N THR C 43 13.88 -21.63 -18.30
CA THR C 43 14.82 -21.76 -17.19
C THR C 43 14.05 -22.13 -15.93
N GLY C 44 14.78 -22.23 -14.82
CA GLY C 44 14.17 -22.57 -13.55
C GLY C 44 15.21 -22.74 -12.48
N LEU C 45 14.73 -23.11 -11.29
CA LEU C 45 15.58 -23.30 -10.13
C LEU C 45 15.18 -24.57 -9.41
N GLU C 46 16.12 -25.12 -8.63
CA GLU C 46 15.89 -26.32 -7.85
C GLU C 46 16.46 -26.12 -6.45
N LEU C 47 15.88 -26.83 -5.49
CA LEU C 47 16.29 -26.76 -4.08
C LEU C 47 16.38 -28.19 -3.54
N THR C 48 17.57 -28.77 -3.64
CA THR C 48 17.81 -30.12 -3.16
C THR C 48 18.23 -30.06 -1.69
N LEU C 49 17.52 -30.82 -0.85
CA LEU C 49 17.82 -30.93 0.58
C LEU C 49 18.29 -32.36 0.83
N THR C 50 19.60 -32.56 0.78
CA THR C 50 20.20 -33.87 0.93
C THR C 50 21.40 -33.79 1.87
N ASN C 51 21.71 -34.93 2.50
CA ASN C 51 22.83 -35.00 3.43
C ASN C 51 24.19 -34.83 2.76
N THR C 52 24.25 -34.88 1.43
CA THR C 52 25.50 -34.75 0.69
C THR C 52 25.70 -33.32 0.22
N SER C 53 26.92 -32.83 0.34
CA SER C 53 27.28 -31.49 -0.09
C SER C 53 27.83 -31.52 -1.51
N ILE C 54 27.86 -30.34 -2.13
CA ILE C 54 28.33 -30.21 -3.51
C ILE C 54 29.48 -29.21 -3.59
N ILE C 55 29.53 -28.28 -2.64
CA ILE C 55 30.56 -27.26 -2.64
C ILE C 55 31.82 -27.80 -1.99
N ASN C 56 32.98 -27.44 -2.55
CA ASN C 56 34.27 -27.88 -2.05
C ASN C 56 35.14 -26.75 -1.50
N HIS C 57 34.69 -25.50 -1.61
CA HIS C 57 35.44 -24.35 -1.13
C HIS C 57 34.54 -23.44 -0.32
N LYS C 58 35.12 -22.83 0.71
CA LYS C 58 34.38 -21.92 1.59
C LYS C 58 34.49 -20.47 1.11
N PHE C 59 34.09 -20.28 -0.15
CA PHE C 59 34.11 -18.96 -0.77
C PHE C 59 32.87 -18.79 -1.62
N CYS C 60 32.28 -17.60 -1.55
CA CYS C 60 31.10 -17.25 -2.33
C CYS C 60 31.34 -15.89 -2.97
N ASN C 61 31.43 -15.85 -4.30
CA ASN C 61 31.69 -14.62 -5.03
C ASN C 61 30.36 -14.06 -5.53
N LEU C 62 29.66 -13.37 -4.62
CA LEU C 62 28.40 -12.75 -4.97
C LEU C 62 28.60 -11.67 -6.04
N SER C 63 29.70 -10.92 -5.94
CA SER C 63 29.99 -9.90 -6.94
C SER C 63 30.18 -10.52 -8.32
N ASP C 64 30.85 -11.66 -8.39
CA ASP C 64 31.06 -12.32 -9.69
C ASP C 64 29.74 -12.68 -10.35
N ALA C 65 28.70 -12.94 -9.56
CA ALA C 65 27.38 -13.20 -10.14
C ALA C 65 26.89 -12.03 -10.97
N HIS C 66 27.25 -10.81 -10.57
CA HIS C 66 26.84 -9.60 -11.26
C HIS C 66 27.97 -8.89 -12.00
N LYS C 67 29.22 -9.18 -11.66
CA LYS C 67 30.38 -8.49 -12.21
C LYS C 67 31.06 -9.28 -13.34
N LYS C 68 30.46 -10.37 -13.81
CA LYS C 68 31.08 -11.23 -14.82
C LYS C 68 30.19 -11.53 -16.01
N ASN C 69 28.93 -11.06 -16.01
CA ASN C 69 28.00 -11.31 -17.12
C ASN C 69 27.82 -12.82 -17.34
N LEU C 70 27.37 -13.48 -16.29
CA LEU C 70 27.18 -14.92 -16.29
C LEU C 70 25.77 -15.24 -16.79
N TYR C 71 25.30 -16.47 -16.54
CA TYR C 71 23.95 -16.90 -16.91
C TYR C 71 22.93 -15.80 -16.62
N ASP C 72 21.95 -15.69 -17.52
CA ASP C 72 21.06 -14.53 -17.55
C ASP C 72 20.55 -14.17 -16.17
N HIS C 73 20.40 -12.87 -15.94
CA HIS C 73 19.99 -12.35 -14.63
C HIS C 73 18.51 -12.57 -14.34
N ALA C 74 17.74 -13.10 -15.31
CA ALA C 74 16.37 -13.49 -15.01
C ALA C 74 16.33 -14.46 -13.84
N LEU C 75 17.33 -15.35 -13.76
CA LEU C 75 17.50 -16.15 -12.56
C LEU C 75 17.85 -15.27 -11.36
N MET C 76 18.69 -14.25 -11.59
CA MET C 76 18.97 -13.28 -10.55
C MET C 76 17.72 -12.46 -10.24
N SER C 77 17.77 -11.74 -9.12
CA SER C 77 16.67 -11.04 -8.48
C SER C 77 15.77 -12.00 -7.72
N ILE C 78 15.98 -13.31 -7.83
CA ILE C 78 15.32 -14.30 -6.99
C ILE C 78 16.29 -14.88 -5.97
N ILE C 79 17.54 -15.12 -6.40
CA ILE C 79 18.56 -15.57 -5.46
C ILE C 79 18.81 -14.52 -4.39
N SER C 80 18.84 -13.25 -4.79
CA SER C 80 19.09 -12.17 -3.83
C SER C 80 18.02 -12.13 -2.75
N THR C 81 16.74 -12.26 -3.15
CA THR C 81 15.67 -12.15 -2.18
C THR C 81 15.72 -13.26 -1.13
N PHE C 82 16.28 -14.42 -1.50
CA PHE C 82 16.32 -15.55 -0.56
C PHE C 82 17.14 -15.20 0.68
N HIS C 83 18.44 -14.95 0.51
CA HIS C 83 19.31 -14.75 1.66
C HIS C 83 19.04 -13.43 2.36
N LEU C 84 18.38 -12.48 1.71
CA LEU C 84 18.05 -11.22 2.38
C LEU C 84 16.90 -11.41 3.38
N SER C 85 16.03 -12.37 3.15
CA SER C 85 14.85 -12.57 3.98
C SER C 85 15.14 -13.35 5.25
N ILE C 86 16.36 -13.84 5.44
CA ILE C 86 16.69 -14.65 6.61
C ILE C 86 16.75 -13.74 7.83
N PRO C 87 15.94 -13.96 8.87
CA PRO C 87 16.04 -13.12 10.07
C PRO C 87 17.15 -13.58 11.00
N ASN C 88 17.76 -12.60 11.68
CA ASN C 88 18.84 -12.86 12.63
C ASN C 88 19.98 -13.63 11.96
N PHE C 89 20.26 -13.29 10.71
CA PHE C 89 21.27 -13.99 9.92
C PHE C 89 22.62 -13.34 10.17
N ASN C 90 23.54 -14.10 10.78
CA ASN C 90 24.90 -13.64 11.00
C ASN C 90 25.94 -14.71 10.72
N GLN C 91 25.53 -15.86 10.17
CA GLN C 91 26.43 -16.99 9.91
C GLN C 91 26.66 -17.06 8.40
N TYR C 92 27.84 -16.61 7.96
CA TYR C 92 28.20 -16.60 6.55
C TYR C 92 29.21 -17.67 6.18
N GLU C 93 29.94 -18.22 7.16
CA GLU C 93 30.87 -19.31 6.86
C GLU C 93 30.13 -20.53 6.33
N ALA C 94 28.96 -20.82 6.90
CA ALA C 94 28.15 -21.93 6.41
C ALA C 94 27.75 -21.73 4.95
N MET C 95 27.39 -20.50 4.58
CA MET C 95 26.98 -20.22 3.21
C MET C 95 28.18 -20.34 2.27
N SER C 96 27.89 -20.74 1.04
CA SER C 96 28.90 -20.84 0.00
C SER C 96 28.21 -20.79 -1.35
N CYS C 97 29.00 -20.47 -2.39
CA CYS C 97 28.48 -20.32 -3.73
C CYS C 97 29.49 -20.87 -4.74
N ASP C 98 28.99 -21.18 -5.93
CA ASP C 98 29.81 -21.65 -7.06
C ASP C 98 29.41 -20.92 -8.33
N PHE C 99 29.31 -19.59 -8.24
CA PHE C 99 28.90 -18.79 -9.40
C PHE C 99 29.85 -18.95 -10.58
N ASN C 100 31.10 -19.34 -10.34
CA ASN C 100 32.07 -19.46 -11.41
C ASN C 100 31.62 -20.52 -12.42
N GLY C 101 31.83 -20.23 -13.70
CA GLY C 101 31.50 -21.14 -14.77
C GLY C 101 30.06 -21.09 -15.27
N GLY C 102 29.30 -20.06 -14.88
CA GLY C 102 27.91 -19.98 -15.30
C GLY C 102 27.07 -21.13 -14.80
N LYS C 103 27.39 -21.68 -13.64
CA LYS C 103 26.70 -22.82 -13.04
C LYS C 103 26.32 -22.48 -11.61
N ILE C 104 25.63 -21.35 -11.45
CA ILE C 104 25.32 -20.79 -10.13
C ILE C 104 24.79 -21.88 -9.21
N SER C 105 25.39 -22.00 -8.03
CA SER C 105 25.02 -23.04 -7.08
C SER C 105 25.35 -22.51 -5.68
N VAL C 106 24.32 -22.12 -4.93
CA VAL C 106 24.46 -21.59 -3.58
C VAL C 106 24.08 -22.69 -2.59
N GLN C 107 24.90 -22.86 -1.56
CA GLN C 107 24.71 -23.91 -0.56
C GLN C 107 24.82 -23.30 0.83
N TYR C 108 24.08 -23.91 1.76
CA TYR C 108 24.09 -23.53 3.17
C TYR C 108 24.41 -24.74 4.03
N ASN C 109 25.25 -24.53 5.04
CA ASN C 109 25.54 -25.55 6.04
C ASN C 109 24.54 -25.38 7.17
N LEU C 110 23.46 -26.17 7.12
CA LEU C 110 22.34 -25.99 8.03
C LEU C 110 22.63 -26.66 9.37
N SER C 111 22.84 -25.86 10.41
CA SER C 111 22.93 -26.34 11.79
C SER C 111 23.98 -27.44 11.93
N HIS C 112 25.15 -27.23 11.35
CA HIS C 112 26.23 -28.20 11.47
C HIS C 112 26.85 -28.21 12.86
N SER C 113 26.52 -27.25 13.71
CA SER C 113 27.05 -27.19 15.07
C SER C 113 26.20 -28.04 16.01
N TYR C 114 26.16 -29.33 15.72
CA TYR C 114 25.46 -30.37 16.47
C TYR C 114 23.94 -30.28 16.38
N ALA C 115 23.39 -29.27 15.71
CA ALA C 115 21.94 -29.12 15.58
C ALA C 115 21.34 -29.07 16.99
N GLY C 116 20.14 -29.63 17.16
CA GLY C 116 19.51 -29.67 18.48
C GLY C 116 18.93 -28.36 18.95
N ASP C 117 18.73 -27.39 18.05
CA ASP C 117 18.14 -26.09 18.37
C ASP C 117 18.79 -25.44 19.59
N ALA C 118 20.07 -25.73 19.81
CA ALA C 118 20.81 -25.21 20.96
C ALA C 118 20.06 -25.66 22.23
N ALA C 119 19.90 -24.78 23.22
CA ALA C 119 19.17 -25.10 24.44
C ALA C 119 17.89 -24.27 24.57
N ASN C 120 18.01 -22.95 24.52
CA ASN C 120 16.87 -22.05 24.62
C ASN C 120 16.72 -21.16 23.40
N HIS C 121 17.80 -20.53 22.95
CA HIS C 121 17.76 -19.64 21.79
C HIS C 121 18.03 -20.45 20.53
N CYS C 122 17.11 -20.38 19.57
CA CYS C 122 17.19 -21.14 18.34
C CYS C 122 17.83 -20.37 17.19
N GLY C 123 18.30 -19.14 17.44
CA GLY C 123 18.84 -18.32 16.38
C GLY C 123 20.28 -18.61 16.05
N THR C 124 20.56 -19.85 15.63
CA THR C 124 21.90 -20.27 15.18
C THR C 124 21.75 -20.95 13.83
N VAL C 125 21.69 -20.14 12.77
CA VAL C 125 21.55 -20.57 11.37
C VAL C 125 20.58 -21.73 11.24
N ALA C 126 19.59 -21.81 12.12
CA ALA C 126 18.65 -22.92 12.17
C ALA C 126 17.21 -22.50 11.95
N ASN C 127 16.73 -21.51 12.71
CA ASN C 127 15.34 -21.10 12.60
C ASN C 127 15.13 -20.07 11.49
N GLY C 128 16.10 -19.17 11.30
CA GLY C 128 15.94 -18.12 10.30
C GLY C 128 15.86 -18.68 8.89
N VAL C 129 16.69 -19.68 8.58
CA VAL C 129 16.74 -20.21 7.22
C VAL C 129 15.47 -21.00 6.92
N LEU C 130 15.22 -22.06 7.68
CA LEU C 130 14.13 -22.97 7.35
C LEU C 130 12.77 -22.27 7.38
N GLN C 131 12.53 -21.45 8.42
CA GLN C 131 11.24 -20.78 8.52
C GLN C 131 11.01 -19.87 7.32
N THR C 132 12.04 -19.08 6.95
CA THR C 132 11.89 -18.20 5.80
C THR C 132 11.88 -18.98 4.49
N PHE C 133 12.78 -19.94 4.35
CA PHE C 133 12.82 -20.73 3.12
C PHE C 133 11.65 -21.70 3.02
N MET C 134 11.03 -22.04 4.14
CA MET C 134 9.78 -22.80 4.07
C MET C 134 8.65 -21.93 3.52
N ARG C 135 8.65 -20.64 3.85
CA ARG C 135 7.60 -19.75 3.35
C ARG C 135 7.61 -19.70 1.83
N MET C 136 8.76 -19.93 1.20
CA MET C 136 8.79 -20.16 -0.24
C MET C 136 8.01 -21.42 -0.60
N ALA C 137 8.03 -22.42 0.28
CA ALA C 137 7.27 -23.65 0.13
C ALA C 137 5.97 -23.60 0.91
N TRP C 138 5.32 -22.43 0.89
CA TRP C 138 4.25 -22.11 1.83
C TRP C 138 3.20 -23.20 1.88
N GLY C 139 2.85 -23.79 0.74
CA GLY C 139 1.91 -24.89 0.73
C GLY C 139 2.40 -26.06 1.56
N GLY C 140 1.77 -26.31 2.70
CA GLY C 140 2.16 -27.42 3.55
C GLY C 140 3.38 -27.12 4.39
N SER C 141 3.26 -27.23 5.72
CA SER C 141 4.41 -27.03 6.60
C SER C 141 4.17 -27.82 7.88
N TYR C 142 4.85 -28.96 7.99
CA TYR C 142 4.86 -29.71 9.24
C TYR C 142 6.07 -30.65 9.21
N ILE C 143 7.10 -30.31 9.99
CA ILE C 143 8.30 -31.13 10.05
C ILE C 143 8.76 -31.44 11.47
N ALA C 144 8.35 -30.66 12.48
CA ALA C 144 8.80 -30.89 13.85
C ALA C 144 8.12 -29.93 14.82
N LEU C 145 8.33 -30.14 16.12
CA LEU C 145 7.83 -29.23 17.13
C LEU C 145 8.84 -28.12 17.37
N ASP C 146 8.49 -27.20 18.27
CA ASP C 146 9.36 -26.05 18.55
C ASP C 146 9.53 -25.70 20.02
N SER C 147 8.63 -26.13 20.91
CA SER C 147 8.71 -25.78 22.33
C SER C 147 8.80 -24.26 22.51
N GLY C 148 7.97 -23.54 21.76
CA GLY C 148 7.97 -22.09 21.81
C GLY C 148 7.49 -21.51 23.12
N GLY C 149 6.89 -22.32 23.98
CA GLY C 149 6.40 -21.82 25.25
C GLY C 149 5.10 -21.05 25.07
N CYS C 150 4.93 -20.03 25.92
CA CYS C 150 3.75 -19.18 25.88
C CYS C 150 3.90 -18.01 24.92
N GLY C 151 5.03 -17.88 24.26
CA GLY C 151 5.27 -16.80 23.31
C GLY C 151 5.47 -17.30 21.89
N ASN C 152 6.24 -16.56 21.10
CA ASN C 152 6.38 -16.83 19.67
C ASN C 152 6.83 -18.25 19.38
N TRP C 153 6.65 -18.69 18.13
CA TRP C 153 6.87 -20.08 17.70
C TRP C 153 7.78 -20.06 16.47
N ASP C 154 9.09 -20.07 16.69
CA ASP C 154 10.07 -19.99 15.62
C ASP C 154 11.25 -20.92 15.87
N CYS C 155 10.96 -22.18 16.23
CA CYS C 155 12.01 -23.18 16.44
C CYS C 155 11.61 -24.52 15.83
N ILE C 156 11.07 -24.49 14.61
CA ILE C 156 10.70 -25.71 13.89
C ILE C 156 11.86 -26.04 12.95
N MET C 157 12.60 -27.10 13.26
CA MET C 157 13.76 -27.48 12.47
C MET C 157 13.75 -28.99 12.25
N THR C 158 14.66 -29.44 11.39
CA THR C 158 14.88 -30.85 11.08
C THR C 158 16.38 -31.15 11.12
N SER C 159 16.71 -32.43 10.96
CA SER C 159 18.08 -32.91 11.11
C SER C 159 18.90 -32.79 9.83
N TYR C 160 18.33 -32.21 8.77
CA TYR C 160 19.06 -32.03 7.53
C TYR C 160 20.25 -31.11 7.73
N GLN C 161 21.29 -31.32 6.93
CA GLN C 161 22.56 -30.59 7.07
C GLN C 161 22.77 -29.56 5.97
N TYR C 162 22.39 -29.85 4.73
CA TYR C 162 22.73 -28.99 3.60
C TYR C 162 21.48 -28.59 2.84
N LEU C 163 21.43 -27.31 2.45
CA LEU C 163 20.41 -26.77 1.57
C LEU C 163 21.11 -26.11 0.40
N ILE C 164 20.76 -26.51 -0.81
CA ILE C 164 21.46 -26.09 -2.03
C ILE C 164 20.46 -25.47 -3.00
N ILE C 165 20.97 -24.60 -3.87
CA ILE C 165 20.18 -23.95 -4.91
C ILE C 165 20.92 -24.20 -6.22
N GLN C 166 20.58 -25.29 -6.90
CA GLN C 166 21.24 -25.63 -8.16
C GLN C 166 20.66 -24.80 -9.30
N ASN C 167 21.32 -24.90 -10.46
CA ASN C 167 20.88 -24.25 -11.69
C ASN C 167 20.30 -25.27 -12.67
N THR C 168 19.60 -26.27 -12.14
CA THR C 168 18.98 -27.27 -12.99
C THR C 168 17.76 -26.69 -13.69
N THR C 169 17.56 -27.08 -14.96
CA THR C 169 16.30 -26.82 -15.64
C THR C 169 15.23 -27.84 -15.30
N TRP C 170 15.59 -28.88 -14.52
CA TRP C 170 14.71 -29.96 -14.08
C TRP C 170 13.87 -30.55 -15.21
N GLU C 171 13.03 -31.53 -14.88
CA GLU C 171 12.40 -32.43 -15.85
C GLU C 171 10.90 -32.55 -15.58
N ASP C 172 10.22 -31.41 -15.46
CA ASP C 172 8.78 -31.35 -15.25
C ASP C 172 8.39 -31.95 -13.90
N HIS C 173 8.95 -31.34 -12.85
CA HIS C 173 8.62 -31.62 -11.46
C HIS C 173 7.32 -30.90 -11.09
N CYS C 174 7.08 -30.73 -9.79
CA CYS C 174 5.90 -30.07 -9.22
C CYS C 174 4.71 -31.02 -9.20
N GLN C 175 4.95 -32.31 -8.91
CA GLN C 175 3.86 -33.28 -8.88
C GLN C 175 3.00 -33.14 -7.64
N PHE C 176 3.60 -32.88 -6.47
CA PHE C 176 2.82 -32.85 -5.24
C PHE C 176 1.93 -31.61 -5.17
N SER C 177 2.40 -30.48 -5.69
CA SER C 177 1.65 -29.24 -5.66
C SER C 177 1.83 -28.50 -6.97
N ARG C 178 0.78 -27.80 -7.39
CA ARG C 178 0.82 -27.04 -8.62
C ARG C 178 1.63 -25.75 -8.42
N PRO C 179 2.21 -25.21 -9.49
CA PRO C 179 2.97 -23.96 -9.35
C PRO C 179 2.08 -22.81 -8.87
N SER C 180 2.64 -21.95 -8.03
CA SER C 180 1.93 -20.79 -7.51
C SER C 180 2.94 -19.74 -7.10
N PRO C 181 2.58 -18.46 -7.13
CA PRO C 181 3.53 -17.40 -6.75
C PRO C 181 3.45 -16.98 -5.30
N ILE C 182 2.59 -17.59 -4.49
CA ILE C 182 2.44 -17.17 -3.10
C ILE C 182 3.75 -17.33 -2.34
N GLY C 183 4.49 -18.40 -2.64
CA GLY C 183 5.73 -18.65 -1.91
C GLY C 183 6.76 -17.56 -2.12
N TYR C 184 6.97 -17.16 -3.39
CA TYR C 184 7.95 -16.12 -3.67
C TYR C 184 7.47 -14.77 -3.19
N LEU C 185 6.18 -14.48 -3.32
CA LEU C 185 5.67 -13.18 -2.93
C LEU C 185 5.86 -12.93 -1.43
N GLY C 186 5.67 -13.97 -0.62
CA GLY C 186 5.91 -13.83 0.81
C GLY C 186 7.34 -13.44 1.12
N LEU C 187 8.30 -14.01 0.38
CA LEU C 187 9.70 -13.64 0.57
C LEU C 187 9.93 -12.18 0.22
N LEU C 188 9.33 -11.73 -0.89
CA LEU C 188 9.62 -10.38 -1.38
C LEU C 188 9.16 -9.32 -0.40
N SER C 189 7.99 -9.50 0.20
CA SER C 189 7.44 -8.50 1.11
C SER C 189 8.05 -8.53 2.50
N GLN C 190 8.90 -9.51 2.81
CA GLN C 190 9.46 -9.70 4.15
C GLN C 190 10.95 -9.44 4.12
N ARG C 191 11.38 -8.34 4.74
CA ARG C 191 12.77 -8.01 5.04
C ARG C 191 13.61 -7.73 3.80
N THR C 192 13.04 -7.75 2.59
CA THR C 192 13.81 -7.50 1.38
C THR C 192 13.67 -6.03 0.98
N ARG C 193 14.30 -5.18 1.80
CA ARG C 193 14.30 -3.74 1.57
C ARG C 193 15.69 -3.12 1.72
N ASP C 194 16.73 -3.94 1.83
CA ASP C 194 18.09 -3.44 2.00
C ASP C 194 19.08 -4.55 1.71
N ILE C 195 20.10 -4.24 0.92
CA ILE C 195 21.17 -5.18 0.59
C ILE C 195 22.47 -4.58 1.12
N TYR C 196 22.84 -4.89 2.36
CA TYR C 196 24.15 -4.51 2.84
C TYR C 196 25.24 -5.51 2.43
N ILE C 197 25.20 -6.73 2.97
CA ILE C 197 25.92 -7.85 2.39
C ILE C 197 24.98 -9.05 2.29
N SER C 198 24.42 -9.44 3.43
CA SER C 198 23.54 -10.60 3.51
C SER C 198 24.20 -11.84 2.92
N GLY D 1 -15.47 -5.02 -13.25
CA GLY D 1 -14.52 -5.91 -12.61
C GLY D 1 -14.26 -5.54 -11.15
N THR D 2 -13.00 -5.59 -10.75
CA THR D 2 -12.60 -5.27 -9.38
C THR D 2 -12.26 -3.80 -9.19
N PHE D 3 -12.40 -2.97 -10.22
CA PHE D 3 -12.04 -1.55 -10.15
C PHE D 3 -10.56 -1.39 -9.83
N THR D 4 -9.71 -2.09 -10.58
CA THR D 4 -8.28 -2.07 -10.35
C THR D 4 -7.55 -2.05 -11.69
N TRP D 5 -6.39 -1.39 -11.68
CA TRP D 5 -5.43 -1.46 -12.78
C TRP D 5 -5.94 -0.72 -14.02
N THR D 6 -6.23 -1.42 -15.11
CA THR D 6 -6.44 -0.78 -16.41
C THR D 6 -7.90 -0.39 -16.63
N LEU D 7 -8.46 0.33 -15.65
CA LEU D 7 -9.76 0.98 -15.78
C LEU D 7 -10.82 0.05 -16.37
N SER D 8 -11.33 0.37 -17.57
CA SER D 8 -12.41 -0.40 -18.19
C SER D 8 -11.85 -1.42 -19.17
N ASP D 9 -10.99 -2.31 -18.66
CA ASP D 9 -10.46 -3.40 -19.47
C ASP D 9 -10.41 -4.72 -18.70
N SER D 10 -11.01 -4.80 -17.52
CA SER D 10 -11.07 -6.05 -16.76
C SER D 10 -12.29 -6.87 -17.19
N GLU D 11 -12.32 -7.20 -18.47
CA GLU D 11 -13.39 -7.99 -19.06
C GLU D 11 -12.79 -9.06 -19.96
N GLY D 12 -13.40 -10.24 -19.94
CA GLY D 12 -12.93 -11.33 -20.77
C GLY D 12 -13.19 -11.10 -22.25
N LYS D 13 -14.47 -11.13 -22.64
CA LYS D 13 -14.85 -10.88 -24.03
C LYS D 13 -15.73 -9.64 -24.17
N ASP D 14 -16.87 -9.58 -23.46
CA ASP D 14 -17.79 -8.46 -23.59
C ASP D 14 -18.38 -7.99 -22.26
N THR D 15 -18.25 -8.75 -21.18
CA THR D 15 -18.93 -8.46 -19.92
C THR D 15 -18.65 -7.04 -19.44
N PRO D 16 -19.65 -6.14 -19.46
CA PRO D 16 -19.42 -4.78 -18.95
C PRO D 16 -19.68 -4.66 -17.46
N GLY D 17 -20.45 -5.60 -16.91
CA GLY D 17 -20.82 -5.60 -15.52
C GLY D 17 -19.86 -6.29 -14.59
N GLY D 18 -18.72 -6.76 -15.09
CA GLY D 18 -17.77 -7.46 -14.23
C GLY D 18 -16.64 -8.04 -15.05
N TYR D 19 -15.94 -9.00 -14.44
CA TYR D 19 -14.78 -9.65 -15.02
C TYR D 19 -15.15 -11.06 -15.47
N CYS D 20 -14.82 -11.40 -16.71
CA CYS D 20 -15.04 -12.74 -17.24
C CYS D 20 -13.69 -13.41 -17.49
N LEU D 21 -13.53 -14.63 -16.97
CA LEU D 21 -12.31 -15.39 -17.10
C LEU D 21 -12.36 -16.26 -18.35
N THR D 22 -11.32 -17.07 -18.55
CA THR D 22 -11.22 -17.98 -19.68
C THR D 22 -10.72 -19.33 -19.19
N ARG D 23 -11.00 -20.36 -19.99
CA ARG D 23 -10.65 -21.72 -19.57
C ARG D 23 -9.15 -21.88 -19.38
N TRP D 24 -8.35 -21.32 -20.29
CA TRP D 24 -6.90 -21.48 -20.19
C TRP D 24 -6.35 -20.89 -18.90
N MET D 25 -7.07 -19.98 -18.25
CA MET D 25 -6.72 -19.52 -16.92
C MET D 25 -7.26 -20.42 -15.82
N LEU D 26 -8.16 -21.34 -16.14
CA LEU D 26 -8.74 -22.28 -15.18
C LEU D 26 -8.26 -23.69 -15.47
N ILE D 27 -8.55 -24.59 -14.54
CA ILE D 27 -8.26 -26.01 -14.69
C ILE D 27 -9.55 -26.79 -14.47
N GLU D 28 -9.85 -27.69 -15.41
CA GLU D 28 -11.04 -28.54 -15.35
C GLU D 28 -12.30 -27.70 -15.20
N ALA D 29 -12.43 -26.68 -16.05
CA ALA D 29 -13.60 -25.82 -16.07
C ALA D 29 -13.57 -24.97 -17.33
N GLU D 30 -14.74 -24.73 -17.91
CA GLU D 30 -14.87 -23.99 -19.16
C GLU D 30 -15.86 -22.86 -18.99
N LEU D 31 -15.45 -21.65 -19.39
CA LEU D 31 -16.33 -20.49 -19.44
C LEU D 31 -17.03 -20.26 -18.10
N LYS D 32 -16.24 -20.28 -17.03
CA LYS D 32 -16.73 -19.97 -15.69
C LYS D 32 -16.33 -18.53 -15.37
N CYS D 33 -17.31 -17.64 -15.34
CA CYS D 33 -17.04 -16.24 -15.04
C CYS D 33 -18.23 -15.63 -14.32
N PHE D 34 -17.96 -14.55 -13.59
CA PHE D 34 -18.93 -13.90 -12.71
C PHE D 34 -19.23 -12.49 -13.25
N GLY D 35 -20.04 -11.76 -12.48
CA GLY D 35 -20.37 -10.40 -12.85
C GLY D 35 -21.13 -9.70 -11.74
N ASN D 36 -21.65 -8.54 -12.06
CA ASN D 36 -22.48 -7.71 -11.17
C ASN D 36 -21.79 -7.60 -9.80
N THR D 37 -22.57 -7.53 -8.72
CA THR D 37 -22.02 -7.31 -7.39
C THR D 37 -21.15 -8.47 -6.89
N ALA D 38 -21.21 -9.62 -7.56
CA ALA D 38 -20.39 -10.75 -7.10
C ALA D 38 -18.91 -10.42 -7.15
N VAL D 39 -18.46 -9.76 -8.21
CA VAL D 39 -17.06 -9.38 -8.33
C VAL D 39 -16.79 -8.01 -7.70
N ALA D 40 -17.78 -7.11 -7.70
CA ALA D 40 -17.59 -5.78 -7.14
C ALA D 40 -17.40 -5.78 -5.64
N LYS D 41 -17.70 -6.90 -4.97
CA LYS D 41 -17.53 -6.96 -3.52
C LYS D 41 -16.07 -6.85 -3.11
N CYS D 42 -15.13 -7.03 -4.04
CA CYS D 42 -13.72 -7.05 -3.68
C CYS D 42 -13.27 -5.74 -3.06
N ASN D 43 -13.74 -4.61 -3.60
CA ASN D 43 -13.36 -3.32 -3.03
C ASN D 43 -13.86 -3.20 -1.60
N GLU D 44 -15.08 -3.68 -1.33
CA GLU D 44 -15.60 -3.63 0.03
C GLU D 44 -14.77 -4.51 0.98
N LYS D 45 -14.37 -5.70 0.51
CA LYS D 45 -13.62 -6.63 1.33
C LYS D 45 -12.11 -6.41 1.19
N HIS D 46 -11.59 -6.58 -0.03
CA HIS D 46 -10.19 -6.31 -0.37
C HIS D 46 -9.21 -7.00 0.59
N ASP D 47 -9.65 -8.07 1.27
CA ASP D 47 -8.80 -8.81 2.18
C ASP D 47 -9.04 -10.31 2.08
N GLU D 48 -9.63 -10.78 1.00
CA GLU D 48 -9.99 -12.17 0.82
C GLU D 48 -9.17 -12.78 -0.31
N GLU D 49 -8.95 -14.09 -0.22
CA GLU D 49 -7.95 -14.75 -1.07
C GLU D 49 -8.28 -14.61 -2.55
N PHE D 50 -9.54 -14.82 -2.92
CA PHE D 50 -9.90 -14.78 -4.34
C PHE D 50 -9.63 -13.42 -4.95
N CYS D 51 -9.97 -12.34 -4.24
CA CYS D 51 -9.75 -11.01 -4.77
C CYS D 51 -8.27 -10.74 -5.00
N ASP D 52 -7.43 -11.14 -4.05
CA ASP D 52 -5.98 -10.95 -4.22
C ASP D 52 -5.47 -11.76 -5.40
N MET D 53 -5.92 -13.01 -5.54
CA MET D 53 -5.50 -13.82 -6.67
C MET D 53 -6.04 -13.25 -7.98
N LEU D 54 -7.28 -12.74 -7.96
CA LEU D 54 -7.86 -12.17 -9.17
C LEU D 54 -7.06 -10.96 -9.63
N ARG D 55 -6.60 -10.13 -8.69
CA ARG D 55 -5.82 -8.96 -9.06
C ARG D 55 -4.55 -9.36 -9.80
N LEU D 56 -3.89 -10.43 -9.34
CA LEU D 56 -2.71 -10.91 -10.05
C LEU D 56 -3.06 -11.35 -11.46
N PHE D 57 -4.21 -12.00 -11.64
CA PHE D 57 -4.65 -12.35 -12.99
C PHE D 57 -4.87 -11.09 -13.82
N ASP D 58 -5.49 -10.07 -13.23
CA ASP D 58 -5.63 -8.79 -13.92
C ASP D 58 -4.25 -8.20 -14.21
N PHE D 59 -3.35 -8.28 -13.23
CA PHE D 59 -1.99 -7.76 -13.43
C PHE D 59 -1.28 -8.51 -14.54
N ASN D 60 -1.54 -9.81 -14.67
CA ASN D 60 -0.91 -10.60 -15.73
C ASN D 60 -1.45 -10.23 -17.10
N LYS D 61 -2.78 -10.15 -17.24
CA LYS D 61 -3.38 -9.93 -18.55
C LYS D 61 -2.95 -8.59 -19.13
N GLN D 62 -2.94 -7.54 -18.31
CA GLN D 62 -2.61 -6.20 -18.76
C GLN D 62 -1.11 -5.92 -18.73
N ALA D 63 -0.31 -6.81 -18.14
CA ALA D 63 1.14 -6.73 -18.23
C ALA D 63 1.69 -7.57 -19.37
N ILE D 64 0.88 -8.44 -19.96
CA ILE D 64 1.30 -9.22 -21.13
C ILE D 64 0.91 -8.52 -22.42
N GLN D 65 -0.27 -7.90 -22.45
CA GLN D 65 -0.70 -7.18 -23.65
C GLN D 65 0.26 -6.05 -23.97
N ARG D 66 0.70 -5.31 -22.95
CA ARG D 66 1.69 -4.25 -23.09
C ARG D 66 2.91 -4.59 -22.22
N CYS D 67 3.81 -3.62 -22.09
CA CYS D 67 5.11 -3.69 -21.44
C CYS D 67 6.13 -4.38 -22.35
N LYS D 68 5.73 -4.94 -23.48
CA LYS D 68 6.63 -5.52 -24.47
C LYS D 68 7.72 -6.38 -23.83
N ALA D 69 7.28 -7.28 -22.96
CA ALA D 69 8.19 -8.17 -22.25
C ALA D 69 9.00 -8.98 -23.26
N PRO D 70 10.30 -8.70 -23.46
CA PRO D 70 11.07 -9.44 -24.47
C PRO D 70 11.67 -10.73 -23.92
N ALA D 71 10.79 -11.61 -23.45
CA ALA D 71 11.17 -12.88 -22.85
C ALA D 71 12.05 -12.70 -21.61
N GLN D 72 12.00 -11.51 -20.99
CA GLN D 72 12.78 -11.24 -19.79
C GLN D 72 12.11 -11.74 -18.52
N MET D 73 10.85 -12.17 -18.60
CA MET D 73 10.04 -12.71 -17.51
C MET D 73 9.54 -11.60 -16.58
N SER D 74 9.95 -10.34 -16.77
CA SER D 74 9.41 -9.21 -16.02
C SER D 74 9.43 -9.43 -14.51
N ILE D 75 10.42 -10.20 -14.02
CA ILE D 75 10.55 -10.37 -12.58
C ILE D 75 10.88 -9.04 -11.92
N GLN D 76 11.51 -8.13 -12.66
CA GLN D 76 11.73 -6.78 -12.14
C GLN D 76 10.42 -6.04 -11.96
N LEU D 77 9.37 -6.45 -12.66
CA LEU D 77 8.11 -5.73 -12.60
C LEU D 77 7.41 -5.94 -11.26
N ILE D 78 7.40 -7.18 -10.76
CA ILE D 78 6.75 -7.48 -9.49
C ILE D 78 7.58 -7.03 -8.30
N ASN D 79 8.75 -6.43 -8.53
CA ASN D 79 9.61 -6.04 -7.43
C ASN D 79 8.94 -5.01 -6.51
N LYS D 80 8.08 -4.16 -7.07
CA LYS D 80 7.35 -3.17 -6.26
C LYS D 80 5.89 -3.12 -6.69
N ALA D 81 5.30 -4.29 -6.92
CA ALA D 81 3.88 -4.40 -7.22
C ALA D 81 3.16 -5.33 -6.24
N VAL D 82 3.86 -5.90 -5.27
CA VAL D 82 3.23 -6.80 -4.31
C VAL D 82 2.24 -6.03 -3.43
N ASN D 83 2.61 -4.80 -3.05
CA ASN D 83 1.77 -4.04 -2.12
C ASN D 83 0.45 -3.64 -2.77
N ALA D 84 0.50 -3.10 -3.99
CA ALA D 84 -0.70 -2.60 -4.62
C ALA D 84 -1.61 -3.71 -5.13
N LEU D 85 -1.06 -4.87 -5.47
CA LEU D 85 -1.83 -5.94 -6.09
C LEU D 85 -2.47 -6.86 -5.05
N ILE D 86 -1.66 -7.50 -4.22
CA ILE D 86 -2.16 -8.44 -3.23
C ILE D 86 -1.95 -7.88 -1.84
N ASN D 87 -2.78 -8.34 -0.91
CA ASN D 87 -2.67 -7.95 0.49
C ASN D 87 -1.53 -8.75 1.12
N ASP D 88 -0.38 -8.09 1.29
CA ASP D 88 0.78 -8.78 1.85
C ASP D 88 0.51 -9.31 3.25
N GLN D 89 -0.40 -8.67 3.98
CA GLN D 89 -0.76 -9.17 5.30
C GLN D 89 -1.69 -10.37 5.23
N LEU D 90 -2.46 -10.50 4.14
CA LEU D 90 -3.37 -11.63 4.02
C LEU D 90 -2.61 -12.96 3.96
N ILE D 91 -1.57 -13.02 3.12
CA ILE D 91 -0.73 -14.21 3.10
C ILE D 91 -0.01 -14.36 4.44
N MET D 92 0.38 -13.24 5.05
CA MET D 92 0.90 -13.29 6.41
C MET D 92 -0.18 -13.77 7.38
N LYS D 93 -1.43 -13.37 7.15
CA LYS D 93 -2.53 -13.88 7.96
C LYS D 93 -2.64 -15.39 7.81
N ASN D 94 -2.48 -15.90 6.58
CA ASN D 94 -2.44 -17.34 6.38
C ASN D 94 -1.20 -17.96 7.04
N HIS D 95 -0.14 -17.17 7.24
CA HIS D 95 1.08 -17.69 7.83
C HIS D 95 0.87 -18.20 9.25
N LEU D 96 -0.23 -17.81 9.90
CA LEU D 96 -0.52 -18.20 11.27
C LEU D 96 -1.28 -19.52 11.37
N ARG D 97 -1.54 -20.20 10.25
CA ARG D 97 -2.43 -21.34 10.21
C ARG D 97 -1.73 -22.65 9.89
N ASP D 98 -0.95 -22.70 8.81
CA ASP D 98 -0.43 -23.96 8.30
C ASP D 98 0.64 -24.57 9.20
N ILE D 99 1.06 -23.91 10.26
CA ILE D 99 2.10 -24.44 11.13
C ILE D 99 1.43 -25.41 12.11
N MET D 100 1.21 -26.64 11.67
CA MET D 100 0.58 -27.68 12.47
C MET D 100 -0.68 -27.16 13.16
N GLY D 101 -1.64 -26.73 12.35
CA GLY D 101 -2.87 -26.13 12.84
C GLY D 101 -4.05 -26.42 11.95
N ILE D 102 -4.94 -25.45 11.83
CA ILE D 102 -6.19 -25.59 11.10
C ILE D 102 -5.90 -25.81 9.62
N PRO D 103 -6.77 -26.48 8.86
CA PRO D 103 -6.61 -26.48 7.40
C PRO D 103 -6.42 -25.07 6.85
N TYR D 104 -5.53 -24.96 5.89
CA TYR D 104 -5.08 -23.67 5.34
C TYR D 104 -5.59 -23.50 3.91
N CYS D 105 -5.18 -22.40 3.30
CA CYS D 105 -5.62 -22.03 1.95
C CYS D 105 -4.38 -21.78 1.10
N ASN D 106 -4.18 -22.61 0.07
CA ASN D 106 -3.08 -22.45 -0.86
C ASN D 106 -3.53 -21.88 -2.21
N TYR D 107 -4.66 -21.18 -2.23
CA TYR D 107 -5.15 -20.49 -3.43
C TYR D 107 -5.39 -21.46 -4.58
N SER D 108 -5.76 -22.70 -4.27
CA SER D 108 -5.93 -23.73 -5.28
C SER D 108 -7.33 -23.73 -5.88
N LYS D 109 -8.35 -23.91 -5.04
CA LYS D 109 -9.72 -24.00 -5.48
C LYS D 109 -10.60 -23.12 -4.61
N TYR D 110 -11.75 -22.73 -5.18
CA TYR D 110 -12.71 -21.86 -4.51
C TYR D 110 -14.11 -22.43 -4.68
N TRP D 111 -15.01 -22.02 -3.79
CA TRP D 111 -16.39 -22.46 -3.81
C TRP D 111 -17.33 -21.27 -3.73
N TYR D 112 -18.54 -21.44 -4.28
CA TYR D 112 -19.55 -20.40 -4.25
C TYR D 112 -20.91 -21.05 -4.46
N LEU D 113 -21.96 -20.29 -4.13
CA LEU D 113 -23.33 -20.73 -4.31
C LEU D 113 -23.91 -20.09 -5.56
N ASN D 114 -24.52 -20.90 -6.42
CA ASN D 114 -25.08 -20.45 -7.68
C ASN D 114 -26.59 -20.62 -7.68
N HIS D 115 -27.30 -19.60 -8.14
CA HIS D 115 -28.76 -19.62 -8.26
C HIS D 115 -29.10 -19.99 -9.70
N THR D 116 -29.51 -21.23 -9.91
CA THR D 116 -29.74 -21.76 -11.26
C THR D 116 -31.16 -21.53 -11.74
N THR D 117 -31.70 -20.33 -11.49
CA THR D 117 -32.96 -19.91 -12.10
C THR D 117 -32.91 -18.51 -12.69
N THR D 118 -32.01 -17.64 -12.26
CA THR D 118 -31.86 -16.30 -12.83
C THR D 118 -30.43 -15.98 -13.22
N GLY D 119 -29.44 -16.45 -12.44
CA GLY D 119 -28.04 -16.21 -12.75
C GLY D 119 -27.31 -15.44 -11.66
N ARG D 120 -27.80 -15.53 -10.42
CA ARG D 120 -27.14 -14.87 -9.31
C ARG D 120 -25.91 -15.66 -8.88
N THR D 121 -24.93 -14.94 -8.33
CA THR D 121 -23.70 -15.55 -7.87
C THR D 121 -23.17 -14.78 -6.66
N SER D 122 -22.25 -15.41 -5.95
CA SER D 122 -21.67 -14.84 -4.73
C SER D 122 -20.15 -14.91 -4.81
N LEU D 123 -19.49 -13.95 -4.17
CA LEU D 123 -18.04 -13.95 -4.15
C LEU D 123 -17.56 -15.18 -3.38
N PRO D 124 -16.53 -15.88 -3.85
CA PRO D 124 -16.15 -17.15 -3.23
C PRO D 124 -15.12 -16.99 -2.13
N LYS D 125 -15.08 -18.01 -1.26
CA LYS D 125 -14.04 -18.19 -0.27
C LYS D 125 -13.27 -19.46 -0.59
N CYS D 126 -11.95 -19.40 -0.53
CA CYS D 126 -11.14 -20.53 -0.98
C CYS D 126 -11.37 -21.74 -0.10
N TRP D 127 -11.48 -22.91 -0.74
CA TRP D 127 -11.67 -24.15 -0.01
C TRP D 127 -10.49 -24.40 0.91
N LEU D 128 -10.75 -24.47 2.21
CA LEU D 128 -9.69 -24.76 3.17
C LEU D 128 -9.19 -26.19 2.95
N VAL D 129 -7.87 -26.33 2.85
CA VAL D 129 -7.23 -27.62 2.59
C VAL D 129 -6.23 -27.90 3.71
N SER D 130 -6.14 -29.16 4.09
CA SER D 130 -5.23 -29.63 5.13
C SER D 130 -4.27 -30.66 4.54
N ASN D 131 -3.50 -31.30 5.42
CA ASN D 131 -2.58 -32.34 4.97
C ASN D 131 -3.33 -33.47 4.28
N GLY D 132 -4.46 -33.89 4.85
CA GLY D 132 -5.23 -34.98 4.28
C GLY D 132 -6.19 -34.53 3.20
N SER D 133 -5.66 -33.94 2.13
CA SER D 133 -6.47 -33.53 1.00
C SER D 133 -7.47 -32.44 1.40
N TYR D 134 -8.41 -32.15 0.51
CA TYR D 134 -9.43 -31.16 0.81
C TYR D 134 -10.42 -31.70 1.85
N LEU D 135 -11.17 -30.78 2.44
CA LEU D 135 -12.17 -31.15 3.42
C LEU D 135 -13.32 -31.91 2.76
N ASN D 136 -14.08 -32.63 3.58
CA ASN D 136 -15.16 -33.49 3.11
C ASN D 136 -16.49 -32.76 2.98
N GLU D 137 -16.47 -31.44 2.84
CA GLU D 137 -17.64 -30.59 2.60
C GLU D 137 -18.50 -30.40 3.85
N THR D 138 -18.21 -31.09 4.95
CA THR D 138 -19.01 -31.01 6.16
C THR D 138 -18.30 -30.32 7.32
N HIS D 139 -17.01 -30.00 7.17
CA HIS D 139 -16.29 -29.38 8.27
C HIS D 139 -16.75 -27.95 8.52
N PHE D 140 -17.18 -27.23 7.47
CA PHE D 140 -17.57 -25.84 7.56
C PHE D 140 -18.96 -25.64 6.95
N SER D 141 -19.90 -26.51 7.33
CA SER D 141 -21.26 -26.38 6.84
C SER D 141 -21.87 -25.05 7.26
N ASP D 142 -21.62 -24.62 8.49
CA ASP D 142 -22.17 -23.35 8.96
C ASP D 142 -21.63 -22.18 8.16
N ASP D 143 -20.41 -22.30 7.62
CA ASP D 143 -19.84 -21.21 6.83
C ASP D 143 -20.67 -20.95 5.58
N ILE D 144 -21.16 -22.01 4.93
CA ILE D 144 -21.96 -21.83 3.74
C ILE D 144 -23.40 -21.45 4.11
N GLU D 145 -23.86 -21.86 5.29
CA GLU D 145 -25.21 -21.53 5.72
C GLU D 145 -25.41 -20.03 5.83
N GLN D 146 -24.47 -19.34 6.48
CA GLN D 146 -24.56 -17.88 6.55
C GLN D 146 -24.46 -17.26 5.16
N GLN D 147 -23.56 -17.79 4.32
CA GLN D 147 -23.44 -17.28 2.96
C GLN D 147 -24.73 -17.51 2.18
N ALA D 148 -25.34 -18.68 2.32
CA ALA D 148 -26.61 -18.94 1.66
C ALA D 148 -27.70 -17.99 2.14
N ASP D 149 -27.75 -17.76 3.45
CA ASP D 149 -28.72 -16.81 3.99
C ASP D 149 -28.41 -15.39 3.51
N ASN D 150 -27.13 -15.05 3.38
CA ASN D 150 -26.76 -13.70 2.94
C ASN D 150 -27.35 -13.39 1.57
N MET D 151 -27.50 -14.39 0.71
CA MET D 151 -28.11 -14.16 -0.60
C MET D 151 -29.54 -13.67 -0.46
N ILE D 152 -30.30 -14.25 0.48
CA ILE D 152 -31.66 -13.81 0.71
C ILE D 152 -31.69 -12.35 1.17
N THR D 153 -30.72 -11.96 1.98
CA THR D 153 -30.63 -10.57 2.41
C THR D 153 -30.39 -9.64 1.23
N GLU D 154 -29.49 -10.03 0.33
CA GLU D 154 -29.26 -9.22 -0.87
C GLU D 154 -30.46 -9.27 -1.81
N MET D 155 -31.24 -10.35 -1.77
CA MET D 155 -32.46 -10.42 -2.59
C MET D 155 -33.45 -9.33 -2.19
N LEU D 156 -33.47 -8.95 -0.91
CA LEU D 156 -34.35 -7.87 -0.48
C LEU D 156 -33.96 -6.56 -1.16
N GLN D 157 -32.66 -6.30 -1.29
CA GLN D 157 -32.20 -5.11 -1.98
C GLN D 157 -32.68 -5.10 -3.43
N LYS D 158 -32.58 -6.23 -4.11
CA LYS D 158 -33.09 -6.33 -5.47
C LYS D 158 -34.58 -6.08 -5.53
N GLU D 159 -35.33 -6.66 -4.59
CA GLU D 159 -36.78 -6.49 -4.54
C GLU D 159 -37.13 -5.06 -4.12
N THR E 1 -30.35 8.35 33.87
CA THR E 1 -29.92 9.42 32.98
C THR E 1 -30.96 9.63 31.88
N SER E 2 -30.60 10.44 30.87
CA SER E 2 -31.50 10.71 29.77
C SER E 2 -31.76 9.46 28.96
N LEU E 3 -32.97 9.35 28.42
CA LEU E 3 -33.38 8.23 27.60
C LEU E 3 -33.37 8.63 26.13
N TYR E 4 -32.68 7.84 25.32
CA TYR E 4 -32.56 8.10 23.88
C TYR E 4 -33.51 7.18 23.13
N LYS E 5 -34.36 7.77 22.28
CA LYS E 5 -35.34 7.03 21.47
C LYS E 5 -36.36 6.29 22.33
N GLY E 6 -36.47 6.66 23.61
CA GLY E 6 -37.45 6.04 24.48
C GLY E 6 -37.06 4.63 24.92
N VAL E 7 -37.04 3.70 23.96
CA VAL E 7 -36.76 2.31 24.29
C VAL E 7 -35.34 2.15 24.82
N TYR E 8 -34.37 2.81 24.19
CA TYR E 8 -32.98 2.68 24.57
C TYR E 8 -32.63 3.62 25.72
N GLU E 9 -31.87 3.11 26.68
CA GLU E 9 -31.39 3.88 27.82
C GLU E 9 -29.87 3.78 27.88
N LEU E 10 -29.21 4.92 28.02
CA LEU E 10 -27.75 4.95 28.05
C LEU E 10 -27.25 4.62 29.45
N GLN E 11 -26.16 3.84 29.50
CA GLN E 11 -25.47 3.56 30.76
C GLN E 11 -23.97 3.61 30.49
N THR E 12 -23.20 3.91 31.54
CA THR E 12 -21.76 4.06 31.43
C THR E 12 -21.06 3.08 32.38
N LEU E 13 -19.84 2.72 32.02
CA LEU E 13 -19.02 1.81 32.80
C LEU E 13 -17.63 2.41 32.99
N GLU E 14 -17.02 2.11 34.13
CA GLU E 14 -15.67 2.57 34.46
C GLU E 14 -14.83 1.35 34.83
N LEU E 15 -13.84 1.03 34.00
CA LEU E 15 -12.99 -0.13 34.22
C LEU E 15 -11.93 0.21 35.25
N ASN E 16 -12.02 -0.41 36.42
CA ASN E 16 -11.00 -0.26 37.46
C ASN E 16 -9.82 -1.14 37.08
N MET E 17 -8.87 -0.54 36.38
CA MET E 17 -7.73 -1.29 35.84
C MET E 17 -6.77 -1.64 36.97
N GLU E 18 -7.25 -2.52 37.85
CA GLU E 18 -6.47 -3.02 38.97
C GLU E 18 -6.30 -4.53 38.96
N THR E 19 -7.10 -5.27 38.19
CA THR E 19 -6.87 -6.70 38.08
C THR E 19 -5.55 -7.00 37.38
N LEU E 20 -5.07 -6.07 36.56
CA LEU E 20 -3.82 -6.24 35.83
C LEU E 20 -2.66 -5.73 36.70
N ASN E 21 -2.36 -6.49 37.74
CA ASN E 21 -1.36 -6.13 38.74
C ASN E 21 -0.15 -7.04 38.73
N MET E 22 -0.34 -8.36 38.72
CA MET E 22 0.77 -9.30 38.72
C MET E 22 1.20 -9.74 37.33
N THR E 23 0.79 -9.03 36.28
CA THR E 23 1.15 -9.36 34.90
C THR E 23 1.84 -8.23 34.14
N MET E 24 1.34 -7.01 34.26
CA MET E 24 1.89 -5.85 33.58
C MET E 24 2.06 -4.68 34.54
N PRO E 25 2.93 -3.73 34.21
CA PRO E 25 3.04 -2.51 35.01
C PRO E 25 1.83 -1.60 34.81
N LEU E 26 1.64 -0.69 35.76
CA LEU E 26 0.60 0.31 35.70
C LEU E 26 1.23 1.68 35.92
N SER E 27 0.92 2.62 35.04
CA SER E 27 1.51 3.96 35.06
C SER E 27 0.47 4.97 35.54
N CYS E 28 0.91 5.93 36.35
CA CYS E 28 0.02 6.94 36.89
C CYS E 28 0.84 8.17 37.26
N THR E 29 0.15 9.30 37.41
CA THR E 29 0.71 10.56 37.85
C THR E 29 -0.06 11.06 39.06
N LYS E 30 0.66 11.55 40.07
CA LYS E 30 0.01 11.82 41.35
C LYS E 30 -0.71 13.17 41.36
N ASN E 31 0.04 14.27 41.35
CA ASN E 31 -0.56 15.60 41.16
C ASN E 31 0.14 16.37 40.06
N ASN E 32 1.46 16.50 40.15
CA ASN E 32 2.23 17.31 39.23
C ASN E 32 3.53 16.68 38.77
N SER E 33 4.02 15.64 39.43
CA SER E 33 5.26 14.97 39.06
C SER E 33 5.26 13.62 39.76
N HIS E 34 6.42 12.96 39.81
CA HIS E 34 6.57 11.67 40.49
C HIS E 34 5.70 10.61 39.81
N HIS E 35 5.91 10.46 38.50
CA HIS E 35 5.20 9.46 37.72
C HIS E 35 5.73 8.08 38.07
N TYR E 36 4.83 7.16 38.39
CA TYR E 36 5.20 5.89 38.99
C TYR E 36 4.71 4.73 38.14
N ILE E 37 5.56 3.70 38.04
CA ILE E 37 5.23 2.44 37.38
C ILE E 37 5.24 1.36 38.46
N MET E 38 4.13 0.64 38.59
CA MET E 38 3.91 -0.28 39.70
C MET E 38 4.00 -1.73 39.21
N VAL E 39 4.84 -2.52 39.86
CA VAL E 39 4.97 -3.94 39.55
C VAL E 39 5.26 -4.69 40.85
N GLY E 40 4.63 -5.85 41.01
CA GLY E 40 4.84 -6.70 42.15
C GLY E 40 3.95 -6.42 43.34
N ASN E 41 3.31 -5.24 43.38
CA ASN E 41 2.40 -4.85 44.45
C ASN E 41 3.13 -4.51 45.75
N GLU E 42 4.44 -4.73 45.79
CA GLU E 42 5.25 -4.41 46.97
C GLU E 42 6.27 -3.31 46.73
N THR E 43 6.65 -3.04 45.48
CA THR E 43 7.58 -1.97 45.16
C THR E 43 7.19 -1.37 43.82
N GLY E 44 7.84 -0.26 43.48
CA GLY E 44 7.57 0.39 42.21
C GLY E 44 8.64 1.40 41.89
N LEU E 45 8.63 1.86 40.64
CA LEU E 45 9.59 2.84 40.18
C LEU E 45 9.19 4.23 40.64
N GLU E 46 10.08 5.20 40.40
CA GLU E 46 9.86 6.57 40.86
C GLU E 46 10.48 7.53 39.84
N LEU E 47 9.67 7.97 38.88
CA LEU E 47 10.09 8.94 37.86
C LEU E 47 9.70 10.34 38.32
N THR E 48 10.71 11.13 38.69
CA THR E 48 10.50 12.48 39.19
C THR E 48 11.19 13.49 38.29
N LEU E 49 10.58 14.67 38.17
CA LEU E 49 11.14 15.78 37.41
C LEU E 49 11.50 16.88 38.41
N THR E 50 12.80 17.01 38.69
CA THR E 50 13.28 17.96 39.69
C THR E 50 14.53 18.64 39.17
N ASN E 51 14.78 19.84 39.70
CA ASN E 51 15.98 20.59 39.31
C ASN E 51 17.24 19.99 39.94
N THR E 52 17.15 19.59 41.20
CA THR E 52 18.32 19.10 41.93
C THR E 52 18.79 17.76 41.38
N SER E 53 20.09 17.52 41.53
CA SER E 53 20.70 16.25 41.15
C SER E 53 20.68 15.28 42.31
N ILE E 54 20.83 14.00 41.99
CA ILE E 54 20.79 12.93 42.99
C ILE E 54 22.07 12.10 42.90
N ILE E 55 22.35 11.55 41.73
CA ILE E 55 23.50 10.67 41.56
C ILE E 55 24.77 11.50 41.42
N ASN E 56 25.90 10.88 41.73
CA ASN E 56 27.21 11.52 41.67
C ASN E 56 27.80 11.53 40.26
N HIS E 57 26.97 11.34 39.23
CA HIS E 57 27.37 11.48 37.83
C HIS E 57 28.32 10.38 37.39
N LYS E 58 28.20 9.97 36.12
CA LYS E 58 29.17 9.10 35.47
C LYS E 58 29.20 7.70 36.06
N PHE E 59 30.13 6.88 35.56
CA PHE E 59 30.32 5.48 35.96
C PHE E 59 28.99 4.73 36.12
N CYS E 60 28.10 4.92 35.15
CA CYS E 60 26.85 4.17 35.11
C CYS E 60 27.17 2.72 34.76
N ASN E 61 27.17 1.85 35.78
CA ASN E 61 27.56 0.47 35.60
C ASN E 61 26.38 -0.38 35.14
N LEU E 62 26.63 -1.25 34.17
CA LEU E 62 25.62 -2.15 33.62
C LEU E 62 25.95 -3.60 33.88
N SER E 63 27.17 -4.04 33.55
CA SER E 63 27.54 -5.44 33.73
C SER E 63 27.46 -5.88 35.19
N ASP E 64 27.58 -4.95 36.13
CA ASP E 64 27.50 -5.30 37.54
C ASP E 64 26.09 -5.69 37.97
N ALA E 65 25.07 -5.41 37.15
CA ALA E 65 23.69 -5.71 37.48
C ALA E 65 23.16 -6.96 36.80
N HIS E 66 24.03 -7.74 36.16
CA HIS E 66 23.59 -8.93 35.45
C HIS E 66 23.40 -10.14 36.36
N LYS E 67 23.87 -10.07 37.61
CA LYS E 67 23.69 -11.20 38.51
C LYS E 67 22.23 -11.48 38.79
N LYS E 68 21.44 -10.44 39.00
CA LYS E 68 20.04 -10.59 39.37
C LYS E 68 19.20 -10.77 38.10
N ASN E 69 18.42 -11.85 38.07
CA ASN E 69 17.50 -12.09 36.96
C ASN E 69 16.13 -11.50 37.22
N LEU E 70 15.62 -11.65 38.44
CA LEU E 70 14.34 -11.09 38.86
C LEU E 70 14.48 -10.67 40.31
N TYR E 71 13.34 -10.40 40.97
CA TYR E 71 13.33 -10.07 42.40
C TYR E 71 14.18 -8.82 42.67
N ASP E 72 13.64 -7.69 42.20
CA ASP E 72 14.27 -6.36 42.09
C ASP E 72 15.08 -6.24 40.80
N HIS E 73 14.97 -7.21 39.90
CA HIS E 73 15.39 -7.04 38.51
C HIS E 73 14.23 -7.15 37.53
N ALA E 74 13.05 -7.59 37.98
CA ALA E 74 11.89 -7.60 37.11
C ALA E 74 11.51 -6.19 36.68
N LEU E 75 11.71 -5.20 37.57
CA LEU E 75 11.49 -3.81 37.23
C LEU E 75 12.76 -3.17 36.65
N MET E 76 13.34 -3.85 35.69
CA MET E 76 14.47 -3.37 34.91
C MET E 76 14.20 -3.45 33.41
N SER E 77 13.45 -4.46 32.97
CA SER E 77 13.02 -4.50 31.57
C SER E 77 12.19 -3.27 31.23
N ILE E 78 11.45 -2.73 32.21
CA ILE E 78 10.75 -1.47 32.01
C ILE E 78 11.76 -0.36 31.76
N ILE E 79 12.83 -0.32 32.56
CA ILE E 79 13.86 0.68 32.36
C ILE E 79 14.58 0.44 31.04
N SER E 80 14.90 -0.83 30.74
CA SER E 80 15.53 -1.14 29.47
C SER E 80 14.62 -0.77 28.31
N THR E 81 13.32 -1.07 28.42
CA THR E 81 12.38 -0.64 27.39
C THR E 81 12.31 0.88 27.32
N PHE E 82 12.36 1.54 28.47
CA PHE E 82 12.34 3.01 28.48
C PHE E 82 13.54 3.58 27.75
N HIS E 83 14.74 3.06 28.04
CA HIS E 83 15.95 3.64 27.47
C HIS E 83 16.08 3.29 25.99
N LEU E 84 15.83 2.04 25.64
CA LEU E 84 16.08 1.59 24.27
C LEU E 84 15.14 2.23 23.26
N SER E 85 14.04 2.83 23.70
CA SER E 85 13.05 3.42 22.82
C SER E 85 13.20 4.93 22.68
N ILE E 86 14.27 5.51 23.23
CA ILE E 86 14.48 6.95 23.14
C ILE E 86 15.03 7.28 21.74
N PRO E 87 14.36 8.12 20.95
CA PRO E 87 14.91 8.48 19.64
C PRO E 87 15.99 9.54 19.75
N ASN E 88 17.01 9.41 18.90
CA ASN E 88 18.10 10.37 18.81
C ASN E 88 18.83 10.53 20.15
N PHE E 89 19.42 9.42 20.59
CA PHE E 89 20.28 9.38 21.77
C PHE E 89 21.70 9.12 21.30
N ASN E 90 22.61 10.06 21.57
CA ASN E 90 23.94 10.04 20.99
C ASN E 90 25.05 9.83 22.02
N GLN E 91 25.13 10.69 23.03
CA GLN E 91 26.29 10.72 23.92
C GLN E 91 26.04 9.90 25.18
N TYR E 92 27.11 9.27 25.67
CA TYR E 92 27.02 8.43 26.86
C TYR E 92 26.96 9.24 28.14
N GLU E 93 27.56 10.42 28.16
CA GLU E 93 27.65 11.23 29.38
C GLU E 93 26.37 12.02 29.67
N ALA E 94 25.28 11.76 28.95
CA ALA E 94 24.01 12.42 29.17
C ALA E 94 23.13 11.67 30.16
N MET E 95 23.71 10.85 31.03
CA MET E 95 22.95 10.04 31.97
C MET E 95 23.92 9.36 32.92
N SER E 96 23.46 9.17 34.16
CA SER E 96 24.28 8.56 35.20
C SER E 96 23.43 7.55 35.97
N CYS E 97 24.12 6.57 36.57
CA CYS E 97 23.46 5.51 37.32
C CYS E 97 24.21 5.25 38.61
N ASP E 98 23.48 4.76 39.62
CA ASP E 98 24.02 4.42 40.93
C ASP E 98 23.48 3.08 41.39
N PHE E 99 23.57 2.08 40.51
CA PHE E 99 22.96 0.78 40.78
C PHE E 99 23.54 0.13 42.02
N ASN E 100 24.79 0.44 42.37
CA ASN E 100 25.43 -0.18 43.51
C ASN E 100 24.68 0.13 44.79
N GLY E 101 24.65 -0.84 45.70
CA GLY E 101 23.94 -0.71 46.96
C GLY E 101 22.62 -1.44 47.04
N GLY E 102 22.27 -2.24 46.03
CA GLY E 102 21.04 -3.00 46.04
C GLY E 102 19.81 -2.23 45.59
N LYS E 103 19.96 -0.97 45.17
CA LYS E 103 18.86 -0.15 44.72
C LYS E 103 19.15 0.40 43.34
N ILE E 104 18.10 0.57 42.54
CA ILE E 104 18.22 1.08 41.19
C ILE E 104 18.04 2.59 41.22
N SER E 105 18.96 3.30 40.57
CA SER E 105 18.91 4.76 40.54
C SER E 105 19.45 5.23 39.18
N VAL E 106 18.56 5.74 38.35
CA VAL E 106 18.90 6.22 37.01
C VAL E 106 18.56 7.70 36.92
N GLN E 107 19.53 8.51 36.52
CA GLN E 107 19.38 9.95 36.40
C GLN E 107 19.62 10.36 34.96
N TYR E 108 18.69 11.11 34.38
CA TYR E 108 18.77 11.55 33.00
C TYR E 108 19.18 13.02 32.94
N ASN E 109 19.77 13.40 31.81
CA ASN E 109 20.33 14.74 31.60
C ASN E 109 19.51 15.44 30.53
N LEU E 110 18.65 16.37 30.94
CA LEU E 110 17.84 17.14 29.99
C LEU E 110 18.60 18.36 29.47
N SER E 111 19.80 18.13 28.96
CA SER E 111 20.65 19.21 28.43
C SER E 111 20.79 20.33 29.47
N HIS E 112 21.46 19.97 30.57
CA HIS E 112 21.65 20.86 31.72
C HIS E 112 22.05 22.26 31.29
N SER E 113 22.92 22.36 30.29
CA SER E 113 23.32 23.63 29.70
C SER E 113 22.71 23.70 28.30
N TYR E 114 21.60 24.44 28.19
CA TYR E 114 20.94 24.61 26.90
C TYR E 114 21.71 25.53 25.96
N ALA E 115 22.76 26.19 26.44
CA ALA E 115 23.54 27.08 25.59
C ALA E 115 24.25 26.35 24.47
N GLY E 116 24.36 25.01 24.56
CA GLY E 116 24.98 24.26 23.46
C GLY E 116 24.25 24.48 22.15
N ASP E 117 22.92 24.46 22.18
CA ASP E 117 22.10 24.79 21.03
C ASP E 117 21.58 26.22 21.06
N ALA E 118 21.59 26.86 22.22
CA ALA E 118 21.09 28.23 22.42
C ALA E 118 19.60 28.36 22.14
N ALA E 119 18.89 27.25 21.99
CA ALA E 119 17.46 27.26 21.71
C ALA E 119 16.92 25.86 21.99
N ASN E 120 15.68 25.61 21.57
CA ASN E 120 15.06 24.30 21.67
C ASN E 120 15.27 23.45 20.43
N HIS E 121 16.38 23.66 19.72
CA HIS E 121 16.65 22.93 18.50
C HIS E 121 16.73 21.42 18.77
N CYS E 122 16.74 20.65 17.69
CA CYS E 122 16.78 19.20 17.76
C CYS E 122 18.22 18.70 17.77
N GLY E 123 18.38 17.39 17.89
CA GLY E 123 19.67 16.76 17.93
C GLY E 123 20.28 16.68 19.33
N THR E 124 19.66 17.30 20.32
CA THR E 124 20.17 17.21 21.68
C THR E 124 20.03 15.80 22.21
N VAL E 125 20.89 15.45 23.17
CA VAL E 125 20.93 14.08 23.68
C VAL E 125 19.57 13.68 24.25
N ALA E 126 19.01 14.51 25.13
CA ALA E 126 17.71 14.25 25.74
C ALA E 126 16.62 15.06 25.05
N ASN E 127 16.41 14.76 23.77
CA ASN E 127 15.32 15.36 23.01
C ASN E 127 14.13 14.42 22.84
N GLY E 128 14.37 13.11 22.89
CA GLY E 128 13.31 12.13 22.81
C GLY E 128 12.87 11.62 24.17
N VAL E 129 13.62 11.94 25.22
CA VAL E 129 13.24 11.50 26.56
C VAL E 129 11.88 12.07 26.94
N LEU E 130 11.67 13.37 26.67
CA LEU E 130 10.38 13.97 26.95
C LEU E 130 9.31 13.44 25.99
N GLN E 131 9.69 13.04 24.78
CA GLN E 131 8.74 12.43 23.87
C GLN E 131 8.21 11.12 24.44
N THR E 132 9.11 10.22 24.83
CA THR E 132 8.69 8.93 25.35
C THR E 132 8.15 9.01 26.76
N PHE E 133 8.45 10.09 27.49
CA PHE E 133 7.94 10.23 28.85
C PHE E 133 6.42 10.31 28.85
N MET E 134 5.84 11.04 27.89
CA MET E 134 4.39 11.16 27.84
C MET E 134 3.74 9.81 27.58
N ARG E 135 4.32 9.02 26.68
CA ARG E 135 3.75 7.71 26.35
C ARG E 135 3.78 6.77 27.56
N MET E 136 4.89 6.76 28.30
CA MET E 136 5.03 5.81 29.39
C MET E 136 4.01 6.06 30.48
N ALA E 137 3.70 7.33 30.75
CA ALA E 137 2.84 7.75 31.84
C ALA E 137 1.71 8.61 31.31
N TRP E 138 0.99 8.08 30.31
CA TRP E 138 -0.06 8.80 29.60
C TRP E 138 -0.96 9.57 30.57
N GLY E 139 -1.73 8.86 31.39
CA GLY E 139 -2.44 9.44 32.52
C GLY E 139 -3.09 10.79 32.30
N GLY E 140 -3.44 11.10 31.05
CA GLY E 140 -3.82 12.45 30.71
C GLY E 140 -2.68 13.41 31.02
N SER E 141 -1.55 13.23 30.35
CA SER E 141 -0.32 13.94 30.68
C SER E 141 -0.48 15.43 30.41
N TYR E 142 -0.61 16.22 31.48
CA TYR E 142 -0.65 17.68 31.39
C TYR E 142 0.47 18.30 32.22
N ILE E 143 1.56 17.57 32.47
CA ILE E 143 2.65 18.05 33.29
C ILE E 143 3.63 18.84 32.43
N ALA E 144 4.13 18.21 31.37
CA ALA E 144 5.09 18.84 30.46
C ALA E 144 4.42 19.59 29.32
N LEU E 145 3.18 20.02 29.51
CA LEU E 145 2.43 20.74 28.50
C LEU E 145 2.24 22.19 28.93
N ASP E 146 2.28 23.10 27.95
CA ASP E 146 2.17 24.54 28.19
C ASP E 146 0.79 25.07 27.84
N SER E 147 -0.25 24.29 28.17
CA SER E 147 -1.63 24.66 27.90
C SER E 147 -1.95 24.50 26.41
N GLY E 148 -3.24 24.56 26.06
CA GLY E 148 -3.62 24.32 24.69
C GLY E 148 -3.49 22.85 24.33
N GLY E 149 -3.52 22.58 23.03
CA GLY E 149 -3.38 21.24 22.52
C GLY E 149 -2.01 20.97 21.95
N CYS E 150 -1.92 20.94 20.62
CA CYS E 150 -0.65 20.72 19.94
C CYS E 150 0.39 21.78 20.30
N GLY E 151 1.40 21.37 21.05
CA GLY E 151 2.54 22.23 21.31
C GLY E 151 3.87 21.52 21.18
N ASN E 152 4.68 21.96 20.22
CA ASN E 152 6.07 21.54 20.03
C ASN E 152 6.26 20.05 20.35
N TRP E 153 5.53 19.21 19.61
CA TRP E 153 5.50 17.79 19.92
C TRP E 153 6.91 17.20 19.97
N ASP E 154 7.70 17.44 18.92
CA ASP E 154 9.07 16.95 18.87
C ASP E 154 10.04 18.00 19.39
N CYS E 155 11.14 17.53 19.97
CA CYS E 155 12.26 18.40 20.34
C CYS E 155 11.85 19.35 21.48
N ILE E 156 11.21 18.78 22.49
CA ILE E 156 10.70 19.57 23.61
C ILE E 156 11.84 19.92 24.55
N MET E 157 11.79 21.13 25.11
CA MET E 157 12.67 21.53 26.19
C MET E 157 11.82 22.06 27.33
N THR E 158 11.99 21.48 28.52
CA THR E 158 11.23 21.85 29.70
C THR E 158 12.15 22.47 30.75
N SER E 159 11.56 23.28 31.62
CA SER E 159 12.34 23.97 32.64
C SER E 159 13.05 22.98 33.56
N TYR E 160 12.48 21.80 33.76
CA TYR E 160 13.12 20.79 34.58
C TYR E 160 14.42 20.32 33.95
N GLN E 161 15.39 19.98 34.80
CA GLN E 161 16.75 19.66 34.36
C GLN E 161 17.06 18.18 34.36
N TYR E 162 16.42 17.39 35.24
CA TYR E 162 16.76 15.98 35.38
C TYR E 162 15.49 15.16 35.55
N LEU E 163 15.55 13.92 35.06
CA LEU E 163 14.57 12.89 35.37
C LEU E 163 15.27 11.81 36.18
N ILE E 164 14.74 11.52 37.37
CA ILE E 164 15.37 10.60 38.31
C ILE E 164 14.47 9.39 38.49
N ILE E 165 15.08 8.21 38.46
CA ILE E 165 14.38 6.94 38.66
C ILE E 165 14.85 6.36 39.99
N GLN E 166 13.88 5.90 40.81
CA GLN E 166 14.19 5.29 42.10
C GLN E 166 13.26 4.09 42.28
N ASN E 167 13.19 3.58 43.51
CA ASN E 167 12.47 2.35 43.83
C ASN E 167 11.57 2.54 45.04
N THR E 168 10.75 3.61 45.01
CA THR E 168 9.77 3.85 46.06
C THR E 168 8.88 2.63 46.26
N THR E 169 8.26 2.52 47.44
CA THR E 169 7.51 1.31 47.79
C THR E 169 6.01 1.56 47.92
N TRP E 170 5.57 2.43 48.84
CA TRP E 170 4.14 2.57 49.10
C TRP E 170 3.88 3.85 49.87
N GLU E 171 3.17 4.81 49.24
CA GLU E 171 2.55 5.90 50.00
C GLU E 171 1.20 6.30 49.41
N ASP E 172 0.47 5.35 48.81
CA ASP E 172 -0.88 5.58 48.30
C ASP E 172 -0.88 6.70 47.25
N HIS E 173 -0.24 6.39 46.12
CA HIS E 173 -0.05 7.33 45.03
C HIS E 173 -1.18 7.20 44.01
N CYS E 174 -0.99 7.77 42.82
CA CYS E 174 -1.99 7.77 41.75
C CYS E 174 -3.25 8.54 42.15
N GLN E 175 -3.05 9.84 42.38
CA GLN E 175 -4.14 10.76 42.71
C GLN E 175 -4.77 11.38 41.47
N PHE E 176 -3.96 12.03 40.63
CA PHE E 176 -4.52 12.81 39.52
C PHE E 176 -5.19 11.89 38.50
N SER E 177 -4.61 10.73 38.24
CA SER E 177 -5.14 9.79 37.26
C SER E 177 -5.10 8.37 37.83
N ARG E 178 -5.98 7.52 37.32
CA ARG E 178 -5.99 6.11 37.70
C ARG E 178 -4.80 5.39 37.07
N PRO E 179 -4.43 4.23 37.61
CA PRO E 179 -3.37 3.44 36.96
C PRO E 179 -3.76 3.07 35.54
N SER E 180 -2.77 3.05 34.64
CA SER E 180 -2.98 2.79 33.22
C SER E 180 -1.86 1.91 32.68
N PRO E 181 -2.17 0.76 32.07
CA PRO E 181 -1.12 -0.04 31.43
C PRO E 181 -0.94 0.24 29.95
N ILE E 182 -1.83 1.02 29.33
CA ILE E 182 -1.74 1.24 27.88
C ILE E 182 -0.43 1.90 27.52
N GLY E 183 0.05 2.82 28.37
CA GLY E 183 1.29 3.52 28.07
C GLY E 183 2.47 2.58 27.91
N TYR E 184 2.61 1.62 28.83
CA TYR E 184 3.74 0.71 28.76
C TYR E 184 3.65 -0.19 27.54
N LEU E 185 2.44 -0.66 27.20
CA LEU E 185 2.31 -1.61 26.10
C LEU E 185 2.74 -1.00 24.78
N GLY E 186 2.42 0.28 24.55
CA GLY E 186 2.76 0.91 23.29
C GLY E 186 4.25 0.92 23.02
N LEU E 187 5.03 1.33 24.02
CA LEU E 187 6.48 1.32 23.85
C LEU E 187 7.01 -0.11 23.73
N LEU E 188 6.51 -1.02 24.56
CA LEU E 188 6.95 -2.42 24.48
C LEU E 188 6.49 -3.08 23.19
N SER E 189 5.34 -2.66 22.67
CA SER E 189 4.83 -3.26 21.43
C SER E 189 5.58 -2.79 20.19
N GLN E 190 6.28 -1.65 20.27
CA GLN E 190 7.04 -1.12 19.15
C GLN E 190 8.50 -1.55 19.15
N ARG E 191 8.92 -2.37 20.10
CA ARG E 191 10.31 -2.77 20.24
C ARG E 191 10.42 -4.27 20.52
N THR E 192 9.66 -5.08 19.81
CA THR E 192 9.74 -6.53 19.99
C THR E 192 9.05 -7.22 18.82
N ARG E 193 9.46 -8.45 18.56
CA ARG E 193 8.87 -9.31 17.54
C ARG E 193 8.29 -10.54 18.23
N ASP E 194 7.02 -10.83 17.95
CA ASP E 194 6.34 -11.95 18.57
C ASP E 194 5.20 -12.43 17.68
N ILE E 195 4.76 -13.66 17.93
CA ILE E 195 3.72 -14.30 17.14
C ILE E 195 2.72 -14.95 18.10
N TYR E 196 1.49 -15.15 17.59
CA TYR E 196 0.40 -15.74 18.35
C TYR E 196 -0.30 -16.81 17.50
N ILE E 197 0.48 -17.79 17.05
CA ILE E 197 0.01 -18.87 16.20
C ILE E 197 -1.38 -19.34 16.64
N SER E 198 -2.28 -19.55 15.68
CA SER E 198 -3.67 -19.85 15.95
C SER E 198 -3.82 -21.05 16.87
N ARG E 199 -4.34 -20.82 18.07
CA ARG E 199 -4.60 -21.88 19.04
C ARG E 199 -6.05 -22.35 19.01
N ARG E 200 -7.00 -21.42 19.07
CA ARG E 200 -8.42 -21.72 19.03
C ARG E 200 -8.90 -21.70 17.58
N ARG E 201 -10.22 -21.69 17.39
CA ARG E 201 -10.79 -21.76 16.05
C ARG E 201 -10.28 -20.63 15.18
N ARG E 202 -9.94 -20.96 13.93
CA ARG E 202 -9.44 -20.00 12.97
C ARG E 202 -8.16 -19.33 13.48
N GLY F 1 -8.13 -16.88 15.50
CA GLY F 1 -7.16 -16.41 16.47
C GLY F 1 -5.75 -16.38 15.93
N THR F 2 -5.62 -15.98 14.66
CA THR F 2 -4.29 -15.92 14.04
C THR F 2 -3.40 -14.93 14.78
N PHE F 3 -3.90 -13.73 15.04
CA PHE F 3 -3.18 -12.71 15.79
C PHE F 3 -3.88 -12.33 17.09
N THR F 4 -5.20 -12.20 17.08
CA THR F 4 -5.94 -11.75 18.24
C THR F 4 -5.95 -12.81 19.33
N TRP F 5 -5.96 -12.35 20.58
CA TRP F 5 -6.16 -13.23 21.72
C TRP F 5 -7.65 -13.50 21.85
N THR F 6 -8.08 -14.68 21.38
CA THR F 6 -9.49 -15.00 21.34
C THR F 6 -10.07 -14.98 22.75
N LEU F 7 -11.28 -14.43 22.87
CA LEU F 7 -11.93 -14.27 24.16
C LEU F 7 -12.61 -15.57 24.55
N SER F 8 -12.12 -16.19 25.63
CA SER F 8 -12.77 -17.38 26.16
C SER F 8 -14.01 -16.97 26.93
N ASP F 9 -15.17 -17.40 26.47
CA ASP F 9 -16.43 -16.96 27.06
C ASP F 9 -16.59 -17.50 28.48
N SER F 10 -17.21 -16.68 29.32
CA SER F 10 -17.60 -17.09 30.67
C SER F 10 -19.04 -17.59 30.63
N GLU F 11 -19.30 -18.71 31.30
CA GLU F 11 -20.63 -19.31 31.22
C GLU F 11 -21.70 -18.34 31.70
N GLY F 12 -21.47 -17.66 32.81
CA GLY F 12 -22.35 -16.60 33.28
C GLY F 12 -23.82 -16.91 33.23
N LYS F 13 -24.54 -16.20 32.35
CA LYS F 13 -25.97 -16.44 32.19
C LYS F 13 -26.23 -17.88 31.78
N ASP F 14 -25.51 -18.38 30.77
CA ASP F 14 -25.60 -19.76 30.34
C ASP F 14 -24.42 -20.12 29.44
N THR F 15 -24.53 -20.03 28.12
CA THR F 15 -23.35 -20.18 27.27
C THR F 15 -23.57 -19.48 25.93
N PRO F 16 -23.83 -18.17 25.92
CA PRO F 16 -24.18 -17.47 24.69
C PRO F 16 -23.00 -16.93 23.88
N GLY F 17 -21.77 -17.32 24.22
CA GLY F 17 -20.61 -16.73 23.60
C GLY F 17 -20.39 -15.30 24.04
N GLY F 18 -20.09 -15.11 25.33
CA GLY F 18 -19.89 -13.78 25.86
C GLY F 18 -19.04 -13.82 27.12
N TYR F 19 -18.51 -12.65 27.47
CA TYR F 19 -17.65 -12.49 28.64
C TYR F 19 -18.42 -11.83 29.77
N CYS F 20 -18.10 -12.22 31.00
CA CYS F 20 -18.69 -11.66 32.21
C CYS F 20 -17.63 -10.95 33.02
N LEU F 21 -17.90 -9.69 33.37
CA LEU F 21 -17.02 -8.91 34.23
C LEU F 21 -17.50 -8.99 35.68
N THR F 22 -16.53 -9.00 36.59
CA THR F 22 -16.81 -9.13 38.02
C THR F 22 -16.80 -7.78 38.71
N ARG F 23 -17.24 -7.78 39.96
CA ARG F 23 -17.35 -6.53 40.72
C ARG F 23 -15.98 -5.92 41.00
N TRP F 24 -14.97 -6.75 41.29
CA TRP F 24 -13.68 -6.25 41.73
C TRP F 24 -12.79 -5.74 40.60
N MET F 25 -13.35 -5.51 39.40
CA MET F 25 -12.60 -4.92 38.31
C MET F 25 -13.25 -3.66 37.74
N LEU F 26 -14.44 -3.28 38.23
CA LEU F 26 -15.09 -2.04 37.82
C LEU F 26 -15.41 -1.23 39.06
N ILE F 27 -15.06 0.05 39.05
CA ILE F 27 -15.26 0.92 40.20
C ILE F 27 -16.71 1.39 40.24
N GLU F 28 -17.30 1.37 41.43
CA GLU F 28 -18.69 1.75 41.62
C GLU F 28 -19.60 0.96 40.69
N ALA F 29 -19.59 -0.36 40.88
CA ALA F 29 -20.17 -1.26 39.89
C ALA F 29 -20.59 -2.55 40.57
N GLU F 30 -21.46 -3.30 39.87
CA GLU F 30 -21.87 -4.62 40.28
C GLU F 30 -21.64 -5.61 39.13
N LEU F 31 -22.16 -6.83 39.27
CA LEU F 31 -21.94 -7.85 38.25
C LEU F 31 -22.72 -7.52 36.98
N LYS F 32 -22.06 -7.69 35.83
CA LYS F 32 -22.70 -7.61 34.52
C LYS F 32 -22.18 -8.74 33.65
N CYS F 33 -22.82 -8.92 32.50
CA CYS F 33 -22.44 -9.94 31.55
C CYS F 33 -22.83 -9.51 30.14
N PHE F 34 -22.18 -10.12 29.16
CA PHE F 34 -22.44 -9.88 27.76
C PHE F 34 -22.76 -11.20 27.07
N GLY F 35 -23.18 -11.12 25.81
CA GLY F 35 -23.55 -12.30 25.05
C GLY F 35 -23.19 -12.19 23.59
N ASN F 36 -24.03 -12.77 22.73
CA ASN F 36 -23.77 -12.75 21.30
C ASN F 36 -23.83 -11.32 20.76
N THR F 37 -23.08 -11.07 19.70
CA THR F 37 -22.93 -9.81 19.01
C THR F 37 -22.01 -8.85 19.77
N ALA F 38 -21.58 -9.19 20.98
CA ALA F 38 -20.68 -8.34 21.76
C ALA F 38 -19.23 -8.79 21.64
N VAL F 39 -18.94 -10.04 21.99
CA VAL F 39 -17.59 -10.56 21.84
C VAL F 39 -17.36 -11.06 20.42
N ALA F 40 -18.41 -11.51 19.74
CA ALA F 40 -18.26 -11.95 18.36
C ALA F 40 -17.82 -10.80 17.46
N LYS F 41 -18.39 -9.61 17.67
CA LYS F 41 -18.02 -8.45 16.86
C LYS F 41 -16.61 -7.96 17.18
N CYS F 42 -16.04 -8.34 18.31
CA CYS F 42 -14.68 -7.94 18.63
C CYS F 42 -13.69 -8.50 17.62
N ASN F 43 -13.94 -9.70 17.12
CA ASN F 43 -13.03 -10.36 16.19
C ASN F 43 -13.07 -9.74 14.79
N GLU F 44 -14.03 -8.88 14.50
CA GLU F 44 -14.15 -8.24 13.20
C GLU F 44 -13.58 -6.83 13.18
N LYS F 45 -14.04 -5.97 14.10
CA LYS F 45 -13.57 -4.59 14.20
C LYS F 45 -12.80 -4.43 15.51
N HIS F 46 -11.60 -3.87 15.41
CA HIS F 46 -10.76 -3.62 16.59
C HIS F 46 -10.63 -2.15 16.91
N ASP F 47 -11.49 -1.29 16.35
CA ASP F 47 -11.63 0.05 16.90
C ASP F 47 -11.98 0.00 18.37
N GLU F 48 -12.75 -1.01 18.77
CA GLU F 48 -13.33 -1.06 20.11
C GLU F 48 -12.21 -1.18 21.14
N GLU F 49 -11.94 -0.10 21.86
CA GLU F 49 -10.97 -0.17 22.94
C GLU F 49 -11.40 -1.16 24.00
N PHE F 50 -12.71 -1.35 24.16
CA PHE F 50 -13.21 -2.33 25.12
C PHE F 50 -12.75 -3.74 24.76
N CYS F 51 -12.86 -4.11 23.48
CA CYS F 51 -12.44 -5.44 23.05
C CYS F 51 -10.96 -5.65 23.32
N ASP F 52 -10.13 -4.67 22.97
CA ASP F 52 -8.71 -4.77 23.29
C ASP F 52 -8.49 -4.81 24.80
N MET F 53 -9.25 -3.99 25.54
CA MET F 53 -9.18 -4.06 27.00
C MET F 53 -9.67 -5.42 27.50
N LEU F 54 -10.71 -5.97 26.87
CA LEU F 54 -11.21 -7.27 27.29
C LEU F 54 -10.14 -8.34 27.15
N ARG F 55 -9.37 -8.30 26.06
CA ARG F 55 -8.33 -9.29 25.86
C ARG F 55 -7.31 -9.24 26.98
N LEU F 56 -6.89 -8.04 27.39
CA LEU F 56 -6.00 -7.92 28.53
C LEU F 56 -6.65 -8.45 29.80
N PHE F 57 -7.93 -8.12 30.02
CA PHE F 57 -8.63 -8.65 31.18
C PHE F 57 -8.76 -10.16 31.10
N ASP F 58 -9.10 -10.68 29.92
CA ASP F 58 -9.28 -12.11 29.76
C ASP F 58 -7.96 -12.86 29.92
N PHE F 59 -6.90 -12.37 29.27
CA PHE F 59 -5.64 -13.09 29.29
C PHE F 59 -5.09 -13.18 30.70
N ASN F 60 -4.99 -12.04 31.39
CA ASN F 60 -4.44 -12.05 32.74
C ASN F 60 -5.28 -12.90 33.67
N LYS F 61 -6.60 -12.93 33.44
CA LYS F 61 -7.46 -13.80 34.24
C LYS F 61 -7.08 -15.26 34.05
N GLN F 62 -6.82 -15.66 32.81
CA GLN F 62 -6.33 -17.01 32.54
C GLN F 62 -4.87 -17.15 32.96
N ALA F 63 -4.08 -16.08 32.81
CA ALA F 63 -2.64 -16.17 33.00
C ALA F 63 -2.26 -16.52 34.44
N ILE F 64 -3.15 -16.28 35.41
CA ILE F 64 -2.82 -16.65 36.79
C ILE F 64 -2.63 -18.16 36.90
N GLN F 65 -3.46 -18.93 36.20
CA GLN F 65 -3.25 -20.38 36.10
C GLN F 65 -3.83 -20.85 34.77
N ARG F 66 -2.95 -21.00 33.78
CA ARG F 66 -3.33 -21.57 32.48
C ARG F 66 -2.08 -21.77 31.62
N CYS F 67 -1.69 -20.75 30.85
CA CYS F 67 -0.48 -20.85 30.04
C CYS F 67 0.74 -21.06 30.93
N LYS F 68 0.87 -20.27 31.98
CA LYS F 68 1.90 -20.45 32.99
C LYS F 68 1.36 -19.89 34.31
N ALA F 69 1.92 -20.39 35.41
CA ALA F 69 1.53 -19.95 36.75
C ALA F 69 2.77 -19.66 37.58
N PRO F 70 3.54 -18.63 37.22
CA PRO F 70 4.68 -18.23 38.05
C PRO F 70 4.30 -17.14 39.05
N ALA F 71 5.18 -16.95 40.03
CA ALA F 71 5.12 -15.83 40.95
C ALA F 71 6.12 -14.74 40.58
N GLN F 72 6.57 -14.72 39.32
CA GLN F 72 7.62 -13.82 38.85
C GLN F 72 7.06 -12.61 38.13
N MET F 73 5.82 -12.22 38.44
CA MET F 73 5.11 -11.09 37.86
C MET F 73 4.72 -11.30 36.40
N SER F 74 5.08 -12.45 35.81
CA SER F 74 4.66 -12.79 34.45
C SER F 74 5.07 -11.72 33.43
N ILE F 75 6.19 -11.03 33.68
CA ILE F 75 6.64 -10.01 32.75
C ILE F 75 7.12 -10.64 31.46
N GLN F 76 7.82 -11.77 31.56
CA GLN F 76 8.36 -12.43 30.36
C GLN F 76 7.25 -13.00 29.49
N LEU F 77 6.13 -13.41 30.08
CA LEU F 77 5.08 -14.06 29.32
C LEU F 77 4.55 -13.14 28.22
N ILE F 78 3.95 -12.01 28.62
CA ILE F 78 3.32 -11.12 27.65
C ILE F 78 4.34 -10.29 26.88
N ASN F 79 5.60 -10.28 27.32
CA ASN F 79 6.64 -9.61 26.54
C ASN F 79 6.74 -10.18 25.13
N LYS F 80 6.35 -11.44 24.95
CA LYS F 80 6.27 -12.08 23.64
C LYS F 80 4.82 -12.32 23.22
N ALA F 81 3.87 -11.55 23.77
CA ALA F 81 2.48 -11.60 23.35
C ALA F 81 1.86 -10.21 23.34
N VAL F 82 2.69 -9.18 23.16
CA VAL F 82 2.20 -7.80 23.28
C VAL F 82 1.18 -7.48 22.19
N ASN F 83 1.46 -7.88 20.95
CA ASN F 83 0.60 -7.47 19.86
C ASN F 83 -0.71 -8.22 19.84
N ALA F 84 -0.72 -9.48 20.31
CA ALA F 84 -1.94 -10.27 20.27
C ALA F 84 -3.03 -9.66 21.16
N LEU F 85 -2.64 -9.19 22.35
CA LEU F 85 -3.64 -8.72 23.31
C LEU F 85 -4.30 -7.43 22.85
N ILE F 86 -3.50 -6.46 22.40
CA ILE F 86 -4.02 -5.18 21.92
C ILE F 86 -3.29 -4.80 20.64
N ASN F 87 -3.92 -3.92 19.87
CA ASN F 87 -3.35 -3.43 18.62
C ASN F 87 -2.58 -2.15 18.89
N ASP F 88 -1.28 -2.17 18.56
CA ASP F 88 -0.45 -0.99 18.82
C ASP F 88 -0.92 0.22 18.04
N GLN F 89 -1.52 0.00 16.86
CA GLN F 89 -1.98 1.12 16.05
C GLN F 89 -3.08 1.90 16.77
N LEU F 90 -4.01 1.20 17.41
CA LEU F 90 -5.13 1.88 18.07
C LEU F 90 -4.63 2.76 19.21
N ILE F 91 -3.82 2.20 20.11
CA ILE F 91 -3.36 2.97 21.26
C ILE F 91 -2.47 4.13 20.82
N MET F 92 -1.68 3.93 19.77
CA MET F 92 -0.92 5.05 19.21
C MET F 92 -1.84 6.09 18.61
N LYS F 93 -3.00 5.67 18.11
CA LYS F 93 -3.93 6.61 17.49
C LYS F 93 -4.52 7.57 18.54
N ASN F 94 -4.84 7.06 19.72
CA ASN F 94 -5.36 7.93 20.78
C ASN F 94 -4.33 9.01 21.13
N HIS F 95 -3.05 8.66 21.09
CA HIS F 95 -2.00 9.65 21.31
C HIS F 95 -2.04 10.72 20.22
N LEU F 96 -2.26 10.32 18.97
CA LEU F 96 -2.39 11.30 17.90
C LEU F 96 -3.58 12.20 18.12
N ARG F 97 -4.63 11.70 18.77
CA ARG F 97 -5.77 12.55 19.11
C ARG F 97 -5.46 13.45 20.29
N ASP F 98 -4.67 12.95 21.25
CA ASP F 98 -4.32 13.76 22.42
C ASP F 98 -3.52 15.00 22.04
N ILE F 99 -2.62 14.87 21.07
CA ILE F 99 -1.62 15.91 20.85
C ILE F 99 -2.29 17.21 20.41
N MET F 100 -3.26 17.14 19.51
CA MET F 100 -3.80 18.33 18.86
C MET F 100 -5.18 18.71 19.39
N GLY F 101 -5.58 18.21 20.56
CA GLY F 101 -6.75 18.70 21.25
C GLY F 101 -8.05 18.02 20.90
N ILE F 102 -8.11 17.30 19.78
CA ILE F 102 -9.35 16.58 19.47
C ILE F 102 -9.61 15.55 20.57
N PRO F 103 -10.82 15.43 21.11
CA PRO F 103 -11.01 14.59 22.30
C PRO F 103 -10.65 13.14 22.04
N TYR F 104 -10.07 12.51 23.06
CA TYR F 104 -9.61 11.13 23.00
C TYR F 104 -10.09 10.39 24.23
N CYS F 105 -10.17 9.07 24.12
CA CYS F 105 -10.55 8.22 25.24
C CYS F 105 -9.30 7.54 25.80
N ASN F 106 -9.07 7.70 27.11
CA ASN F 106 -7.88 7.19 27.77
C ASN F 106 -8.13 5.83 28.42
N TYR F 107 -9.03 5.03 27.87
CA TYR F 107 -9.24 3.65 28.30
C TYR F 107 -9.66 3.58 29.77
N SER F 108 -10.50 4.53 30.19
CA SER F 108 -11.03 4.55 31.54
C SER F 108 -12.55 4.49 31.59
N LYS F 109 -13.23 5.32 30.80
CA LYS F 109 -14.68 5.44 30.83
C LYS F 109 -15.29 4.96 29.52
N TYR F 110 -16.45 4.30 29.62
CA TYR F 110 -17.14 3.76 28.47
C TYR F 110 -18.62 4.08 28.60
N TRP F 111 -19.31 4.07 27.45
CA TRP F 111 -20.74 4.32 27.39
C TRP F 111 -21.40 3.33 26.44
N TYR F 112 -22.67 3.05 26.68
CA TYR F 112 -23.42 2.14 25.82
C TYR F 112 -24.91 2.30 26.09
N LEU F 113 -25.71 1.78 25.16
CA LEU F 113 -27.16 1.80 25.26
C LEU F 113 -27.66 0.45 25.78
N ASN F 114 -28.77 0.49 26.51
CA ASN F 114 -29.35 -0.72 27.07
C ASN F 114 -30.84 -0.47 27.32
N HIS F 115 -31.68 -1.09 26.50
CA HIS F 115 -33.12 -0.98 26.65
C HIS F 115 -33.64 -1.97 27.70
N THR F 116 -34.85 -1.71 28.18
CA THR F 116 -35.47 -2.50 29.23
C THR F 116 -36.43 -3.56 28.71
N THR F 117 -36.58 -3.70 27.40
CA THR F 117 -37.54 -4.66 26.85
C THR F 117 -36.95 -6.07 26.82
N THR F 118 -35.89 -6.26 26.05
CA THR F 118 -35.22 -7.55 25.94
C THR F 118 -33.93 -7.64 26.74
N GLY F 119 -33.37 -6.51 27.16
CA GLY F 119 -32.14 -6.48 27.91
C GLY F 119 -30.87 -6.52 27.09
N ARG F 120 -30.98 -6.50 25.76
CA ARG F 120 -29.79 -6.53 24.92
C ARG F 120 -28.98 -5.26 25.13
N THR F 121 -27.66 -5.40 25.09
CA THR F 121 -26.73 -4.31 25.32
C THR F 121 -26.06 -3.91 24.02
N SER F 122 -25.28 -2.83 24.09
CA SER F 122 -24.51 -2.32 22.97
C SER F 122 -23.03 -2.42 23.31
N LEU F 123 -22.21 -2.75 22.30
CA LEU F 123 -20.77 -2.85 22.46
C LEU F 123 -20.25 -1.51 22.97
N PRO F 124 -19.78 -1.41 24.23
CA PRO F 124 -19.54 -0.08 24.80
C PRO F 124 -18.35 0.66 24.22
N LYS F 125 -18.61 1.67 23.40
CA LYS F 125 -17.55 2.48 22.82
C LYS F 125 -16.86 3.31 23.90
N CYS F 126 -15.56 3.52 23.72
CA CYS F 126 -14.79 4.30 24.68
C CYS F 126 -15.31 5.73 24.74
N TRP F 127 -15.46 6.24 25.96
CA TRP F 127 -15.95 7.60 26.16
C TRP F 127 -14.78 8.56 26.01
N LEU F 128 -14.83 9.41 24.99
CA LEU F 128 -13.76 10.38 24.76
C LEU F 128 -13.72 11.37 25.93
N VAL F 129 -12.51 11.65 26.41
CA VAL F 129 -12.28 12.54 27.53
C VAL F 129 -11.31 13.63 27.09
N SER F 130 -11.66 14.88 27.40
CA SER F 130 -10.83 16.03 27.11
C SER F 130 -10.24 16.55 28.42
N ASN F 131 -9.55 17.70 28.34
CA ASN F 131 -8.98 18.29 29.55
C ASN F 131 -10.06 18.60 30.57
N GLY F 132 -11.18 19.16 30.11
CA GLY F 132 -12.28 19.47 31.00
C GLY F 132 -13.19 18.29 31.28
N SER F 133 -12.62 17.24 31.89
CA SER F 133 -13.38 16.05 32.26
C SER F 133 -13.99 15.38 31.05
N TYR F 134 -14.83 14.37 31.27
CA TYR F 134 -15.47 13.67 30.18
C TYR F 134 -16.56 14.53 29.56
N LEU F 135 -16.93 14.21 28.32
CA LEU F 135 -18.07 14.85 27.69
C LEU F 135 -19.35 14.47 28.43
N ASN F 136 -20.29 15.42 28.45
CA ASN F 136 -21.53 15.26 29.24
C ASN F 136 -22.70 14.80 28.38
N GLU F 137 -22.46 13.93 27.40
CA GLU F 137 -23.46 13.29 26.57
C GLU F 137 -24.01 14.22 25.48
N THR F 138 -23.56 15.47 25.42
CA THR F 138 -24.09 16.45 24.49
C THR F 138 -23.22 16.65 23.26
N HIS F 139 -21.90 16.52 23.39
CA HIS F 139 -20.99 16.79 22.28
C HIS F 139 -20.88 15.62 21.30
N PHE F 140 -21.36 14.44 21.66
CA PHE F 140 -21.30 13.26 20.79
C PHE F 140 -22.63 12.53 20.75
N SER F 141 -23.73 13.26 20.95
CA SER F 141 -25.05 12.64 20.91
C SER F 141 -25.36 12.08 19.53
N ASP F 142 -24.75 12.63 18.49
CA ASP F 142 -24.98 12.12 17.14
C ASP F 142 -24.51 10.67 17.03
N ASP F 143 -23.36 10.34 17.61
CA ASP F 143 -22.88 8.97 17.57
C ASP F 143 -23.82 8.05 18.34
N ILE F 144 -24.37 8.54 19.46
CA ILE F 144 -25.34 7.75 20.21
C ILE F 144 -26.56 7.47 19.33
N GLU F 145 -27.02 8.48 18.59
CA GLU F 145 -28.15 8.28 17.69
C GLU F 145 -27.84 7.22 16.64
N GLN F 146 -26.61 7.24 16.11
CA GLN F 146 -26.22 6.24 15.11
C GLN F 146 -26.29 4.84 15.69
N GLN F 147 -25.79 4.65 16.91
CA GLN F 147 -25.86 3.34 17.55
C GLN F 147 -27.30 2.94 17.79
N ALA F 148 -28.14 3.88 18.23
CA ALA F 148 -29.56 3.58 18.42
C ALA F 148 -30.20 3.18 17.10
N ASP F 149 -29.91 3.91 16.02
CA ASP F 149 -30.38 3.51 14.71
C ASP F 149 -29.77 2.17 14.28
N ASN F 150 -28.48 1.98 14.56
CA ASN F 150 -27.84 0.72 14.23
C ASN F 150 -28.45 -0.44 15.01
N MET F 151 -28.89 -0.20 16.25
CA MET F 151 -29.56 -1.24 17.01
C MET F 151 -30.85 -1.69 16.33
N ILE F 152 -31.58 -0.74 15.75
CA ILE F 152 -32.82 -1.08 15.06
C ILE F 152 -32.53 -2.00 13.88
N THR F 153 -31.48 -1.71 13.12
CA THR F 153 -31.13 -2.57 11.99
C THR F 153 -30.79 -3.97 12.46
N GLU F 154 -30.06 -4.10 13.56
CA GLU F 154 -29.79 -5.42 14.12
C GLU F 154 -31.07 -6.11 14.56
N MET F 155 -32.07 -5.34 14.99
CA MET F 155 -33.35 -5.92 15.35
C MET F 155 -34.01 -6.58 14.14
N LEU F 156 -33.81 -6.02 12.95
CA LEU F 156 -34.37 -6.63 11.74
C LEU F 156 -33.76 -8.01 11.52
N GLN F 157 -32.46 -8.17 11.78
CA GLN F 157 -31.84 -9.47 11.64
C GLN F 157 -32.47 -10.49 12.58
N LYS F 158 -32.75 -10.09 13.82
CA LYS F 158 -33.41 -10.99 14.76
C LYS F 158 -34.80 -11.36 14.27
N GLU F 159 -35.55 -10.39 13.76
CA GLU F 159 -36.90 -10.63 13.25
C GLU F 159 -36.86 -11.39 11.93
N ALA G 1 21.05 10.41 8.28
CA ALA G 1 21.01 11.26 9.51
C ALA G 1 21.72 10.57 10.67
N TRP G 2 22.68 11.28 11.26
CA TRP G 2 23.46 10.75 12.39
C TRP G 2 24.11 9.41 12.02
N GLN G 3 24.99 9.46 11.03
CA GLN G 3 25.63 8.25 10.57
C GLN G 3 26.49 7.66 11.69
N LEU G 4 26.95 6.42 11.46
CA LEU G 4 27.72 5.68 12.46
C LEU G 4 29.13 6.27 12.51
N VAL G 5 29.27 7.35 13.28
CA VAL G 5 30.57 7.96 13.47
C VAL G 5 31.47 6.96 14.20
N GLU G 6 32.77 7.01 13.88
CA GLU G 6 33.75 6.11 14.46
C GLU G 6 35.03 6.88 14.76
N SER G 7 35.61 6.59 15.93
CA SER G 7 36.84 7.24 16.35
C SER G 7 37.57 6.31 17.31
N GLY G 8 38.88 6.53 17.43
CA GLY G 8 39.72 5.76 18.33
C GLY G 8 41.04 5.32 17.72
N GLY G 9 41.20 5.53 16.41
CA GLY G 9 42.41 5.12 15.73
C GLY G 9 43.52 6.15 15.85
N GLY G 10 44.62 5.85 15.19
CA GLY G 10 45.77 6.73 15.20
C GLY G 10 47.02 6.00 14.74
N SER G 11 48.11 6.76 14.71
CA SER G 11 49.42 6.24 14.31
C SER G 11 50.14 5.74 15.56
N VAL G 12 50.35 4.44 15.65
CA VAL G 12 50.97 3.81 16.81
C VAL G 12 51.99 2.78 16.35
N GLN G 13 52.91 2.44 17.25
CA GLN G 13 53.94 1.47 16.97
C GLN G 13 53.37 0.05 17.00
N PRO G 14 54.08 -0.92 16.40
CA PRO G 14 53.58 -2.29 16.42
C PRO G 14 53.52 -2.84 17.84
N GLY G 15 52.58 -3.76 18.07
CA GLY G 15 52.42 -4.40 19.36
C GLY G 15 51.62 -3.62 20.38
N GLY G 16 50.95 -2.54 19.97
CA GLY G 16 50.16 -1.75 20.90
C GLY G 16 48.81 -2.36 21.19
N SER G 17 48.10 -1.73 22.12
CA SER G 17 46.76 -2.14 22.54
C SER G 17 45.85 -0.93 22.40
N LEU G 18 45.24 -0.78 21.22
CA LEU G 18 44.41 0.37 20.90
C LEU G 18 42.94 -0.03 20.88
N THR G 19 42.09 0.92 21.23
CA THR G 19 40.65 0.71 21.32
C THR G 19 39.92 1.62 20.34
N LEU G 20 38.83 1.12 19.77
CA LEU G 20 38.00 1.84 18.83
C LEU G 20 36.58 1.94 19.38
N THR G 21 35.79 2.81 18.76
CA THR G 21 34.40 3.02 19.19
C THR G 21 33.58 3.44 17.98
N CYS G 22 32.26 3.25 18.11
CA CYS G 22 31.33 3.60 17.03
C CYS G 22 29.93 3.74 17.63
N GLN G 23 29.33 4.92 17.45
CA GLN G 23 28.00 5.19 17.97
C GLN G 23 26.95 4.92 16.91
N ALA G 24 25.68 5.10 17.27
CA ALA G 24 24.57 4.89 16.36
C ALA G 24 23.47 5.88 16.69
N SER G 25 22.31 5.71 16.08
CA SER G 25 21.18 6.62 16.26
C SER G 25 19.93 5.93 15.72
N LYS G 26 18.84 6.70 15.63
CA LYS G 26 17.56 6.29 15.05
C LYS G 26 16.83 5.24 15.87
N SER G 27 17.30 4.95 17.09
CA SER G 27 16.60 4.03 17.99
C SER G 27 16.40 2.65 17.36
N THR G 28 17.33 2.24 16.50
CA THR G 28 17.33 0.91 15.89
C THR G 28 18.72 0.33 16.12
N PHE G 29 18.96 -0.17 17.34
CA PHE G 29 20.26 -0.71 17.70
C PHE G 29 20.19 -2.08 18.37
N SER G 30 19.07 -2.47 18.97
CA SER G 30 18.96 -3.75 19.65
C SER G 30 18.44 -4.87 18.77
N THR G 31 18.01 -4.57 17.54
CA THR G 31 17.50 -5.58 16.62
C THR G 31 18.25 -5.62 15.30
N SER G 32 18.62 -4.46 14.76
CA SER G 32 19.35 -4.43 13.49
C SER G 32 20.78 -4.89 13.69
N GLY G 33 21.31 -5.58 12.68
CA GLY G 33 22.68 -6.04 12.73
C GLY G 33 23.67 -4.94 12.39
N MET G 34 24.96 -5.28 12.56
CA MET G 34 26.02 -4.34 12.23
C MET G 34 27.23 -5.11 11.72
N ARG G 35 28.08 -4.40 10.97
CA ARG G 35 29.28 -4.96 10.39
C ARG G 35 30.47 -4.06 10.67
N TRP G 36 31.64 -4.52 10.23
CA TRP G 36 32.86 -3.72 10.24
C TRP G 36 33.66 -4.09 9.00
N GLU G 37 34.23 -3.08 8.35
CA GLU G 37 34.96 -3.28 7.11
C GLU G 37 36.22 -2.42 7.11
N ARG G 38 37.23 -2.90 6.41
CA ARG G 38 38.48 -2.17 6.21
C ARG G 38 38.76 -2.04 4.73
N GLN G 39 39.22 -0.86 4.32
CA GLN G 39 39.48 -0.55 2.91
C GLN G 39 40.95 -0.18 2.79
N ALA G 40 41.79 -1.18 2.55
CA ALA G 40 43.21 -0.94 2.29
C ALA G 40 43.36 -0.18 0.99
N GLN G 41 44.30 0.77 0.96
CA GLN G 41 44.49 1.59 -0.24
C GLN G 41 44.84 0.71 -1.43
N GLY G 42 44.20 0.99 -2.56
CA GLY G 42 44.35 0.19 -3.76
C GLY G 42 43.33 -0.92 -3.91
N LYS G 43 42.48 -1.15 -2.91
CA LYS G 43 41.46 -2.18 -2.99
C LYS G 43 40.24 -1.71 -2.20
N GLY G 44 39.07 -2.19 -2.60
CA GLY G 44 37.83 -1.82 -1.94
C GLY G 44 37.69 -2.39 -0.55
N VAL G 45 36.46 -2.47 -0.06
CA VAL G 45 36.20 -2.92 1.30
C VAL G 45 36.22 -4.45 1.36
N GLU G 46 36.46 -4.97 2.55
CA GLU G 46 36.43 -6.41 2.80
C GLU G 46 35.80 -6.66 4.16
N PHE G 47 35.09 -7.78 4.27
CA PHE G 47 34.42 -8.13 5.52
C PHE G 47 35.46 -8.35 6.61
N VAL G 48 35.18 -7.79 7.79
CA VAL G 48 36.08 -7.89 8.94
C VAL G 48 35.33 -8.54 10.10
N ALA G 49 34.25 -7.91 10.54
CA ALA G 49 33.48 -8.39 11.68
C ALA G 49 32.01 -8.13 11.45
N ASP G 50 31.17 -8.91 12.14
CA ASP G 50 29.73 -8.80 12.01
C ASP G 50 29.08 -9.34 13.26
N ILE G 51 28.03 -8.67 13.72
CA ILE G 51 27.27 -9.10 14.90
C ILE G 51 25.82 -8.65 14.70
N SER G 52 24.88 -9.55 14.99
CA SER G 52 23.46 -9.32 14.77
C SER G 52 22.72 -9.34 16.09
N SER G 53 22.03 -8.25 16.40
CA SER G 53 21.18 -8.15 17.59
C SER G 53 22.03 -8.52 18.81
N ASP G 54 21.41 -9.14 19.82
CA ASP G 54 22.17 -9.62 20.97
C ASP G 54 23.19 -10.64 20.51
N SER G 55 24.35 -10.64 21.18
CA SER G 55 25.47 -11.47 20.76
C SER G 55 25.09 -12.94 20.72
N THR G 56 25.07 -13.52 19.52
CA THR G 56 24.80 -14.94 19.31
C THR G 56 25.93 -15.63 18.56
N ARG G 57 26.40 -15.04 17.47
CA ARG G 57 27.53 -15.57 16.72
C ARG G 57 28.35 -14.38 16.22
N LYS G 58 29.58 -14.28 16.70
CA LYS G 58 30.39 -13.08 16.50
C LYS G 58 31.82 -13.44 16.11
N TRP G 59 31.98 -14.38 15.19
CA TRP G 59 33.30 -14.66 14.67
C TRP G 59 33.67 -13.66 13.58
N TYR G 60 34.89 -13.75 13.09
CA TYR G 60 35.45 -12.78 12.17
C TYR G 60 35.83 -13.48 10.86
N SER G 61 36.48 -12.74 9.96
CA SER G 61 36.85 -13.28 8.66
C SER G 61 38.02 -14.25 8.79
N ASP G 62 38.32 -14.93 7.67
CA ASP G 62 39.44 -15.87 7.65
C ASP G 62 40.79 -15.15 7.63
N SER G 63 40.84 -13.95 7.07
CA SER G 63 42.08 -13.18 7.05
C SER G 63 42.49 -12.70 8.44
N VAL G 64 41.61 -12.81 9.43
CA VAL G 64 41.89 -12.36 10.79
C VAL G 64 41.72 -13.50 11.79
N LYS G 65 40.62 -14.25 11.69
CA LYS G 65 40.34 -15.39 12.56
C LYS G 65 40.48 -15.06 14.04
N GLY G 66 40.31 -13.79 14.40
CA GLY G 66 40.32 -13.39 15.79
C GLY G 66 41.63 -12.77 16.23
N ARG G 67 41.68 -11.44 16.24
CA ARG G 67 42.74 -10.69 16.88
C ARG G 67 42.24 -9.58 17.78
N PHE G 68 40.98 -9.17 17.65
CA PHE G 68 40.32 -8.23 18.55
C PHE G 68 38.97 -8.82 18.93
N THR G 69 38.21 -8.06 19.73
CA THR G 69 36.91 -8.51 20.21
C THR G 69 35.86 -7.44 19.91
N ILE G 70 34.70 -7.90 19.44
CA ILE G 70 33.52 -7.07 19.23
C ILE G 70 32.49 -7.47 20.26
N SER G 71 31.96 -6.47 20.97
CA SER G 71 30.94 -6.72 21.99
C SER G 71 30.03 -5.49 22.03
N ARG G 72 28.92 -5.56 21.30
CA ARG G 72 27.97 -4.47 21.31
C ARG G 72 27.30 -4.37 22.69
N SER G 73 26.69 -3.21 22.94
CA SER G 73 26.03 -2.96 24.21
C SER G 73 24.76 -2.15 23.94
N ASN G 74 23.63 -2.84 23.80
CA ASN G 74 22.35 -2.16 23.92
C ASN G 74 22.30 -1.48 25.29
N TRP G 75 21.85 -0.22 25.31
CA TRP G 75 22.15 0.72 26.38
C TRP G 75 23.57 1.24 26.15
N TRP G 76 23.70 2.56 25.99
CA TRP G 76 24.92 3.26 25.58
C TRP G 76 25.21 3.08 24.09
N ARG G 77 24.47 2.20 23.42
CA ARG G 77 24.38 2.10 21.96
C ARG G 77 25.72 2.37 21.27
N THR G 78 26.72 1.55 21.62
CA THR G 78 28.05 1.66 21.04
C THR G 78 28.65 0.27 20.86
N VAL G 79 29.65 0.21 19.98
CA VAL G 79 30.43 -1.01 19.75
C VAL G 79 31.90 -0.64 19.78
N THR G 80 32.71 -1.45 20.45
CA THR G 80 34.13 -1.17 20.66
C THR G 80 34.97 -2.35 20.20
N LEU G 81 36.12 -2.03 19.61
CA LEU G 81 37.10 -3.02 19.16
C LEU G 81 38.37 -2.85 19.98
N GLN G 82 38.82 -3.92 20.62
CA GLN G 82 40.06 -3.94 21.39
C GLN G 82 41.04 -4.86 20.67
N MET G 83 42.10 -4.29 20.11
CA MET G 83 43.01 -5.00 19.23
C MET G 83 44.41 -5.07 19.84
N ASN G 84 45.16 -6.10 19.44
CA ASN G 84 46.50 -6.33 19.93
C ASN G 84 47.31 -7.04 18.86
N ASP G 85 48.64 -7.02 19.02
CA ASP G 85 49.55 -7.67 18.09
C ASP G 85 49.39 -7.12 16.69
N LEU G 86 49.69 -5.82 16.55
CA LEU G 86 49.54 -5.15 15.26
C LEU G 86 50.51 -5.73 14.24
N LYS G 87 50.03 -5.81 12.99
CA LYS G 87 50.83 -6.22 11.85
C LYS G 87 50.63 -5.20 10.73
N PRO G 88 51.65 -4.97 9.89
CA PRO G 88 51.51 -3.90 8.88
C PRO G 88 50.34 -4.11 7.92
N GLU G 89 49.85 -5.33 7.77
CA GLU G 89 48.77 -5.57 6.81
C GLU G 89 47.47 -4.88 7.22
N ASP G 90 47.21 -4.76 8.52
CA ASP G 90 45.95 -4.19 8.97
C ASP G 90 45.82 -2.71 8.65
N THR G 91 46.92 -2.05 8.29
CA THR G 91 46.89 -0.63 7.96
C THR G 91 45.88 -0.35 6.85
N ALA G 92 44.82 0.36 7.18
CA ALA G 92 43.74 0.65 6.24
C ALA G 92 42.74 1.55 6.96
N ARG G 93 41.74 2.01 6.20
CA ARG G 93 40.65 2.83 6.73
C ARG G 93 39.48 1.91 7.08
N TYR G 94 39.14 1.86 8.35
CA TYR G 94 38.06 1.00 8.81
C TYR G 94 36.70 1.67 8.57
N TYR G 95 35.65 0.86 8.61
CA TYR G 95 34.28 1.33 8.42
C TYR G 95 33.38 0.68 9.45
N CYS G 96 32.26 1.34 9.74
CA CYS G 96 31.29 0.90 10.76
C CYS G 96 29.90 1.07 10.15
N LYS G 97 29.41 0.01 9.53
CA LYS G 97 28.14 0.04 8.79
C LYS G 97 27.14 -0.90 9.44
N ASP G 98 25.86 -0.62 9.21
CA ASP G 98 24.76 -1.42 9.73
C ASP G 98 24.09 -2.19 8.62
N LEU G 99 23.65 -3.42 8.92
CA LEU G 99 23.04 -4.26 7.90
C LEU G 99 21.79 -3.61 7.32
N GLU G 100 20.87 -3.17 8.18
CA GLU G 100 19.67 -2.51 7.71
C GLU G 100 19.99 -1.16 7.10
N SER G 101 19.17 -0.74 6.13
CA SER G 101 19.34 0.54 5.46
C SER G 101 18.76 1.65 6.34
N HIS G 102 19.42 1.88 7.47
CA HIS G 102 19.03 2.91 8.41
C HIS G 102 20.08 3.98 8.64
N HIS G 103 21.33 3.75 8.25
CA HIS G 103 22.40 4.72 8.42
C HIS G 103 23.36 4.58 7.23
N LEU G 104 24.55 5.16 7.36
CA LEU G 104 25.58 5.05 6.34
C LEU G 104 26.94 4.91 7.02
N ARG G 105 27.92 4.45 6.25
CA ARG G 105 29.23 4.14 6.81
C ARG G 105 29.88 5.39 7.38
N GLY G 106 30.64 5.20 8.46
CA GLY G 106 31.29 6.31 9.12
C GLY G 106 32.23 7.06 8.19
N GLN G 107 32.67 8.23 8.68
CA GLN G 107 33.56 9.06 7.88
C GLN G 107 34.87 8.36 7.55
N GLY G 108 35.34 7.48 8.45
CA GLY G 108 36.55 6.73 8.22
C GLY G 108 37.65 7.06 9.21
N THR G 109 38.32 6.03 9.72
CA THR G 109 39.43 6.19 10.66
C THR G 109 40.62 5.43 10.10
N GLN G 110 41.78 6.08 10.06
CA GLN G 110 43.00 5.52 9.50
C GLN G 110 43.95 5.13 10.63
N VAL G 111 44.47 3.90 10.56
CA VAL G 111 45.43 3.39 11.53
C VAL G 111 46.69 2.98 10.77
N THR G 112 47.84 3.43 11.25
CA THR G 112 49.12 3.16 10.62
C THR G 112 50.00 2.38 11.60
N VAL G 113 50.65 1.34 11.08
CA VAL G 113 51.56 0.50 11.88
C VAL G 113 52.95 0.64 11.27
N SER G 114 53.92 1.07 12.10
CA SER G 114 55.29 1.24 11.64
C SER G 114 56.23 1.40 12.83
N SER G 115 57.36 0.68 12.79
CA SER G 115 58.32 0.79 13.89
C SER G 115 58.89 2.19 13.99
N SER G 116 59.20 2.81 12.85
CA SER G 116 59.76 4.15 12.84
C SER G 116 58.67 5.19 13.12
N GLN H 2 -12.24 -33.79 -9.97
CA GLN H 2 -11.98 -34.95 -10.86
C GLN H 2 -13.23 -35.81 -11.02
N VAL H 3 -13.38 -36.43 -12.18
CA VAL H 3 -14.51 -37.29 -12.50
C VAL H 3 -13.96 -38.69 -12.83
N GLN H 4 -14.49 -39.70 -12.14
CA GLN H 4 -14.06 -41.07 -12.33
C GLN H 4 -15.16 -41.84 -13.08
N LEU H 5 -14.75 -42.57 -14.11
CA LEU H 5 -15.68 -43.32 -14.94
C LEU H 5 -15.24 -44.77 -15.05
N GLN H 6 -16.21 -45.68 -15.02
CA GLN H 6 -15.97 -47.11 -15.20
C GLN H 6 -17.02 -47.65 -16.15
N GLU H 7 -16.71 -48.78 -16.78
CA GLU H 7 -17.59 -49.37 -17.76
C GLU H 7 -17.41 -50.89 -17.78
N SER H 8 -18.54 -51.59 -17.93
CA SER H 8 -18.56 -53.03 -18.14
C SER H 8 -19.55 -53.33 -19.27
N GLY H 9 -19.19 -54.28 -20.13
CA GLY H 9 -19.98 -54.55 -21.30
C GLY H 9 -20.06 -56.03 -21.66
N PRO H 10 -20.93 -56.36 -22.63
CA PRO H 10 -21.09 -57.76 -23.03
C PRO H 10 -20.03 -58.21 -24.02
N GLY H 11 -18.89 -58.68 -23.52
CA GLY H 11 -17.82 -59.12 -24.40
C GLY H 11 -18.26 -60.18 -25.39
N LEU H 12 -19.23 -61.01 -25.00
CA LEU H 12 -19.80 -61.99 -25.92
C LEU H 12 -20.84 -61.31 -26.80
N VAL H 13 -20.65 -61.36 -28.11
CA VAL H 13 -21.53 -60.70 -29.07
C VAL H 13 -21.71 -61.60 -30.29
N LYS H 14 -22.90 -61.54 -30.87
CA LYS H 14 -23.28 -62.31 -32.04
C LYS H 14 -23.59 -61.36 -33.20
N PRO H 15 -23.18 -61.68 -34.43
CA PRO H 15 -23.44 -60.76 -35.54
C PRO H 15 -24.93 -60.51 -35.76
N SER H 16 -25.29 -59.23 -35.90
CA SER H 16 -26.67 -58.81 -36.15
C SER H 16 -27.56 -59.07 -34.94
N GLU H 17 -27.15 -58.59 -33.78
CA GLU H 17 -27.99 -58.56 -32.59
C GLU H 17 -27.68 -57.29 -31.80
N THR H 18 -28.48 -57.08 -30.75
CA THR H 18 -28.36 -55.88 -29.93
C THR H 18 -27.05 -55.90 -29.13
N LEU H 19 -26.58 -54.70 -28.79
CA LEU H 19 -25.35 -54.54 -28.02
C LEU H 19 -25.52 -53.30 -27.14
N SER H 20 -25.24 -53.44 -25.85
CA SER H 20 -25.47 -52.37 -24.90
C SER H 20 -24.36 -52.34 -23.86
N LEU H 21 -23.70 -51.19 -23.73
CA LEU H 21 -22.72 -50.94 -22.69
C LEU H 21 -23.38 -50.19 -21.53
N THR H 22 -22.61 -49.98 -20.47
CA THR H 22 -23.11 -49.23 -19.31
C THR H 22 -21.92 -48.49 -18.70
N CYS H 23 -21.74 -47.24 -19.11
CA CYS H 23 -20.73 -46.37 -18.53
C CYS H 23 -21.19 -45.90 -17.16
N SER H 24 -20.25 -45.83 -16.22
CA SER H 24 -20.53 -45.47 -14.84
C SER H 24 -20.00 -44.08 -14.54
N ILE H 25 -20.79 -43.31 -13.80
CA ILE H 25 -20.40 -41.98 -13.34
C ILE H 25 -20.44 -42.00 -11.82
N SER H 26 -19.33 -41.66 -11.19
CA SER H 26 -19.18 -41.75 -9.74
C SER H 26 -18.86 -40.38 -9.17
N GLY H 27 -19.61 -39.97 -8.16
CA GLY H 27 -19.34 -38.74 -7.45
C GLY H 27 -19.71 -37.47 -8.18
N VAL H 28 -20.39 -37.56 -9.32
CA VAL H 28 -20.76 -36.39 -10.11
C VAL H 28 -22.19 -36.55 -10.60
N SER H 29 -22.85 -35.42 -10.84
CA SER H 29 -24.22 -35.43 -11.32
C SER H 29 -24.27 -35.81 -12.79
N THR H 30 -25.46 -35.76 -13.37
CA THR H 30 -25.70 -36.15 -14.75
C THR H 30 -26.01 -34.97 -15.66
N ARG H 31 -26.84 -34.02 -15.21
CA ARG H 31 -27.25 -32.92 -16.06
C ARG H 31 -26.09 -31.97 -16.32
N ASN H 32 -26.17 -31.29 -17.47
CA ASN H 32 -25.17 -30.31 -17.89
C ASN H 32 -23.84 -30.94 -18.26
N TYR H 33 -23.84 -32.23 -18.62
CA TYR H 33 -22.63 -32.94 -19.01
C TYR H 33 -22.82 -33.53 -20.40
N TYR H 34 -21.78 -33.46 -21.22
CA TYR H 34 -21.81 -33.95 -22.59
C TYR H 34 -21.17 -35.33 -22.64
N TRP H 35 -21.93 -36.34 -22.24
CA TRP H 35 -21.47 -37.72 -22.34
C TRP H 35 -21.34 -38.09 -23.80
N SER H 36 -20.26 -38.82 -24.12
CA SER H 36 -19.96 -39.19 -25.49
C SER H 36 -19.51 -40.64 -25.55
N TRP H 37 -19.67 -41.24 -26.72
CA TRP H 37 -19.25 -42.61 -26.98
C TRP H 37 -18.22 -42.60 -28.11
N ILE H 38 -17.10 -43.28 -27.89
CA ILE H 38 -16.04 -43.41 -28.88
C ILE H 38 -15.52 -44.84 -28.85
N ARG H 39 -15.14 -45.36 -30.02
CA ARG H 39 -14.61 -46.71 -30.13
C ARG H 39 -13.40 -46.70 -31.06
N GLN H 40 -12.50 -47.66 -30.84
CA GLN H 40 -11.28 -47.81 -31.62
C GLN H 40 -11.25 -49.21 -32.23
N SER H 41 -11.12 -49.28 -33.56
CA SER H 41 -11.05 -50.54 -34.28
C SER H 41 -9.69 -50.69 -34.95
N PRO H 42 -9.10 -51.89 -34.92
CA PRO H 42 -7.81 -52.06 -35.60
C PRO H 42 -7.94 -51.84 -37.10
N GLY H 43 -6.91 -51.24 -37.69
CA GLY H 43 -6.90 -50.97 -39.11
C GLY H 43 -7.61 -49.70 -39.53
N LYS H 44 -8.25 -49.00 -38.60
CA LYS H 44 -8.94 -47.75 -38.91
C LYS H 44 -8.89 -46.84 -37.69
N GLY H 45 -8.98 -45.54 -37.93
CA GLY H 45 -8.92 -44.57 -36.87
C GLY H 45 -10.21 -44.52 -36.06
N LEU H 46 -10.18 -43.69 -35.03
CA LEU H 46 -11.33 -43.52 -34.15
C LEU H 46 -12.47 -42.83 -34.90
N GLU H 47 -13.68 -43.01 -34.38
CA GLU H 47 -14.86 -42.33 -34.89
C GLU H 47 -15.75 -41.95 -33.72
N TRP H 48 -16.27 -40.73 -33.77
CA TRP H 48 -17.12 -40.20 -32.71
C TRP H 48 -18.52 -40.79 -32.87
N ILE H 49 -18.90 -41.68 -31.94
CA ILE H 49 -20.14 -42.43 -32.11
C ILE H 49 -21.36 -41.55 -31.81
N GLY H 50 -21.27 -40.62 -30.88
CA GLY H 50 -22.39 -39.76 -30.57
C GLY H 50 -22.28 -39.20 -29.17
N TYR H 51 -23.15 -38.24 -28.89
CA TYR H 51 -23.23 -37.62 -27.57
C TYR H 51 -24.68 -37.56 -27.12
N ILE H 52 -24.88 -37.65 -25.81
CA ILE H 52 -26.19 -37.51 -25.19
C ILE H 52 -26.09 -36.40 -24.16
N PHE H 53 -26.91 -35.38 -24.31
CA PHE H 53 -26.89 -34.20 -23.45
C PHE H 53 -28.26 -34.00 -22.84
N ASN H 54 -28.34 -34.11 -21.52
CA ASN H 54 -29.58 -33.93 -20.77
C ASN H 54 -30.60 -34.94 -21.29
N ILE H 55 -31.72 -34.52 -21.85
CA ILE H 55 -32.75 -35.45 -22.34
C ILE H 55 -33.11 -35.20 -23.80
N GLY H 56 -32.68 -34.08 -24.39
CA GLY H 56 -33.14 -33.69 -25.71
C GLY H 56 -32.17 -34.04 -26.82
N THR H 57 -31.39 -33.06 -27.28
CA THR H 57 -30.49 -33.25 -28.40
C THR H 57 -29.57 -34.45 -28.17
N THR H 58 -29.72 -35.46 -29.02
CA THR H 58 -29.00 -36.72 -28.88
C THR H 58 -28.44 -37.15 -30.24
N ASN H 59 -27.76 -36.22 -30.91
CA ASN H 59 -27.27 -36.46 -32.26
C ASN H 59 -26.44 -37.74 -32.34
N TYR H 60 -26.73 -38.56 -33.35
CA TYR H 60 -26.11 -39.87 -33.53
C TYR H 60 -25.30 -39.88 -34.81
N ASN H 61 -24.04 -39.40 -34.73
CA ASN H 61 -23.04 -39.56 -35.78
C ASN H 61 -23.62 -39.30 -37.17
N PRO H 62 -23.90 -38.04 -37.53
CA PRO H 62 -24.63 -37.77 -38.78
C PRO H 62 -24.04 -38.42 -40.02
N SER H 63 -24.87 -39.16 -40.74
CA SER H 63 -24.62 -39.72 -42.07
C SER H 63 -23.71 -40.95 -42.05
N LEU H 64 -23.17 -41.36 -40.91
CA LEU H 64 -22.28 -42.52 -40.84
C LEU H 64 -23.00 -43.79 -40.40
N LYS H 65 -23.69 -43.74 -39.27
CA LYS H 65 -24.45 -44.89 -38.77
C LYS H 65 -25.90 -44.55 -38.46
N SER H 66 -26.18 -43.34 -37.99
CA SER H 66 -27.55 -42.90 -37.73
C SER H 66 -28.19 -43.73 -36.62
N ARG H 67 -28.49 -45.00 -36.90
CA ARG H 67 -29.16 -45.86 -35.91
C ARG H 67 -28.19 -46.25 -34.81
N LEU H 68 -28.20 -45.49 -33.71
CA LEU H 68 -27.35 -45.77 -32.55
C LEU H 68 -28.19 -45.85 -31.28
N THR H 69 -29.26 -45.06 -31.21
CA THR H 69 -30.23 -45.11 -30.12
C THR H 69 -29.55 -45.05 -28.76
N ILE H 70 -28.55 -44.18 -28.63
CA ILE H 70 -27.90 -43.97 -27.35
C ILE H 70 -28.89 -43.32 -26.39
N SER H 71 -28.96 -43.85 -25.18
CA SER H 71 -29.89 -43.36 -24.17
C SER H 71 -29.15 -43.15 -22.85
N VAL H 72 -29.72 -42.29 -22.01
CA VAL H 72 -29.16 -41.96 -20.71
C VAL H 72 -30.22 -42.25 -19.66
N ASP H 73 -29.81 -42.93 -18.59
CA ASP H 73 -30.70 -43.26 -17.47
C ASP H 73 -30.35 -42.34 -16.31
N THR H 74 -31.18 -41.31 -16.11
CA THR H 74 -30.95 -40.32 -15.06
C THR H 74 -31.56 -40.77 -13.73
N SER H 75 -31.19 -41.97 -13.31
CA SER H 75 -31.63 -42.52 -12.02
C SER H 75 -30.45 -42.99 -11.17
N LYS H 76 -29.40 -43.54 -11.79
CA LYS H 76 -28.21 -43.96 -11.09
C LYS H 76 -26.94 -43.43 -11.74
N ASN H 77 -27.05 -42.42 -12.61
CA ASN H 77 -25.90 -41.82 -13.29
C ASN H 77 -25.17 -42.88 -14.13
N GLN H 78 -25.90 -43.46 -15.07
CA GLN H 78 -25.35 -44.49 -15.95
C GLN H 78 -26.11 -44.46 -17.26
N PHE H 79 -25.40 -44.25 -18.36
CA PHE H 79 -25.97 -44.28 -19.71
C PHE H 79 -25.46 -45.49 -20.47
N SER H 80 -26.17 -45.83 -21.54
CA SER H 80 -25.92 -47.07 -22.27
C SER H 80 -26.00 -46.80 -23.77
N LEU H 81 -25.79 -47.86 -24.56
CA LEU H 81 -25.81 -47.80 -26.01
C LEU H 81 -26.73 -48.91 -26.52
N LYS H 82 -27.14 -48.79 -27.79
CA LYS H 82 -27.99 -49.82 -28.40
C LYS H 82 -27.68 -49.84 -29.90
N ILE H 83 -26.77 -50.74 -30.29
CA ILE H 83 -26.42 -50.88 -31.70
C ILE H 83 -27.46 -51.75 -32.41
N THR H 84 -27.49 -51.65 -33.73
CA THR H 84 -28.36 -52.48 -34.56
C THR H 84 -27.57 -52.97 -35.76
N SER H 85 -27.78 -54.24 -36.11
CA SER H 85 -27.15 -54.85 -37.28
C SER H 85 -25.62 -54.80 -37.17
N VAL H 86 -25.10 -55.50 -36.17
CA VAL H 86 -23.66 -55.56 -35.98
C VAL H 86 -23.00 -56.21 -37.18
N THR H 87 -21.93 -55.60 -37.67
CA THR H 87 -21.15 -56.11 -38.79
C THR H 87 -19.77 -56.52 -38.30
N ALA H 88 -19.02 -57.17 -39.20
CA ALA H 88 -17.69 -57.64 -38.84
C ALA H 88 -16.77 -56.49 -38.47
N ALA H 89 -16.92 -55.34 -39.13
CA ALA H 89 -16.05 -54.20 -38.86
C ALA H 89 -16.31 -53.59 -37.48
N ASP H 90 -17.45 -53.91 -36.86
CA ASP H 90 -17.78 -53.32 -35.57
C ASP H 90 -16.91 -53.82 -34.43
N THR H 91 -16.12 -54.88 -34.65
CA THR H 91 -15.18 -55.35 -33.63
C THR H 91 -14.23 -54.22 -33.26
N ALA H 92 -14.30 -53.75 -32.03
CA ALA H 92 -13.54 -52.57 -31.61
C ALA H 92 -13.43 -52.58 -30.09
N VAL H 93 -12.85 -51.51 -29.54
CA VAL H 93 -12.80 -51.27 -28.10
C VAL H 93 -13.47 -49.93 -27.84
N TYR H 94 -14.43 -49.92 -26.92
CA TYR H 94 -15.30 -48.77 -26.70
C TYR H 94 -14.84 -47.97 -25.49
N TYR H 95 -15.10 -46.65 -25.54
CA TYR H 95 -14.79 -45.75 -24.46
C TYR H 95 -15.90 -44.72 -24.31
N CYS H 96 -16.09 -44.24 -23.07
CA CYS H 96 -17.05 -43.20 -22.76
C CYS H 96 -16.32 -42.05 -22.09
N ALA H 97 -16.58 -40.83 -22.53
CA ALA H 97 -15.85 -39.67 -22.03
C ALA H 97 -16.73 -38.42 -22.13
N SER H 98 -16.20 -37.32 -21.60
CA SER H 98 -16.91 -36.04 -21.58
C SER H 98 -15.87 -34.94 -21.46
N GLY H 99 -16.34 -33.69 -21.41
CA GLY H 99 -15.49 -32.52 -21.31
C GLY H 99 -15.23 -32.08 -19.90
N PHE H 100 -14.94 -30.79 -19.74
CA PHE H 100 -14.67 -30.22 -18.42
C PHE H 100 -15.95 -29.90 -17.67
N GLU H 101 -16.84 -30.88 -17.57
CA GLU H 101 -18.13 -30.78 -16.87
C GLU H 101 -19.13 -29.90 -17.62
N TYR H 102 -18.67 -29.17 -18.64
CA TYR H 102 -19.54 -28.42 -19.53
C TYR H 102 -18.78 -28.07 -20.80
N GLY H 103 -19.22 -28.60 -21.93
CA GLY H 103 -18.54 -28.36 -23.18
C GLY H 103 -18.77 -29.51 -24.14
N ASP H 104 -18.30 -29.31 -25.38
CA ASP H 104 -18.54 -30.29 -26.43
C ASP H 104 -17.34 -30.48 -27.35
N TYR H 105 -16.13 -30.08 -26.92
CA TYR H 105 -14.96 -30.15 -27.79
C TYR H 105 -13.70 -30.60 -27.06
N THR H 106 -13.82 -31.27 -25.91
CA THR H 106 -12.67 -31.65 -25.11
C THR H 106 -12.48 -33.16 -25.03
N PHE H 107 -13.46 -33.89 -24.54
CA PHE H 107 -13.34 -35.33 -24.28
C PHE H 107 -12.11 -35.62 -23.43
N ASP H 108 -12.13 -35.11 -22.20
CA ASP H 108 -10.98 -35.23 -21.30
C ASP H 108 -11.06 -36.50 -20.45
N TYR H 109 -12.12 -36.64 -19.65
CA TYR H 109 -12.24 -37.78 -18.74
C TYR H 109 -12.54 -39.02 -19.56
N TRP H 110 -11.52 -39.84 -19.81
CA TRP H 110 -11.67 -41.05 -20.60
C TRP H 110 -11.78 -42.26 -19.68
N GLY H 111 -12.77 -43.12 -19.96
CA GLY H 111 -12.97 -44.31 -19.17
C GLY H 111 -12.04 -45.44 -19.55
N GLN H 112 -12.08 -46.51 -18.75
CA GLN H 112 -11.21 -47.65 -19.00
C GLN H 112 -11.56 -48.34 -20.30
N GLY H 113 -12.86 -48.54 -20.57
CA GLY H 113 -13.29 -49.23 -21.76
C GLY H 113 -13.13 -50.74 -21.65
N THR H 114 -13.63 -51.43 -22.68
CA THR H 114 -13.53 -52.88 -22.74
C THR H 114 -13.63 -53.31 -24.19
N PRO H 115 -12.90 -54.34 -24.63
CA PRO H 115 -12.99 -54.75 -26.02
C PRO H 115 -14.22 -55.61 -26.30
N VAL H 116 -14.72 -55.50 -27.52
CA VAL H 116 -15.85 -56.30 -27.99
C VAL H 116 -15.48 -56.88 -29.35
N THR H 117 -15.77 -58.16 -29.55
CA THR H 117 -15.42 -58.87 -30.77
C THR H 117 -16.65 -59.57 -31.33
N VAL H 118 -16.74 -59.64 -32.64
CA VAL H 118 -17.84 -60.34 -33.31
C VAL H 118 -17.48 -61.82 -33.39
N SER H 119 -18.26 -62.66 -32.72
CA SER H 119 -18.01 -64.09 -32.65
C SER H 119 -19.30 -64.85 -32.88
N SER H 120 -19.16 -66.08 -33.35
CA SER H 120 -20.31 -66.95 -33.62
C SER H 120 -20.01 -68.38 -33.23
N ASP I 1 -17.64 -34.24 -43.60
CA ASP I 1 -17.73 -35.38 -42.64
C ASP I 1 -16.47 -36.22 -42.61
N GLU I 2 -15.47 -35.86 -43.42
CA GLU I 2 -14.21 -36.58 -43.47
C GLU I 2 -13.03 -35.73 -43.00
N ILE I 3 -12.82 -34.55 -43.59
CA ILE I 3 -11.71 -33.66 -43.25
C ILE I 3 -10.42 -34.47 -43.23
N VAL I 4 -9.71 -34.50 -44.36
CA VAL I 4 -8.54 -35.35 -44.51
C VAL I 4 -7.55 -35.09 -43.38
N LEU I 5 -7.16 -36.15 -42.68
CA LEU I 5 -6.23 -36.07 -41.56
C LEU I 5 -4.94 -36.80 -41.96
N THR I 6 -4.02 -36.05 -42.56
CA THR I 6 -2.68 -36.55 -42.88
C THR I 6 -1.73 -36.06 -41.79
N GLN I 7 -1.29 -37.00 -40.94
CA GLN I 7 -0.46 -36.69 -39.78
C GLN I 7 0.84 -37.47 -39.88
N SER I 8 1.82 -36.92 -40.61
CA SER I 8 3.16 -37.49 -40.72
C SER I 8 3.10 -38.99 -40.93
N PRO I 9 2.70 -39.45 -42.13
CA PRO I 9 2.52 -40.90 -42.36
C PRO I 9 3.69 -41.75 -41.88
N ALA I 10 3.44 -43.04 -41.69
CA ALA I 10 4.43 -44.00 -41.18
C ALA I 10 4.84 -43.63 -39.76
N THR I 11 6.03 -43.08 -39.57
CA THR I 11 6.53 -42.78 -38.24
C THR I 11 7.52 -41.63 -38.32
N LEU I 12 7.78 -41.02 -37.16
CA LEU I 12 8.69 -39.89 -37.03
C LEU I 12 9.61 -40.09 -35.83
N SER I 13 10.24 -41.26 -35.76
CA SER I 13 11.10 -41.60 -34.63
C SER I 13 12.22 -40.57 -34.49
N VAL I 14 12.51 -40.21 -33.24
CA VAL I 14 13.52 -39.21 -32.93
C VAL I 14 14.46 -39.77 -31.88
N SER I 15 15.69 -39.27 -31.86
CA SER I 15 16.65 -39.66 -30.85
C SER I 15 16.20 -39.18 -29.47
N PRO I 16 16.61 -39.86 -28.40
CA PRO I 16 16.21 -39.41 -27.06
C PRO I 16 16.66 -37.97 -26.81
N GLY I 17 15.78 -37.21 -26.16
CA GLY I 17 16.05 -35.81 -25.93
C GLY I 17 16.12 -34.96 -27.18
N GLY I 18 15.50 -35.42 -28.26
CA GLY I 18 15.52 -34.73 -29.53
C GLY I 18 14.32 -33.84 -29.74
N ARG I 19 14.03 -33.55 -31.00
CA ARG I 19 12.92 -32.69 -31.40
C ARG I 19 12.02 -33.42 -32.39
N ALA I 20 10.72 -33.37 -32.14
CA ALA I 20 9.72 -33.98 -33.00
C ALA I 20 8.91 -32.91 -33.70
N SER I 21 8.41 -33.25 -34.89
CA SER I 21 7.70 -32.31 -35.76
C SER I 21 6.40 -32.94 -36.25
N LEU I 22 5.63 -33.51 -35.34
CA LEU I 22 4.33 -34.06 -35.70
C LEU I 22 3.44 -32.97 -36.31
N SER I 23 2.71 -33.34 -37.36
CA SER I 23 1.88 -32.40 -38.10
C SER I 23 0.49 -33.00 -38.29
N CYS I 24 -0.46 -32.14 -38.69
CA CYS I 24 -1.80 -32.58 -39.02
C CYS I 24 -2.39 -31.55 -39.98
N ARG I 25 -2.40 -31.89 -41.27
CA ARG I 25 -2.86 -30.96 -42.29
C ARG I 25 -4.38 -31.04 -42.43
N ALA I 26 -5.00 -29.88 -42.64
CA ALA I 26 -6.44 -29.76 -42.80
C ALA I 26 -6.76 -29.43 -44.25
N SER I 27 -7.66 -30.21 -44.85
CA SER I 27 -8.06 -30.00 -46.24
C SER I 27 -9.33 -29.14 -46.37
N GLN I 28 -10.07 -28.94 -45.29
CA GLN I 28 -11.29 -28.17 -45.29
C GLN I 28 -11.16 -26.99 -44.32
N SER I 29 -12.17 -26.14 -44.32
CA SER I 29 -12.18 -24.94 -43.48
C SER I 29 -12.33 -25.36 -42.03
N ILE I 30 -11.22 -25.31 -41.29
CA ILE I 30 -11.20 -25.62 -39.86
C ILE I 30 -10.85 -24.41 -39.02
N GLY I 31 -9.92 -23.57 -39.50
CA GLY I 31 -9.54 -22.38 -38.78
C GLY I 31 -8.54 -22.66 -37.66
N ASP I 32 -9.01 -22.61 -36.41
CA ASP I 32 -8.17 -22.85 -35.26
C ASP I 32 -8.80 -23.82 -34.28
N LYS I 33 -9.84 -24.54 -34.68
CA LYS I 33 -10.56 -25.46 -33.79
C LYS I 33 -10.04 -26.88 -33.99
N LEU I 34 -8.81 -27.10 -33.53
CA LEU I 34 -8.14 -28.38 -33.64
C LEU I 34 -7.52 -28.76 -32.31
N SER I 35 -7.77 -29.99 -31.87
CA SER I 35 -7.23 -30.52 -30.63
C SER I 35 -6.41 -31.77 -30.91
N TRP I 36 -5.45 -32.04 -30.03
CA TRP I 36 -4.56 -33.18 -30.16
C TRP I 36 -4.78 -34.14 -29.00
N TYR I 37 -4.59 -35.44 -29.27
CA TYR I 37 -4.74 -36.48 -28.27
C TYR I 37 -3.55 -37.43 -28.33
N GLN I 38 -3.19 -37.97 -27.16
CA GLN I 38 -2.06 -38.87 -27.01
C GLN I 38 -2.52 -40.12 -26.30
N GLN I 39 -2.16 -41.29 -26.85
CA GLN I 39 -2.58 -42.57 -26.32
C GLN I 39 -1.37 -43.46 -26.10
N LYS I 40 -1.18 -43.91 -24.86
CA LYS I 40 -0.15 -44.88 -24.55
C LYS I 40 -0.57 -46.29 -24.96
N PRO I 41 0.37 -47.23 -25.06
CA PRO I 41 -0.04 -48.63 -25.20
C PRO I 41 -0.83 -49.08 -23.97
N GLY I 42 -2.10 -49.42 -24.17
CA GLY I 42 -3.01 -49.59 -23.06
C GLY I 42 -3.59 -48.27 -22.62
N GLN I 43 -4.46 -48.34 -21.61
CA GLN I 43 -5.15 -47.17 -21.09
C GLN I 43 -5.95 -46.50 -22.20
N ALA I 44 -6.51 -45.33 -21.94
CA ALA I 44 -7.27 -44.56 -22.91
C ALA I 44 -6.53 -43.29 -23.29
N PRO I 45 -6.79 -42.74 -24.48
CA PRO I 45 -6.10 -41.51 -24.88
C PRO I 45 -6.43 -40.35 -23.95
N ARG I 46 -5.47 -39.45 -23.78
CA ARG I 46 -5.64 -38.22 -23.05
C ARG I 46 -5.25 -37.04 -23.93
N LEU I 47 -6.02 -35.97 -23.85
CA LEU I 47 -5.71 -34.78 -24.65
C LEU I 47 -4.38 -34.19 -24.21
N VAL I 48 -3.68 -33.57 -25.17
CA VAL I 48 -2.40 -32.92 -24.93
C VAL I 48 -2.47 -31.44 -25.26
N ILE I 49 -3.03 -31.09 -26.42
CA ILE I 49 -3.16 -29.72 -26.88
C ILE I 49 -4.59 -29.50 -27.32
N TYR I 50 -5.28 -28.55 -26.71
CA TYR I 50 -6.63 -28.16 -27.06
C TYR I 50 -6.61 -26.77 -27.69
N GLY I 51 -7.78 -26.32 -28.13
CA GLY I 51 -7.89 -25.02 -28.75
C GLY I 51 -7.20 -25.00 -30.10
N ALA I 52 -6.10 -24.25 -30.20
CA ALA I 52 -5.26 -24.26 -31.39
C ALA I 52 -3.87 -24.81 -31.09
N TYR I 53 -3.14 -24.20 -30.17
CA TYR I 53 -1.83 -24.68 -29.78
C TYR I 53 -1.55 -24.51 -28.28
N THR I 54 -2.57 -24.18 -27.49
CA THR I 54 -2.36 -23.92 -26.06
C THR I 54 -2.26 -25.22 -25.28
N ARG I 55 -1.33 -25.25 -24.33
CA ARG I 55 -1.19 -26.41 -23.46
C ARG I 55 -2.40 -26.54 -22.56
N ALA I 56 -2.87 -27.77 -22.38
CA ALA I 56 -4.07 -28.04 -21.62
C ALA I 56 -3.71 -28.30 -20.16
N THR I 57 -4.68 -28.80 -19.39
CA THR I 57 -4.43 -29.12 -17.98
C THR I 57 -3.31 -30.13 -17.87
N ASP I 58 -2.46 -29.95 -16.86
CA ASP I 58 -1.27 -30.80 -16.65
C ASP I 58 -0.41 -30.64 -17.91
N ILE I 59 0.16 -31.72 -18.45
CA ILE I 59 0.98 -31.68 -19.66
C ILE I 59 2.25 -30.86 -19.41
N SER I 60 3.39 -31.42 -19.80
CA SER I 60 4.65 -30.73 -19.60
C SER I 60 4.73 -29.48 -20.47
N PRO I 61 5.53 -28.49 -20.07
CA PRO I 61 5.65 -27.27 -20.90
C PRO I 61 6.30 -27.52 -22.25
N ARG I 62 6.99 -28.65 -22.43
CA ARG I 62 7.70 -28.88 -23.69
C ARG I 62 6.75 -28.91 -24.87
N PHE I 63 5.56 -29.49 -24.70
CA PHE I 63 4.62 -29.60 -25.79
C PHE I 63 4.15 -28.22 -26.25
N SER I 64 4.04 -28.04 -27.56
CA SER I 64 3.56 -26.79 -28.14
C SER I 64 3.09 -27.08 -29.55
N GLY I 65 2.34 -26.13 -30.11
CA GLY I 65 1.82 -26.26 -31.45
C GLY I 65 1.96 -24.96 -32.21
N SER I 66 1.66 -25.03 -33.51
CA SER I 66 1.73 -23.88 -34.40
C SER I 66 0.55 -23.92 -35.35
N ARG I 67 0.17 -22.74 -35.85
CA ARG I 67 -0.96 -22.57 -36.75
C ARG I 67 -0.49 -21.92 -38.04
N SER I 68 -0.96 -22.44 -39.17
CA SER I 68 -0.65 -21.88 -40.48
C SER I 68 -1.88 -21.88 -41.38
N GLY I 69 -3.07 -21.81 -40.79
CA GLY I 69 -4.31 -21.84 -41.57
C GLY I 69 -4.78 -23.22 -41.97
N THR I 70 -3.90 -24.01 -42.60
CA THR I 70 -4.24 -25.36 -43.01
C THR I 70 -3.21 -26.37 -42.50
N ASP I 71 -1.97 -25.92 -42.34
CA ASP I 71 -0.88 -26.77 -41.86
C ASP I 71 -0.69 -26.56 -40.37
N PHE I 72 -1.07 -27.57 -39.58
CA PHE I 72 -0.93 -27.54 -38.13
C PHE I 72 0.21 -28.45 -37.72
N ASN I 73 1.12 -27.93 -36.89
CA ASN I 73 2.32 -28.64 -36.49
C ASN I 73 2.36 -28.76 -34.97
N LEU I 74 2.58 -29.98 -34.49
CA LEU I 74 2.86 -30.24 -33.08
C LEU I 74 4.36 -30.39 -32.91
N THR I 75 4.91 -29.72 -31.91
CA THR I 75 6.35 -29.67 -31.67
C THR I 75 6.67 -30.19 -30.27
N ILE I 76 7.72 -31.00 -30.19
CA ILE I 76 8.26 -31.49 -28.93
C ILE I 76 9.68 -30.95 -28.81
N SER I 77 9.96 -30.25 -27.72
CA SER I 77 11.25 -29.59 -27.58
C SER I 77 12.30 -30.54 -27.02
N ARG I 78 12.06 -31.10 -25.83
CA ARG I 78 13.02 -31.99 -25.16
C ARG I 78 12.24 -33.16 -24.58
N MET I 79 12.18 -34.25 -25.33
CA MET I 79 11.47 -35.44 -24.88
C MET I 79 12.19 -36.06 -23.69
N GLN I 80 11.43 -36.79 -22.87
CA GLN I 80 11.99 -37.49 -21.72
C GLN I 80 11.06 -38.63 -21.35
N SER I 81 11.60 -39.56 -20.59
CA SER I 81 10.84 -40.71 -20.06
C SER I 81 10.28 -41.50 -21.25
N GLY I 82 9.17 -42.20 -21.05
CA GLY I 82 8.57 -43.01 -22.09
C GLY I 82 7.50 -42.27 -22.86
N ASP I 83 7.82 -41.09 -23.37
CA ASP I 83 6.85 -40.32 -24.14
C ASP I 83 6.51 -40.96 -25.48
N PHE I 84 7.29 -41.95 -25.93
CA PHE I 84 6.99 -42.66 -27.16
C PHE I 84 5.59 -43.25 -27.08
N ALA I 85 4.71 -42.79 -27.95
CA ALA I 85 3.30 -43.20 -27.94
C ALA I 85 2.67 -42.78 -29.26
N VAL I 86 1.36 -43.00 -29.37
CA VAL I 86 0.60 -42.64 -30.57
C VAL I 86 -0.03 -41.27 -30.35
N TYR I 87 -0.27 -40.55 -31.44
CA TYR I 87 -0.83 -39.21 -31.37
C TYR I 87 -1.94 -39.07 -32.42
N PHE I 88 -2.93 -38.25 -32.09
CA PHE I 88 -4.06 -37.97 -32.96
C PHE I 88 -4.35 -36.48 -32.97
N CYS I 89 -4.96 -36.01 -34.06
CA CYS I 89 -5.48 -34.65 -34.14
C CYS I 89 -6.97 -34.72 -34.43
N GLN I 90 -7.74 -33.85 -33.78
CA GLN I 90 -9.20 -33.87 -33.85
C GLN I 90 -9.72 -32.50 -34.24
N GLN I 91 -10.77 -32.49 -35.05
CA GLN I 91 -11.43 -31.27 -35.49
C GLN I 91 -12.78 -31.14 -34.80
N TYR I 92 -13.13 -29.92 -34.40
CA TYR I 92 -14.41 -29.69 -33.74
C TYR I 92 -15.07 -28.38 -34.17
N GLU I 93 -14.73 -27.83 -35.33
CA GLU I 93 -15.43 -26.64 -35.82
C GLU I 93 -16.83 -26.99 -36.29
N ASN I 94 -16.98 -28.15 -36.93
CA ASN I 94 -18.25 -28.67 -37.39
C ASN I 94 -18.70 -29.77 -36.42
N TRP I 95 -19.77 -30.49 -36.78
CA TRP I 95 -20.31 -31.54 -35.92
C TRP I 95 -20.34 -32.93 -36.58
N PRO I 96 -19.29 -33.35 -37.32
CA PRO I 96 -19.04 -34.80 -37.44
C PRO I 96 -18.12 -35.30 -36.34
N ARG I 97 -17.29 -34.41 -35.80
CA ARG I 97 -16.33 -34.75 -34.75
C ARG I 97 -15.49 -35.98 -35.13
N THR I 98 -15.03 -35.99 -36.38
CA THR I 98 -14.22 -37.09 -36.87
C THR I 98 -12.83 -37.08 -36.24
N PHE I 99 -12.18 -38.23 -36.28
CA PHE I 99 -10.82 -38.43 -35.76
C PHE I 99 -9.90 -38.86 -36.90
N GLY I 100 -8.60 -38.78 -36.63
CA GLY I 100 -7.59 -39.11 -37.61
C GLY I 100 -6.98 -40.49 -37.41
N GLN I 101 -6.26 -40.94 -38.45
CA GLN I 101 -5.61 -42.24 -38.37
C GLN I 101 -4.54 -42.27 -37.28
N GLY I 102 -3.75 -41.21 -37.17
CA GLY I 102 -2.78 -41.05 -36.11
C GLY I 102 -1.36 -41.27 -36.61
N THR I 103 -0.43 -41.26 -35.64
CA THR I 103 0.98 -41.47 -35.92
C THR I 103 1.63 -42.05 -34.67
N LYS I 104 2.53 -43.02 -34.87
CA LYS I 104 3.22 -43.68 -33.78
C LYS I 104 4.62 -43.11 -33.64
N LEU I 105 5.02 -42.80 -32.41
CA LEU I 105 6.34 -42.27 -32.12
C LEU I 105 7.24 -43.43 -31.71
N GLU I 106 8.05 -43.91 -32.64
CA GLU I 106 8.94 -45.02 -32.37
C GLU I 106 10.21 -44.53 -31.65
N ILE I 107 10.96 -45.49 -31.12
CA ILE I 107 12.16 -45.21 -30.35
C ILE I 107 13.37 -45.57 -31.21
N LYS I 108 14.34 -44.65 -31.26
CA LYS I 108 15.56 -44.90 -32.02
C LYS I 108 16.34 -46.05 -31.42
N ARG I 109 16.89 -46.90 -32.28
CA ARG I 109 17.68 -48.05 -31.83
C ARG I 109 19.00 -47.59 -31.21
N GLN J 2 -10.28 25.66 -16.94
CA GLN J 2 -9.99 26.99 -17.56
C GLN J 2 -11.12 27.40 -18.49
N VAL J 3 -11.37 28.71 -18.57
CA VAL J 3 -12.39 29.29 -19.43
C VAL J 3 -11.72 30.30 -20.35
N GLN J 4 -11.95 30.14 -21.65
CA GLN J 4 -11.40 31.03 -22.67
C GLN J 4 -12.48 32.00 -23.12
N LEU J 5 -12.16 33.29 -23.14
CA LEU J 5 -13.10 34.34 -23.50
C LEU J 5 -12.52 35.18 -24.62
N GLN J 6 -13.30 35.39 -25.67
CA GLN J 6 -12.96 36.28 -26.77
C GLN J 6 -14.17 37.16 -27.05
N GLU J 7 -13.91 38.44 -27.32
CA GLU J 7 -14.98 39.39 -27.61
C GLU J 7 -14.58 40.21 -28.84
N SER J 8 -15.60 40.69 -29.56
CA SER J 8 -15.39 41.57 -30.69
C SER J 8 -16.45 42.67 -30.63
N GLY J 9 -16.14 43.80 -31.28
CA GLY J 9 -17.04 44.93 -31.26
C GLY J 9 -16.95 45.79 -32.51
N PRO J 10 -17.95 46.67 -32.70
CA PRO J 10 -17.94 47.56 -33.86
C PRO J 10 -17.08 48.80 -33.63
N GLY J 11 -15.78 48.69 -33.93
CA GLY J 11 -14.87 49.79 -33.66
C GLY J 11 -15.31 51.11 -34.29
N LEU J 12 -15.99 51.05 -35.43
CA LEU J 12 -16.51 52.25 -36.07
C LEU J 12 -17.68 52.78 -35.25
N VAL J 13 -17.47 53.88 -34.54
CA VAL J 13 -18.48 54.45 -33.65
C VAL J 13 -18.48 55.96 -33.83
N LYS J 14 -19.66 56.55 -33.78
CA LYS J 14 -19.87 57.99 -33.82
C LYS J 14 -20.83 58.36 -32.70
N PRO J 15 -20.89 59.64 -32.33
CA PRO J 15 -21.63 60.01 -31.11
C PRO J 15 -23.14 59.79 -31.24
N SER J 16 -23.73 59.29 -30.15
CA SER J 16 -25.18 59.11 -30.04
C SER J 16 -25.71 58.01 -30.96
N GLU J 17 -25.09 56.83 -30.88
CA GLU J 17 -25.65 55.63 -31.49
C GLU J 17 -25.31 54.43 -30.61
N THR J 18 -26.05 53.35 -30.82
CA THR J 18 -25.89 52.15 -30.01
C THR J 18 -24.54 51.49 -30.29
N LEU J 19 -24.01 50.83 -29.27
CA LEU J 19 -22.76 50.08 -29.35
C LEU J 19 -23.01 48.70 -28.74
N SER J 20 -22.53 47.66 -29.42
CA SER J 20 -22.80 46.28 -28.99
C SER J 20 -21.58 45.41 -29.28
N LEU J 21 -20.79 45.15 -28.24
CA LEU J 21 -19.76 44.13 -28.33
C LEU J 21 -20.42 42.75 -28.36
N THR J 22 -19.59 41.71 -28.55
CA THR J 22 -20.08 40.33 -28.60
C THR J 22 -19.02 39.43 -27.94
N CYS J 23 -19.21 39.16 -26.66
CA CYS J 23 -18.31 38.29 -25.93
C CYS J 23 -18.63 36.83 -26.21
N SER J 24 -17.59 36.04 -26.45
CA SER J 24 -17.73 34.63 -26.81
C SER J 24 -17.37 33.76 -25.61
N ILE J 25 -18.24 32.80 -25.30
CA ILE J 25 -18.04 31.86 -24.20
C ILE J 25 -17.90 30.48 -24.80
N SER J 26 -16.78 29.81 -24.49
CA SER J 26 -16.44 28.52 -25.08
C SER J 26 -16.02 27.55 -24.00
N GLY J 27 -16.44 26.29 -24.14
CA GLY J 27 -16.02 25.25 -23.24
C GLY J 27 -16.57 25.35 -21.84
N VAL J 28 -17.72 26.01 -21.66
CA VAL J 28 -18.30 26.21 -20.34
C VAL J 28 -19.75 26.61 -20.52
N SER J 29 -20.56 26.38 -19.48
CA SER J 29 -21.99 26.65 -19.54
C SER J 29 -22.24 28.16 -19.61
N THR J 30 -23.53 28.52 -19.64
CA THR J 30 -23.95 29.92 -19.71
C THR J 30 -24.95 30.27 -18.62
N ARG J 31 -25.04 29.48 -17.56
CA ARG J 31 -25.93 29.75 -16.44
C ARG J 31 -25.18 29.59 -15.13
N ASN J 32 -25.65 30.31 -14.11
CA ASN J 32 -25.01 30.36 -12.80
C ASN J 32 -23.67 31.09 -12.83
N TYR J 33 -23.44 31.93 -13.84
CA TYR J 33 -22.18 32.63 -14.02
C TYR J 33 -22.43 34.13 -13.94
N TYR J 34 -21.57 34.83 -13.22
CA TYR J 34 -21.70 36.28 -13.05
C TYR J 34 -20.85 36.96 -14.10
N TRP J 35 -21.41 37.14 -15.30
CA TRP J 35 -20.71 37.83 -16.37
C TRP J 35 -20.76 39.33 -16.14
N SER J 36 -19.63 40.00 -16.35
CA SER J 36 -19.48 41.42 -16.04
C SER J 36 -18.84 42.16 -17.20
N TRP J 37 -19.13 43.45 -17.28
CA TRP J 37 -18.58 44.35 -18.30
C TRP J 37 -17.76 45.43 -17.61
N ILE J 38 -16.52 45.61 -18.06
CA ILE J 38 -15.62 46.63 -17.54
C ILE J 38 -14.88 47.27 -18.71
N ARG J 39 -14.65 48.57 -18.62
CA ARG J 39 -13.96 49.32 -19.66
C ARG J 39 -12.84 50.14 -19.03
N GLN J 40 -11.79 50.38 -19.81
CA GLN J 40 -10.64 51.16 -19.39
C GLN J 40 -10.51 52.38 -20.30
N SER J 41 -10.61 53.57 -19.72
CA SER J 41 -10.56 54.82 -20.47
C SER J 41 -9.30 55.59 -20.10
N PRO J 42 -8.40 55.92 -21.04
CA PRO J 42 -7.26 56.77 -20.69
C PRO J 42 -7.73 58.10 -20.13
N GLY J 43 -7.01 58.59 -19.13
CA GLY J 43 -7.41 59.77 -18.40
C GLY J 43 -8.33 59.51 -17.23
N LYS J 44 -8.79 58.26 -17.04
CA LYS J 44 -9.62 57.90 -15.92
C LYS J 44 -9.33 56.46 -15.56
N GLY J 45 -9.85 56.03 -14.41
CA GLY J 45 -9.64 54.67 -13.96
C GLY J 45 -10.54 53.68 -14.65
N LEU J 46 -11.04 52.69 -13.92
CA LEU J 46 -11.95 51.68 -14.44
C LEU J 46 -13.27 51.74 -13.69
N GLU J 47 -14.35 51.46 -14.41
CA GLU J 47 -15.69 51.48 -13.85
C GLU J 47 -16.37 50.15 -14.11
N TRP J 48 -17.15 49.69 -13.13
CA TRP J 48 -17.86 48.42 -13.22
C TRP J 48 -19.20 48.66 -13.88
N ILE J 49 -19.34 48.25 -15.14
CA ILE J 49 -20.53 48.59 -15.92
C ILE J 49 -21.77 47.92 -15.35
N GLY J 50 -21.64 46.71 -14.84
CA GLY J 50 -22.79 45.98 -14.31
C GLY J 50 -22.84 44.55 -14.79
N TYR J 51 -23.01 43.62 -13.87
CA TYR J 51 -23.01 42.20 -14.21
C TYR J 51 -24.40 41.77 -14.69
N ILE J 52 -24.43 40.62 -15.36
CA ILE J 52 -25.66 39.94 -15.73
C ILE J 52 -25.56 38.52 -15.19
N PHE J 53 -26.56 38.12 -14.41
CA PHE J 53 -26.56 36.82 -13.72
C PHE J 53 -27.81 36.07 -14.13
N ASN J 54 -27.62 34.86 -14.68
CA ASN J 54 -28.71 34.00 -15.14
C ASN J 54 -29.52 34.80 -16.16
N ILE J 55 -30.81 35.05 -15.94
CA ILE J 55 -31.63 35.82 -16.88
C ILE J 55 -32.37 36.92 -16.12
N GLY J 56 -32.19 36.98 -14.80
CA GLY J 56 -32.96 37.88 -13.97
C GLY J 56 -32.22 39.15 -13.61
N THR J 57 -31.67 39.20 -12.39
CA THR J 57 -31.05 40.42 -11.89
C THR J 57 -29.95 40.90 -12.83
N THR J 58 -30.03 42.16 -13.22
CA THR J 58 -29.17 42.73 -14.25
C THR J 58 -28.73 44.15 -13.84
N ASN J 59 -28.27 44.29 -12.60
CA ASN J 59 -27.90 45.60 -12.06
C ASN J 59 -26.95 46.34 -12.98
N TYR J 60 -27.24 47.62 -13.23
CA TYR J 60 -26.52 48.45 -14.19
C TYR J 60 -25.91 49.65 -13.47
N ASN J 61 -24.71 49.46 -12.89
CA ASN J 61 -23.89 50.56 -12.38
C ASN J 61 -24.72 51.59 -11.62
N PRO J 62 -25.19 51.28 -10.41
CA PRO J 62 -26.21 52.13 -9.79
C PRO J 62 -25.83 53.60 -9.67
N SER J 63 -26.66 54.47 -10.24
CA SER J 63 -26.62 55.92 -10.14
C SER J 63 -25.54 56.56 -11.02
N LEU J 64 -24.71 55.79 -11.71
CA LEU J 64 -23.69 56.38 -12.58
C LEU J 64 -24.21 56.57 -14.00
N LYS J 65 -24.71 55.51 -14.62
CA LYS J 65 -25.31 55.61 -15.95
C LYS J 65 -26.71 55.01 -15.95
N SER J 66 -26.94 53.98 -15.13
CA SER J 66 -28.25 53.36 -15.01
C SER J 66 -28.64 52.67 -16.31
N ARG J 67 -28.97 53.45 -17.33
CA ARG J 67 -29.44 52.87 -18.60
C ARG J 67 -28.25 52.23 -19.32
N LEU J 68 -28.20 50.90 -19.31
CA LEU J 68 -27.14 50.18 -20.00
C LEU J 68 -27.70 49.05 -20.87
N THR J 69 -28.82 48.47 -20.44
CA THR J 69 -29.56 47.48 -21.23
C THR J 69 -28.64 46.38 -21.75
N ILE J 70 -28.03 45.66 -20.83
CA ILE J 70 -27.15 44.54 -21.13
C ILE J 70 -27.96 43.26 -21.03
N SER J 71 -28.10 42.55 -22.14
CA SER J 71 -28.84 41.31 -22.21
C SER J 71 -27.90 40.14 -22.44
N VAL J 72 -28.38 38.95 -22.09
CA VAL J 72 -27.63 37.71 -22.22
C VAL J 72 -28.42 36.78 -23.13
N ASP J 73 -27.77 36.26 -24.16
CA ASP J 73 -28.39 35.31 -25.09
C ASP J 73 -28.09 33.91 -24.59
N THR J 74 -29.07 33.31 -23.90
CA THR J 74 -28.90 31.96 -23.35
C THR J 74 -29.31 30.89 -24.36
N SER J 75 -28.73 30.97 -25.55
CA SER J 75 -28.95 30.00 -26.61
C SER J 75 -27.65 29.49 -27.21
N LYS J 76 -26.64 30.35 -27.31
CA LYS J 76 -25.33 29.96 -27.83
C LYS J 76 -24.19 30.47 -26.96
N ASN J 77 -24.47 30.95 -25.75
CA ASN J 77 -23.44 31.43 -24.84
C ASN J 77 -22.67 32.60 -25.46
N GLN J 78 -23.40 33.67 -25.75
CA GLN J 78 -22.79 34.86 -26.36
C GLN J 78 -23.68 36.06 -26.04
N PHE J 79 -23.26 36.87 -25.07
CA PHE J 79 -23.99 38.07 -24.68
C PHE J 79 -23.37 39.29 -25.36
N SER J 80 -24.02 40.44 -25.16
CA SER J 80 -23.63 41.67 -25.83
C SER J 80 -23.95 42.84 -24.91
N LEU J 81 -23.92 44.06 -25.47
CA LEU J 81 -24.20 45.28 -24.74
C LEU J 81 -24.98 46.22 -25.65
N LYS J 82 -25.66 47.18 -25.03
CA LYS J 82 -26.39 48.19 -25.81
C LYS J 82 -26.33 49.51 -25.03
N ILE J 83 -25.32 50.31 -25.35
CA ILE J 83 -25.13 51.61 -24.72
C ILE J 83 -26.04 52.64 -25.39
N THR J 84 -26.45 53.65 -24.63
CA THR J 84 -27.31 54.72 -25.12
C THR J 84 -26.67 56.07 -24.81
N SER J 85 -26.82 57.00 -25.75
CA SER J 85 -26.28 58.36 -25.61
C SER J 85 -24.75 58.32 -25.45
N VAL J 86 -24.09 57.82 -26.49
CA VAL J 86 -22.63 57.78 -26.49
C VAL J 86 -22.09 59.19 -26.51
N THR J 87 -21.12 59.47 -25.65
CA THR J 87 -20.49 60.77 -25.54
C THR J 87 -19.03 60.68 -25.96
N ALA J 88 -18.37 61.84 -26.00
CA ALA J 88 -16.96 61.86 -26.38
C ALA J 88 -16.10 61.08 -25.40
N ALA J 89 -16.37 61.24 -24.10
CA ALA J 89 -15.59 60.55 -23.08
C ALA J 89 -15.80 59.04 -23.07
N ASP J 90 -16.85 58.54 -23.74
CA ASP J 90 -17.14 57.12 -23.72
C ASP J 90 -16.09 56.28 -24.43
N THR J 91 -15.19 56.88 -25.19
CA THR J 91 -14.12 56.12 -25.84
C THR J 91 -13.28 55.41 -24.80
N ALA J 92 -13.05 54.11 -25.02
CA ALA J 92 -12.36 53.27 -24.06
C ALA J 92 -12.17 51.90 -24.71
N VAL J 93 -11.55 50.99 -23.95
CA VAL J 93 -11.39 49.60 -24.35
C VAL J 93 -12.21 48.75 -23.38
N TYR J 94 -13.14 47.97 -23.92
CA TYR J 94 -14.09 47.20 -23.13
C TYR J 94 -13.61 45.76 -22.97
N TYR J 95 -14.13 45.11 -21.93
CA TYR J 95 -13.79 43.71 -21.65
C TYR J 95 -15.01 43.01 -21.07
N CYS J 96 -15.02 41.69 -21.19
CA CYS J 96 -16.03 40.83 -20.58
C CYS J 96 -15.32 39.83 -19.68
N ALA J 97 -15.93 39.52 -18.53
CA ALA J 97 -15.26 38.68 -17.55
C ALA J 97 -16.28 38.08 -16.59
N SER J 98 -15.80 37.10 -15.81
CA SER J 98 -16.61 36.41 -14.81
C SER J 98 -15.69 35.90 -13.72
N GLY J 99 -16.29 35.31 -12.69
CA GLY J 99 -15.56 34.78 -11.54
C GLY J 99 -15.26 33.31 -11.66
N PHE J 100 -15.02 32.66 -10.52
CA PHE J 100 -14.75 31.24 -10.48
C PHE J 100 -16.03 30.44 -10.60
N GLU J 101 -16.77 30.62 -11.71
CA GLU J 101 -17.95 29.84 -12.05
C GLU J 101 -19.14 30.20 -11.16
N TYR J 102 -18.90 30.96 -10.08
CA TYR J 102 -19.94 31.44 -9.18
C TYR J 102 -19.34 32.46 -8.23
N GLY J 103 -19.80 33.70 -8.28
CA GLY J 103 -19.28 34.71 -7.38
C GLY J 103 -19.43 36.10 -7.95
N ASP J 104 -18.96 37.07 -7.18
CA ASP J 104 -19.09 38.48 -7.52
C ASP J 104 -17.80 39.28 -7.35
N TYR J 105 -16.82 38.79 -6.57
CA TYR J 105 -15.66 39.58 -6.18
C TYR J 105 -14.36 38.96 -6.67
N THR J 106 -14.40 38.26 -7.81
CA THR J 106 -13.22 37.58 -8.33
C THR J 106 -12.73 38.18 -9.64
N PHE J 107 -13.55 38.18 -10.68
CA PHE J 107 -13.17 38.69 -12.00
C PHE J 107 -11.83 38.10 -12.46
N ASP J 108 -11.70 36.77 -12.37
CA ASP J 108 -10.48 36.13 -12.85
C ASP J 108 -10.54 35.93 -14.36
N TYR J 109 -11.50 35.14 -14.84
CA TYR J 109 -11.60 34.88 -16.27
C TYR J 109 -11.91 36.18 -16.98
N TRP J 110 -10.91 36.73 -17.68
CA TRP J 110 -10.95 38.09 -18.18
C TRP J 110 -10.84 38.04 -19.70
N GLY J 111 -11.58 38.90 -20.39
CA GLY J 111 -11.61 38.90 -21.83
C GLY J 111 -10.38 39.54 -22.46
N GLN J 112 -10.24 39.33 -23.77
CA GLN J 112 -9.11 39.89 -24.50
C GLN J 112 -9.14 41.41 -24.46
N GLY J 113 -10.18 42.02 -25.05
CA GLY J 113 -10.32 43.46 -25.07
C GLY J 113 -10.10 44.07 -26.43
N THR J 114 -11.09 44.84 -26.91
CA THR J 114 -11.01 45.56 -28.16
C THR J 114 -11.44 47.00 -27.95
N PRO J 115 -10.89 47.95 -28.72
CA PRO J 115 -11.19 49.36 -28.47
C PRO J 115 -12.38 49.87 -29.27
N VAL J 116 -12.94 50.97 -28.77
CA VAL J 116 -14.00 51.70 -29.45
C VAL J 116 -13.68 53.19 -29.37
N THR J 117 -13.79 53.88 -30.49
CA THR J 117 -13.46 55.31 -30.57
C THR J 117 -14.63 56.07 -31.18
N VAL J 118 -14.89 57.25 -30.64
CA VAL J 118 -15.94 58.13 -31.14
C VAL J 118 -15.34 58.96 -32.27
N SER J 119 -15.77 58.68 -33.50
CA SER J 119 -15.24 59.34 -34.69
C SER J 119 -16.38 59.78 -35.59
N SER J 120 -16.12 60.80 -36.40
CA SER J 120 -17.12 61.33 -37.33
C SER J 120 -16.46 61.70 -38.65
N ASP K 1 -21.83 54.87 -3.89
CA ASP K 1 -21.03 56.11 -3.76
C ASP K 1 -19.71 55.99 -4.49
N GLU K 2 -18.87 57.01 -4.38
CA GLU K 2 -17.58 57.01 -5.08
C GLU K 2 -16.57 56.12 -4.38
N ILE K 3 -16.37 56.34 -3.07
CA ILE K 3 -15.35 55.62 -2.31
C ILE K 3 -14.00 55.90 -2.96
N VAL K 4 -13.50 57.12 -2.80
CA VAL K 4 -12.29 57.57 -3.46
C VAL K 4 -11.07 56.89 -2.83
N LEU K 5 -9.93 56.98 -3.51
CA LEU K 5 -8.68 56.40 -3.02
C LEU K 5 -7.55 56.92 -3.90
N THR K 6 -6.41 57.20 -3.27
CA THR K 6 -5.27 57.82 -3.96
C THR K 6 -4.08 56.90 -4.15
N GLN K 7 -3.94 55.88 -3.30
CA GLN K 7 -2.83 54.92 -3.32
C GLN K 7 -1.51 55.69 -3.50
N SER K 8 -0.51 55.09 -4.11
CA SER K 8 0.74 55.80 -4.36
C SER K 8 0.48 56.99 -5.29
N PRO K 9 1.17 58.12 -5.11
CA PRO K 9 0.82 59.33 -5.86
C PRO K 9 0.89 59.15 -7.37
N ALA K 10 2.04 58.75 -7.89
CA ALA K 10 2.21 58.53 -9.32
C ALA K 10 2.95 57.23 -9.65
N THR K 11 3.99 56.90 -8.89
CA THR K 11 4.78 55.71 -9.18
C THR K 11 5.72 55.40 -8.02
N LEU K 12 5.86 54.12 -7.69
CA LEU K 12 6.79 53.67 -6.66
C LEU K 12 7.85 52.82 -7.36
N SER K 13 8.89 53.49 -7.86
CA SER K 13 9.96 52.80 -8.55
C SER K 13 10.75 51.95 -7.57
N VAL K 14 11.07 50.72 -7.98
CA VAL K 14 11.78 49.76 -7.15
C VAL K 14 12.90 49.14 -7.97
N SER K 15 14.09 49.08 -7.42
CA SER K 15 15.21 48.45 -8.10
C SER K 15 14.98 46.95 -8.20
N PRO K 16 15.61 46.28 -9.16
CA PRO K 16 15.40 44.83 -9.29
C PRO K 16 15.79 44.09 -8.03
N GLY K 17 14.97 43.12 -7.66
CA GLY K 17 15.19 42.38 -6.42
C GLY K 17 15.11 43.27 -5.19
N GLY K 18 14.16 44.21 -5.17
CA GLY K 18 14.02 45.13 -4.06
C GLY K 18 12.84 44.83 -3.17
N ARG K 19 12.06 45.86 -2.85
CA ARG K 19 10.88 45.70 -2.00
C ARG K 19 9.86 46.76 -2.39
N ALA K 20 8.60 46.36 -2.48
CA ALA K 20 7.53 47.24 -2.90
C ALA K 20 6.54 47.43 -1.75
N SER K 21 5.96 48.63 -1.70
CA SER K 21 5.03 49.03 -0.64
C SER K 21 3.80 49.70 -1.24
N LEU K 22 3.22 49.08 -2.25
CA LEU K 22 1.98 49.61 -2.83
C LEU K 22 0.89 49.66 -1.77
N SER K 23 0.09 50.71 -1.81
CA SER K 23 -0.92 51.00 -0.80
C SER K 23 -2.24 51.35 -1.48
N CYS K 24 -3.30 51.39 -0.68
CA CYS K 24 -4.62 51.78 -1.18
C CYS K 24 -5.47 52.17 0.02
N ARG K 25 -5.79 53.45 0.15
CA ARG K 25 -6.49 53.97 1.30
C ARG K 25 -7.99 54.05 1.02
N ALA K 26 -8.79 53.61 1.98
CA ALA K 26 -10.24 53.60 1.86
C ALA K 26 -10.82 54.72 2.72
N SER K 27 -11.72 55.51 2.13
CA SER K 27 -12.35 56.62 2.83
C SER K 27 -13.53 56.19 3.70
N GLN K 28 -13.90 54.92 3.67
CA GLN K 28 -15.04 54.41 4.43
C GLN K 28 -14.60 53.17 5.19
N SER K 29 -15.40 52.74 6.18
CA SER K 29 -15.10 51.52 6.94
C SER K 29 -15.28 50.27 6.10
N ILE K 30 -14.45 50.13 5.06
CA ILE K 30 -14.61 49.05 4.10
C ILE K 30 -14.50 47.69 4.79
N GLY K 31 -13.61 47.60 5.79
CA GLY K 31 -13.39 46.36 6.50
C GLY K 31 -12.28 45.53 5.87
N ASP K 32 -12.66 44.50 5.13
CA ASP K 32 -11.71 43.62 4.48
C ASP K 32 -12.02 43.34 3.01
N LYS K 33 -13.21 43.70 2.52
CA LYS K 33 -13.63 43.34 1.16
C LYS K 33 -12.85 44.19 0.17
N LEU K 34 -11.62 43.76 -0.10
CA LEU K 34 -10.73 44.45 -1.03
C LEU K 34 -9.91 43.44 -1.80
N SER K 35 -9.46 43.83 -2.98
CA SER K 35 -8.65 42.97 -3.84
C SER K 35 -7.69 43.83 -4.65
N TRP K 36 -6.65 43.20 -5.16
CA TRP K 36 -5.64 43.86 -5.97
C TRP K 36 -5.51 43.17 -7.32
N TYR K 37 -5.45 43.97 -8.38
CA TYR K 37 -5.27 43.46 -9.74
C TYR K 37 -4.08 44.15 -10.37
N GLN K 38 -3.42 43.45 -11.29
CA GLN K 38 -2.26 43.97 -12.01
C GLN K 38 -2.53 43.99 -13.50
N GLN K 39 -1.96 45.00 -14.18
CA GLN K 39 -2.11 45.17 -15.62
C GLN K 39 -0.77 45.57 -16.20
N LYS K 40 -0.30 44.80 -17.20
CA LYS K 40 0.96 45.07 -17.85
C LYS K 40 0.76 45.92 -19.09
N PRO K 41 1.83 46.54 -19.62
CA PRO K 41 1.74 47.11 -20.97
C PRO K 41 1.53 46.01 -21.99
N GLY K 42 0.38 46.01 -22.65
CA GLY K 42 -0.08 44.84 -23.36
C GLY K 42 -0.72 43.86 -22.40
N GLN K 43 -1.22 42.75 -22.97
CA GLN K 43 -1.96 41.77 -22.17
C GLN K 43 -3.18 42.46 -21.57
N ALA K 44 -3.91 41.78 -20.69
CA ALA K 44 -5.09 42.33 -20.03
C ALA K 44 -5.00 42.06 -18.54
N PRO K 45 -5.73 42.85 -17.74
CA PRO K 45 -5.61 42.70 -16.27
C PRO K 45 -5.90 41.30 -15.78
N ARG K 46 -5.16 40.88 -14.77
CA ARG K 46 -5.35 39.61 -14.08
C ARG K 46 -5.18 39.84 -12.59
N LEU K 47 -6.03 39.21 -11.79
CA LEU K 47 -5.99 39.42 -10.34
C LEU K 47 -4.75 38.76 -9.73
N VAL K 48 -4.28 39.33 -8.62
CA VAL K 48 -3.15 38.80 -7.87
C VAL K 48 -3.53 38.50 -6.43
N ILE K 49 -4.26 39.40 -5.78
CA ILE K 49 -4.70 39.23 -4.39
C ILE K 49 -6.19 39.49 -4.33
N TYR K 50 -6.92 38.60 -3.66
CA TYR K 50 -8.35 38.75 -3.47
C TYR K 50 -8.68 38.47 -2.00
N GLY K 51 -9.84 38.96 -1.58
CA GLY K 51 -10.29 38.78 -0.22
C GLY K 51 -9.73 39.83 0.72
N ALA K 52 -8.40 39.86 0.85
CA ALA K 52 -7.69 40.80 1.71
C ALA K 52 -6.24 40.35 1.83
N TYR K 53 -6.04 39.09 2.19
CA TYR K 53 -4.73 38.47 2.28
C TYR K 53 -4.58 37.24 1.40
N THR K 54 -5.68 36.62 0.97
CA THR K 54 -5.61 35.36 0.26
C THR K 54 -4.82 35.52 -1.03
N ARG K 55 -3.91 34.59 -1.27
CA ARG K 55 -3.15 34.57 -2.52
C ARG K 55 -4.01 33.98 -3.63
N ALA K 56 -3.70 34.39 -4.86
CA ALA K 56 -4.51 34.01 -6.01
C ALA K 56 -3.96 32.75 -6.66
N THR K 57 -4.72 32.23 -7.62
CA THR K 57 -4.30 31.06 -8.38
C THR K 57 -3.01 31.35 -9.14
N ASP K 58 -2.05 30.45 -9.03
CA ASP K 58 -0.80 30.51 -9.78
C ASP K 58 -0.13 31.88 -9.67
N ILE K 59 0.04 32.33 -8.42
CA ILE K 59 0.77 33.56 -8.12
C ILE K 59 1.85 33.22 -7.10
N SER K 60 3.02 33.83 -7.28
CA SER K 60 4.17 33.46 -6.47
C SER K 60 3.92 33.81 -5.00
N PRO K 61 4.53 33.07 -4.06
CA PRO K 61 4.35 33.42 -2.64
C PRO K 61 4.88 34.79 -2.26
N ARG K 62 5.66 35.44 -3.13
CA ARG K 62 6.19 36.76 -2.80
C ARG K 62 5.08 37.76 -2.56
N PHE K 63 4.06 37.75 -3.40
CA PHE K 63 2.97 38.72 -3.28
C PHE K 63 2.19 38.47 -1.99
N SER K 64 1.81 39.56 -1.33
CA SER K 64 1.06 39.49 -0.08
C SER K 64 0.32 40.82 0.10
N GLY K 65 -0.25 41.01 1.29
CA GLY K 65 -0.98 42.24 1.57
C GLY K 65 -1.07 42.49 3.06
N SER K 66 -1.51 43.70 3.38
CA SER K 66 -1.70 44.11 4.76
C SER K 66 -3.00 44.89 4.89
N ARG K 67 -3.61 44.82 6.07
CA ARG K 67 -4.87 45.49 6.36
C ARG K 67 -4.70 46.35 7.61
N SER K 68 -5.03 47.63 7.48
CA SER K 68 -4.97 48.57 8.60
C SER K 68 -6.34 49.21 8.87
N GLY K 69 -7.41 48.58 8.43
CA GLY K 69 -8.75 49.12 8.59
C GLY K 69 -9.17 49.99 7.42
N THR K 70 -8.33 50.95 7.04
CA THR K 70 -8.59 51.82 5.90
C THR K 70 -7.39 51.87 4.97
N ASP K 71 -6.18 51.72 5.51
CA ASP K 71 -4.94 51.86 4.76
C ASP K 71 -4.43 50.47 4.42
N PHE K 72 -4.86 49.95 3.27
CA PHE K 72 -4.36 48.68 2.77
C PHE K 72 -2.96 48.85 2.20
N ASN K 73 -2.18 47.77 2.27
CA ASN K 73 -0.80 47.78 1.78
C ASN K 73 -0.49 46.45 1.11
N LEU K 74 -0.03 46.51 -0.14
CA LEU K 74 0.41 45.35 -0.89
C LEU K 74 1.92 45.37 -0.98
N THR K 75 2.56 44.24 -0.69
CA THR K 75 4.01 44.15 -0.61
C THR K 75 4.52 43.03 -1.51
N ILE K 76 5.73 43.21 -2.01
CA ILE K 76 6.43 42.21 -2.82
C ILE K 76 7.75 41.89 -2.14
N SER K 77 8.00 40.60 -1.90
CA SER K 77 9.21 40.21 -1.19
C SER K 77 10.46 40.60 -1.97
N ARG K 78 10.47 40.34 -3.27
CA ARG K 78 11.61 40.69 -4.11
C ARG K 78 11.19 40.63 -5.57
N MET K 79 11.43 41.71 -6.30
CA MET K 79 11.04 41.75 -7.71
C MET K 79 11.85 40.74 -8.52
N GLN K 80 11.20 40.12 -9.49
CA GLN K 80 11.84 39.12 -10.33
C GLN K 80 11.13 39.07 -11.67
N SER K 81 11.87 38.68 -12.70
CA SER K 81 11.34 38.53 -14.07
C SER K 81 10.84 39.91 -14.51
N GLY K 82 9.72 39.98 -15.23
CA GLY K 82 9.20 41.24 -15.74
C GLY K 82 7.95 41.70 -15.03
N ASP K 83 7.93 41.57 -13.70
CA ASP K 83 6.77 41.95 -12.88
C ASP K 83 6.56 43.46 -12.79
N PHE K 84 7.31 44.29 -13.51
CA PHE K 84 7.09 45.74 -13.47
C PHE K 84 5.86 46.06 -14.30
N ALA K 85 4.79 46.52 -13.63
CA ALA K 85 3.51 46.74 -14.31
C ALA K 85 2.65 47.66 -13.45
N VAL K 86 1.43 47.90 -13.92
CA VAL K 86 0.46 48.73 -13.23
C VAL K 86 -0.35 47.85 -12.29
N TYR K 87 -0.84 48.46 -11.21
CA TYR K 87 -1.62 47.74 -10.20
C TYR K 87 -2.87 48.55 -9.86
N PHE K 88 -3.97 47.82 -9.59
CA PHE K 88 -5.22 48.43 -9.19
C PHE K 88 -5.72 47.75 -7.92
N CYS K 89 -6.35 48.54 -7.05
CA CYS K 89 -7.00 48.03 -5.85
C CYS K 89 -8.50 48.22 -6.00
N GLN K 90 -9.26 47.16 -5.74
CA GLN K 90 -10.68 47.11 -6.00
C GLN K 90 -11.45 46.88 -4.71
N GLN K 91 -12.56 47.60 -4.57
CA GLN K 91 -13.44 47.50 -3.41
C GLN K 91 -14.77 46.91 -3.85
N TYR K 92 -15.31 45.97 -3.07
CA TYR K 92 -16.51 45.24 -3.45
C TYR K 92 -17.43 45.05 -2.26
N GLU K 93 -17.47 46.03 -1.34
CA GLU K 93 -18.47 45.99 -0.28
C GLU K 93 -19.82 46.50 -0.77
N ASN K 94 -19.88 47.76 -1.16
CA ASN K 94 -21.10 48.34 -1.69
C ASN K 94 -21.26 47.98 -3.16
N TRP K 95 -22.50 48.06 -3.64
CA TRP K 95 -22.78 47.65 -5.01
C TRP K 95 -22.04 48.46 -6.05
N PRO K 96 -21.99 49.80 -6.00
CA PRO K 96 -21.29 50.54 -7.07
C PRO K 96 -19.79 50.34 -6.98
N ARG K 97 -19.31 49.21 -7.50
CA ARG K 97 -17.89 48.89 -7.44
C ARG K 97 -17.08 49.93 -8.19
N THR K 98 -15.97 50.35 -7.57
CA THR K 98 -15.07 51.33 -8.15
C THR K 98 -13.64 50.82 -8.05
N PHE K 99 -12.87 51.02 -9.12
CA PHE K 99 -11.48 50.62 -9.18
C PHE K 99 -10.58 51.81 -8.83
N GLY K 100 -9.29 51.52 -8.66
CA GLY K 100 -8.33 52.55 -8.37
C GLY K 100 -7.87 53.30 -9.61
N GLN K 101 -7.24 54.46 -9.38
CA GLN K 101 -6.74 55.25 -10.50
C GLN K 101 -5.67 54.50 -11.27
N GLY K 102 -4.77 53.83 -10.56
CA GLY K 102 -3.70 53.08 -11.18
C GLY K 102 -2.33 53.67 -10.91
N THR K 103 -1.41 52.83 -10.42
CA THR K 103 -0.04 53.23 -10.15
C THR K 103 0.90 52.37 -10.99
N LYS K 104 1.86 53.01 -11.64
CA LYS K 104 2.81 52.34 -12.52
C LYS K 104 4.09 52.03 -11.76
N LEU K 105 4.54 50.79 -11.82
CA LEU K 105 5.77 50.37 -11.16
C LEU K 105 6.90 50.45 -12.19
N GLU K 106 7.53 51.62 -12.26
CA GLU K 106 8.60 51.83 -13.21
C GLU K 106 9.82 51.00 -12.82
N ILE K 107 10.86 51.05 -13.67
CA ILE K 107 12.09 50.33 -13.47
C ILE K 107 13.19 51.33 -13.13
N LYS K 108 13.92 51.06 -12.04
CA LYS K 108 14.97 51.97 -11.61
C LYS K 108 16.07 52.06 -12.65
N ARG K 109 16.60 53.27 -12.84
CA ARG K 109 17.66 53.50 -13.79
C ARG K 109 19.00 52.99 -13.26
C1 NAG L . 0.71 27.71 3.84
C2 NAG L . 0.55 28.92 2.94
C3 NAG L . -0.08 30.07 3.72
C4 NAG L . -1.36 29.63 4.40
C5 NAG L . -1.13 28.34 5.21
C6 NAG L . -2.41 27.75 5.76
C7 NAG L . 2.26 28.89 1.18
C8 NAG L . 3.60 29.41 0.74
N2 NAG L . 1.82 29.32 2.36
O3 NAG L . -0.35 31.14 2.83
O4 NAG L . -1.78 30.65 5.29
O5 NAG L . -0.55 27.33 4.37
O6 NAG L . -2.80 28.42 6.96
O7 NAG L . 1.61 28.11 0.48
C1 NAG L . -3.22 30.83 5.28
C2 NAG L . -3.59 31.58 6.54
C3 NAG L . -5.08 31.83 6.58
C4 NAG L . -5.52 32.57 5.32
C5 NAG L . -5.08 31.78 4.09
C6 NAG L . -5.38 32.48 2.79
C7 NAG L . -2.03 31.13 8.38
C8 NAG L . -1.74 30.29 9.59
N2 NAG L . -3.16 30.86 7.74
O3 NAG L . -5.42 32.60 7.73
O4 NAG L . -6.94 32.71 5.31
O5 NAG L . -3.66 31.56 4.13
O6 NAG L . -6.75 32.37 2.43
O7 NAG L . -1.26 32.02 8.01
C1 BMA L . -7.35 34.09 5.31
C2 BMA L . -8.88 34.03 5.35
C3 BMA L . -9.52 35.41 5.57
C4 BMA L . -8.79 36.23 6.64
C5 BMA L . -7.27 36.21 6.43
C6 BMA L . -6.55 36.94 7.56
O2 BMA L . -9.30 33.20 6.42
O3 BMA L . -10.89 35.31 5.97
O4 BMA L . -9.24 37.58 6.60
O5 BMA L . -6.83 34.83 6.40
O6 BMA L . -5.18 37.12 7.19
C1 MAN L . -11.63 34.44 5.10
C2 MAN L . -13.10 34.95 5.02
C3 MAN L . -13.85 34.66 6.32
C4 MAN L . -13.68 33.20 6.75
C5 MAN L . -12.19 32.86 6.84
C6 MAN L . -11.93 31.41 7.20
O2 MAN L . -13.80 34.26 3.98
O3 MAN L . -15.23 34.98 6.21
O4 MAN L . -14.29 32.99 8.01
O5 MAN L . -11.59 33.10 5.56
O6 MAN L . -10.55 31.27 7.55
C1 MAN L . -14.73 35.05 3.20
C2 MAN L . -14.95 34.26 1.88
C3 MAN L . -13.70 34.36 1.01
C4 MAN L . -13.29 35.82 0.80
C5 MAN L . -13.08 36.49 2.15
C6 MAN L . -12.77 37.98 2.04
O2 MAN L . -16.01 34.83 1.10
O3 MAN L . -13.88 33.71 -0.25
O4 MAN L . -12.09 35.88 0.05
O5 MAN L . -14.28 36.37 2.95
O6 MAN L . -13.40 38.64 3.13
C1 MAN L . -4.39 37.50 8.33
C2 MAN L . -2.93 37.61 7.85
C3 MAN L . -2.48 36.24 7.39
C4 MAN L . -2.61 35.25 8.55
C5 MAN L . -4.08 35.21 8.97
C6 MAN L . -4.35 34.28 10.15
O2 MAN L . -2.06 37.99 8.91
O3 MAN L . -1.16 36.22 6.83
O4 MAN L . -2.18 33.97 8.14
O5 MAN L . -4.49 36.54 9.35
O6 MAN L . -4.02 34.99 11.34
C1 MAN L . -1.23 36.41 5.40
C2 MAN L . -1.50 35.04 4.69
C3 MAN L . -0.28 34.16 4.79
C4 MAN L . 0.95 34.88 4.26
C5 MAN L . 1.14 36.18 5.07
C6 MAN L . 2.34 36.99 4.61
O2 MAN L . -1.74 35.22 3.29
O3 MAN L . -0.47 32.93 4.09
O4 MAN L . 2.09 34.07 4.39
O5 MAN L . -0.04 37.00 4.93
O6 MAN L . 2.40 36.95 3.19
C1 MAN L . -5.13 34.91 12.25
C2 MAN L . -6.02 36.15 12.02
C3 MAN L . -5.26 37.41 12.42
C4 MAN L . -4.70 37.27 13.85
C5 MAN L . -3.86 36.00 13.96
C6 MAN L . -3.35 35.73 15.37
O2 MAN L . -7.19 36.12 12.85
O3 MAN L . -6.07 38.57 12.32
O4 MAN L . -3.90 38.40 14.16
O5 MAN L . -4.65 34.86 13.58
O6 MAN L . -2.69 34.47 15.38
C1 NAG M . 35.12 15.91 6.72
C2 NAG M . 35.68 17.18 6.09
C3 NAG M . 37.11 16.96 5.61
C4 NAG M . 37.97 16.40 6.74
C5 NAG M . 37.31 15.16 7.35
C6 NAG M . 38.04 14.63 8.55
C7 NAG M . 34.80 18.90 4.57
C8 NAG M . 33.88 19.18 3.42
N2 NAG M . 34.84 17.64 4.99
O3 NAG M . 37.65 18.19 5.16
O4 NAG M . 39.25 16.05 6.23
O5 NAG M . 35.97 15.48 7.77
O6 NAG M . 38.29 15.66 9.50
O7 NAG M . 35.47 19.78 5.10
C1 NAG M . 40.27 16.46 7.15
C2 NAG M . 41.59 15.80 6.72
C3 NAG M . 42.72 16.24 7.64
C4 NAG M . 42.80 17.75 7.70
C5 NAG M . 41.44 18.34 8.09
C6 NAG M . 41.41 19.85 8.05
C7 NAG M . 40.95 13.67 5.69
C8 NAG M . 40.89 12.18 5.85
N2 NAG M . 41.45 14.35 6.71
O3 NAG M . 43.95 15.71 7.15
O4 NAG M . 43.77 18.15 8.66
O5 NAG M . 40.43 17.89 7.16
O6 NAG M . 42.22 20.41 9.08
O7 NAG M . 40.54 14.23 4.66
C1 BMA M . 44.99 18.49 7.98
C2 BMA M . 45.15 20.04 8.03
C3 BMA M . 46.52 20.44 7.47
C4 BMA M . 47.65 19.61 8.09
C5 BMA M . 47.35 18.12 7.92
C6 BMA M . 48.41 17.22 8.54
O2 BMA M . 45.10 20.50 9.37
O3 BMA M . 46.76 21.82 7.65
O4 BMA M . 48.87 19.92 7.46
O5 BMA M . 46.10 17.83 8.57
O6 BMA M . 49.68 17.65 8.06
C1 NAG N . 24.81 10.26 -24.46
C2 NAG N . 25.69 9.00 -24.46
C3 NAG N . 26.52 8.94 -25.74
C4 NAG N . 25.62 9.05 -26.97
C5 NAG N . 24.74 10.30 -26.86
C6 NAG N . 23.74 10.42 -27.99
C7 NAG N . 26.09 8.94 -22.05
C8 NAG N . 27.12 8.91 -20.96
N2 NAG N . 26.55 8.97 -23.30
O3 NAG N . 27.24 7.71 -25.79
O4 NAG N . 26.41 9.14 -28.15
O5 NAG N . 23.99 10.27 -25.64
O6 NAG N . 24.32 11.00 -29.15
O7 NAG N . 24.88 8.94 -21.79
C1 BMA N . 25.99 8.10 -29.05
C2 BMA N . 26.25 8.59 -30.50
C3 BMA N . 25.97 7.45 -31.50
C4 BMA N . 26.68 6.16 -31.07
C5 BMA N . 26.31 5.79 -29.63
C6 BMA N . 27.00 4.54 -29.14
O2 BMA N . 27.60 8.96 -30.68
O3 BMA N . 26.35 7.82 -32.81
O4 BMA N . 26.31 5.10 -31.95
O5 BMA N . 26.69 6.89 -28.79
O6 BMA N . 28.40 4.80 -29.08
C1 NAG O . 35.88 7.27 -14.32
C2 NAG O . 37.02 6.31 -14.65
C3 NAG O . 38.36 6.96 -14.33
C4 NAG O . 38.48 8.33 -15.01
C5 NAG O . 37.28 9.18 -14.65
C6 NAG O . 37.26 10.51 -15.37
C7 NAG O . 36.01 4.08 -14.27
C8 NAG O . 35.13 4.35 -15.45
N2 NAG O . 36.88 5.05 -13.94
O3 NAG O . 39.42 6.11 -14.75
O4 NAG O . 39.67 8.97 -14.58
O5 NAG O . 36.06 8.50 -15.01
O6 NAG O . 37.01 10.34 -16.77
O7 NAG O . 35.94 3.04 -13.62
C1 BMA O . 40.55 9.34 -15.68
C2 BMA O . 41.36 8.09 -16.15
C3 BMA O . 42.21 8.44 -17.37
C4 BMA O . 41.35 9.14 -18.45
C5 BMA O . 40.67 10.37 -17.85
C6 BMA O . 39.80 11.12 -18.85
O2 BMA O . 40.52 7.01 -16.53
O3 BMA O . 42.84 7.29 -17.93
O4 BMA O . 42.19 9.55 -19.53
O5 BMA O . 39.82 9.92 -16.78
O6 BMA O . 38.67 10.32 -19.15
C1 NAG P . -1.61 16.42 -12.30
C2 NAG P . -0.76 17.57 -11.77
C3 NAG P . -1.22 18.89 -12.35
C4 NAG P . -1.23 18.82 -13.87
C5 NAG P . -2.08 17.63 -14.32
C6 NAG P . -2.05 17.41 -15.82
C7 NAG P . 0.15 18.17 -9.57
C8 NAG P . -0.07 18.14 -8.09
N2 NAG P . -0.81 17.62 -10.31
O3 NAG P . -0.33 19.92 -11.94
O4 NAG P . -1.81 20.01 -14.41
O5 NAG P . -1.57 16.43 -13.73
O6 NAG P . -0.74 17.09 -16.28
O7 NAG P . 1.14 18.68 -10.07
C1 NAG P . -0.74 20.91 -14.79
C2 NAG P . -1.09 21.52 -16.14
C3 NAG P . 0.00 22.51 -16.56
C4 NAG P . 0.24 23.54 -15.47
C5 NAG P . 0.52 22.84 -14.14
C6 NAG P . 0.62 23.82 -12.98
C7 NAG P . -1.98 20.69 -18.26
C8 NAG P . -2.06 19.52 -19.20
N2 NAG P . -1.27 20.50 -17.15
O3 NAG P . -0.41 23.16 -17.76
O4 NAG P . 1.37 24.33 -15.81
O5 NAG P . -0.56 21.94 -13.81
O6 NAG P . -0.61 24.49 -12.75
O7 NAG P . -2.52 21.76 -18.51
C1 BMA P . 1.06 25.73 -15.72
C2 BMA P . 2.41 26.46 -15.52
C3 BMA P . 2.28 27.98 -15.71
C4 BMA P . 1.45 28.32 -16.95
C5 BMA P . 0.11 27.57 -16.89
C6 BMA P . -0.80 27.88 -18.07
O2 BMA P . 3.36 26.02 -16.47
O3 BMA P . 3.58 28.57 -15.83
O4 BMA P . 1.21 29.71 -17.01
O5 BMA P . 0.39 26.17 -16.88
O6 BMA P . -0.01 28.49 -19.08
C1 MAN P . -0.49 28.07 -20.38
C2 MAN P . 0.32 26.80 -20.78
C3 MAN P . 1.76 27.20 -21.12
C4 MAN P . 1.76 28.31 -22.19
C5 MAN P . 1.02 29.51 -21.62
C6 MAN P . 0.95 30.69 -22.58
O2 MAN P . -0.21 26.20 -21.96
O3 MAN P . 2.59 26.06 -21.48
O4 MAN P . 3.09 28.67 -22.53
O5 MAN P . -0.34 29.12 -21.32
O6 MAN P . 0.41 31.81 -21.87
C1 MAN P . 2.53 25.75 -22.89
C2 MAN P . 2.62 24.20 -23.02
C3 MAN P . 4.04 23.72 -22.72
C4 MAN P . 5.08 24.52 -23.51
C5 MAN P . 4.90 26.02 -23.20
C6 MAN P . 5.87 26.89 -23.97
O2 MAN P . 2.36 23.78 -24.36
O3 MAN P . 4.19 22.33 -22.97
O4 MAN P . 6.38 24.11 -23.14
O5 MAN P . 3.57 26.40 -23.58
O6 MAN P . 5.76 28.22 -23.47
C1 MAN P . 3.71 29.81 -15.09
C2 MAN P . 4.03 29.45 -13.59
C3 MAN P . 3.60 30.60 -12.68
C4 MAN P . 3.66 31.93 -13.44
C5 MAN P . 2.61 31.94 -14.57
C6 MAN P . 2.93 32.95 -15.66
O2 MAN P . 5.44 29.30 -13.38
O3 MAN P . 4.39 30.65 -11.50
O4 MAN P . 3.40 33.00 -12.54
O5 MAN P . 2.54 30.63 -15.20
O6 MAN P . 3.31 34.16 -15.02
C1 NAG Q . -24.17 21.16 -6.53
C2 NAG Q . -23.16 22.01 -5.78
C3 NAG Q . -23.87 23.01 -4.89
C4 NAG Q . -24.88 23.82 -5.69
C5 NAG Q . -25.81 22.90 -6.48
C6 NAG Q . -26.72 23.64 -7.42
C7 NAG Q . -20.92 21.16 -5.19
C8 NAG Q . -20.15 20.25 -4.30
N2 NAG Q . -22.25 21.19 -5.01
O3 NAG Q . -22.92 23.88 -4.29
O4 NAG Q . -25.67 24.62 -4.82
O5 NAG Q . -25.04 21.99 -7.29
O6 NAG Q . -26.25 23.57 -8.76
O7 NAG Q . -20.38 21.84 -6.06
C1 NAG Q . -25.04 25.90 -4.64
C2 NAG Q . -26.12 26.97 -4.43
C3 NAG Q . -25.46 28.32 -4.17
C4 NAG Q . -24.47 28.22 -3.02
C5 NAG Q . -23.48 27.10 -3.26
C6 NAG Q . -22.55 26.86 -2.10
C7 NAG Q . -28.20 26.44 -5.66
C8 NAG Q . -28.64 25.62 -4.49
N2 NAG Q . -27.01 27.04 -5.57
O3 NAG Q . -26.46 29.29 -3.88
O4 NAG Q . -23.76 29.45 -2.88
O5 NAG Q . -24.17 25.87 -3.50
O6 NAG Q . -23.27 26.66 -0.89
O7 NAG Q . -28.90 26.55 -6.67
C1 BMA Q . -24.44 30.34 -1.97
C2 BMA Q . -23.33 31.20 -1.30
C3 BMA Q . -23.94 32.46 -0.63
C4 BMA Q . -24.95 33.14 -1.56
C5 BMA Q . -26.05 32.13 -1.88
C6 BMA Q . -27.18 32.73 -2.72
O2 BMA Q . -22.40 31.61 -2.28
O3 BMA Q . -22.94 33.39 -0.14
O4 BMA Q . -25.52 34.28 -0.92
O5 BMA Q . -25.42 31.10 -2.65
O6 BMA Q . -28.35 33.02 -1.90
C1 MAN Q . -22.30 34.16 -1.18
C2 MAN Q . -20.80 34.27 -0.81
C3 MAN Q . -20.60 35.25 0.35
C4 MAN Q . -21.29 36.58 0.04
C5 MAN Q . -22.78 36.33 -0.21
C6 MAN Q . -23.54 37.60 -0.55
O2 MAN Q . -20.03 34.80 -1.89
O3 MAN Q . -19.22 35.46 0.63
O4 MAN Q . -21.14 37.47 1.14
O5 MAN Q . -22.92 35.43 -1.33
O6 MAN Q . -24.90 37.23 -0.78
C1 MAN Q . -29.01 31.91 -1.21
C2 MAN Q . -29.22 30.67 -2.12
C3 MAN Q . -30.16 31.01 -3.25
C4 MAN Q . -31.48 31.58 -2.69
C5 MAN Q . -31.19 32.78 -1.77
C6 MAN Q . -32.44 33.30 -1.08
O2 MAN Q . -29.88 29.62 -1.39
O3 MAN Q . -30.43 29.90 -4.10
O4 MAN Q . -32.32 32.01 -3.76
O5 MAN Q . -30.26 32.37 -0.74
O6 MAN Q . -32.88 32.33 -0.15
C1 NAG R . 3.03 -19.30 -19.27
C2 NAG R . 2.56 -20.33 -20.30
C3 NAG R . 2.34 -19.67 -21.66
C4 NAG R . 1.43 -18.45 -21.53
C5 NAG R . 1.99 -17.51 -20.48
C6 NAG R . 1.10 -16.31 -20.22
C7 NAG R . 3.62 -22.40 -19.53
C8 NAG R . 4.67 -23.43 -19.80
N2 NAG R . 3.52 -21.42 -20.42
O3 NAG R . 1.77 -20.61 -22.57
O4 NAG R . 1.33 -17.77 -22.77
O5 NAG R . 2.11 -18.20 -19.23
O6 NAG R . 1.16 -15.38 -21.30
O7 NAG R . 2.91 -22.45 -18.52
C1 NAG R . -0.06 -17.52 -23.04
C2 NAG R . -0.15 -16.59 -24.25
C3 NAG R . -1.61 -16.31 -24.60
C4 NAG R . -2.37 -17.63 -24.78
C5 NAG R . -2.17 -18.53 -23.57
C6 NAG R . -2.78 -19.90 -23.74
C7 NAG R . 1.80 -15.10 -24.46
C8 NAG R . 2.37 -13.76 -24.11
N2 NAG R . 0.55 -15.35 -24.01
O3 NAG R . -1.69 -15.55 -25.79
O4 NAG R . -3.76 -17.36 -24.92
O5 NAG R . -0.77 -18.73 -23.32
O6 NAG R . -4.17 -19.82 -24.00
O7 NAG R . 2.42 -15.94 -25.10
C1 BMA R . -4.16 -17.60 -26.28
C2 BMA R . -5.70 -17.53 -26.32
C3 BMA R . -6.21 -17.56 -27.77
C4 BMA R . -5.44 -16.57 -28.66
C5 BMA R . -3.93 -16.82 -28.53
C6 BMA R . -3.11 -15.84 -29.36
O2 BMA R . -6.16 -16.30 -25.75
O3 BMA R . -7.59 -17.25 -27.84
O4 BMA R . -5.84 -16.75 -30.01
O5 BMA R . -3.57 -16.65 -27.16
O6 BMA R . -2.81 -14.71 -28.54
C1 MAN R . -8.34 -18.35 -27.28
C2 MAN R . -9.34 -18.84 -28.34
C3 MAN R . -10.40 -17.70 -28.57
C4 MAN R . -11.02 -17.19 -27.24
C5 MAN R . -9.92 -16.84 -26.23
C6 MAN R . -10.46 -16.53 -24.85
O2 MAN R . -9.92 -20.10 -27.87
O3 MAN R . -11.42 -18.03 -29.54
O4 MAN R . -11.79 -16.03 -27.51
O5 MAN R . -9.01 -17.95 -26.10
O6 MAN R . -10.73 -15.14 -24.78
C1 MAN R . -11.34 -20.30 -28.00
C2 MAN R . -11.83 -20.77 -26.62
C3 MAN R . -11.19 -22.10 -26.29
C4 MAN R . -11.40 -23.11 -27.42
C5 MAN R . -10.96 -22.52 -28.78
C6 MAN R . -11.32 -23.40 -29.96
O2 MAN R . -13.24 -20.99 -26.61
O3 MAN R . -11.67 -22.64 -25.06
O4 MAN R . -10.65 -24.29 -27.16
O5 MAN R . -11.61 -21.26 -28.98
O6 MAN R . -10.35 -23.19 -30.98
C1 MAN S . 0.20 -15.27 -28.81
C2 MAN S . 0.57 -16.64 -28.20
C3 MAN S . 1.80 -17.22 -28.89
C4 MAN S . 1.70 -17.12 -30.41
C5 MAN S . 1.39 -15.69 -30.84
C6 MAN S . 1.19 -15.58 -32.33
O2 MAN S . -0.47 -17.59 -28.41
O3 MAN S . 2.04 -18.58 -28.55
O4 MAN S . 2.93 -17.52 -31.00
O5 MAN S . 0.16 -15.28 -30.21
O6 MAN S . 0.15 -14.64 -32.57
C1 MAN S . 2.50 -18.77 -27.19
C2 MAN S . 4.02 -18.61 -27.16
C3 MAN S . 4.64 -19.61 -28.11
C4 MAN S . 4.17 -21.05 -27.78
C5 MAN S . 2.63 -21.12 -27.67
C6 MAN S . 2.14 -22.44 -27.11
O2 MAN S . 4.54 -18.92 -25.86
O3 MAN S . 6.06 -19.55 -28.10
O4 MAN S . 4.60 -21.94 -28.79
O5 MAN S . 2.15 -20.07 -26.79
O6 MAN S . 2.65 -22.58 -25.79
C1 MAN S . 0.73 -13.34 -32.71
C2 MAN S . -0.25 -12.32 -32.05
C3 MAN S . -1.52 -12.20 -32.90
C4 MAN S . -1.17 -11.93 -34.36
C5 MAN S . -0.24 -13.03 -34.89
C6 MAN S . 0.20 -12.80 -36.33
O2 MAN S . 0.31 -11.01 -32.01
O3 MAN S . -2.38 -11.20 -32.40
O4 MAN S . -2.35 -11.91 -35.15
O5 MAN S . 0.95 -13.04 -34.08
O6 MAN S . 1.05 -13.87 -36.70
C1 NAG T . 36.07 -15.90 -4.88
C2 NAG T . 37.03 -16.13 -6.04
C3 NAG T . 38.27 -16.87 -5.56
C4 NAG T . 38.90 -16.13 -4.39
C5 NAG T . 37.87 -15.92 -3.29
C6 NAG T . 38.40 -15.11 -2.13
C7 NAG T . 36.81 -16.86 -8.38
C8 NAG T . 36.03 -17.67 -9.36
N2 NAG T . 36.38 -16.87 -7.11
O3 NAG T . 39.21 -16.98 -6.63
O4 NAG T . 40.01 -16.87 -3.88
O5 NAG T . 36.74 -15.21 -3.81
O6 NAG T . 38.93 -13.86 -2.57
O7 NAG T . 37.81 -16.20 -8.72
C1 NAG T . 41.21 -16.34 -4.48
C2 NAG T . 42.41 -16.71 -3.63
C3 NAG T . 43.69 -16.20 -4.26
C4 NAG T . 43.80 -16.66 -5.71
C5 NAG T . 42.54 -16.30 -6.48
C6 NAG T . 42.52 -16.86 -7.89
C7 NAG T . 41.67 -16.89 -1.29
C8 NAG T . 41.61 -16.21 0.05
N2 NAG T . 42.27 -16.20 -2.27
O3 NAG T . 44.82 -16.66 -3.52
O4 NAG T . 44.91 -16.03 -6.34
O5 NAG T . 41.38 -16.85 -5.81
O6 NAG T . 43.70 -16.50 -8.59
O7 NAG T . 41.20 -18.01 -1.47
C1 BMA T . 46.08 -16.88 -6.20
C2 BMA T . 46.48 -17.36 -7.60
C3 BMA T . 47.83 -18.10 -7.54
C4 BMA T . 48.87 -17.30 -6.76
C5 BMA T . 48.32 -16.93 -5.38
C6 BMA T . 49.30 -16.11 -4.55
O2 BMA T . 46.67 -16.26 -8.48
O3 BMA T . 48.32 -18.41 -8.84
O4 BMA T . 50.06 -18.06 -6.62
O5 BMA T . 47.13 -16.16 -5.57
O6 BMA T . 50.56 -16.78 -4.54
C1 NAG U . -3.12 -26.91 -3.08
C2 NAG U . -2.28 -27.22 -4.31
C3 NAG U . -2.93 -28.32 -5.13
C4 NAG U . -3.17 -29.55 -4.26
C5 NAG U . -3.97 -29.16 -3.02
C6 NAG U . -4.14 -30.31 -2.05
C7 NAG U . -1.00 -25.25 -5.02
C8 NAG U . -0.96 -24.06 -5.93
N2 NAG U . -2.09 -26.03 -5.12
O3 NAG U . -2.08 -28.66 -6.22
O4 NAG U . -3.86 -30.55 -5.00
O5 NAG U . -3.30 -28.11 -2.30
O6 NAG U . -3.37 -31.44 -2.42
O7 NAG U . -0.10 -25.48 -4.22
C1 NAG U . -2.90 -31.52 -5.45
C2 NAG U . -3.59 -32.88 -5.54
C3 NAG U . -2.59 -33.94 -6.01
C4 NAG U . -1.92 -33.50 -7.31
C5 NAG U . -1.35 -32.08 -7.19
C6 NAG U . -0.86 -31.54 -8.51
C7 NAG U . -5.42 -32.97 -3.91
C8 NAG U . -5.85 -33.43 -2.56
N2 NAG U . -4.16 -33.26 -4.26
O3 NAG U . -3.26 -35.18 -6.20
O4 NAG U . -0.84 -34.39 -7.59
O5 NAG U . -2.37 -31.18 -6.73
O6 NAG U . -1.85 -31.65 -9.53
O7 NAG U . -6.17 -32.37 -4.66
C1 BMA U . -1.01 -35.04 -8.87
C2 BMA U . 0.40 -35.44 -9.35
C3 BMA U . 0.34 -36.41 -10.54
C4 BMA U . -0.69 -37.50 -10.31
C5 BMA U . -2.04 -36.89 -9.96
C6 BMA U . -3.14 -37.91 -9.75
O2 BMA U . 1.11 -36.10 -8.33
O3 BMA U . 1.64 -36.99 -10.77
O4 BMA U . -0.82 -38.30 -11.48
O5 BMA U . -1.87 -36.16 -8.75
O6 BMA U . -2.52 -39.20 -9.64
C1 MAN U . -3.26 -40.00 -8.70
C2 MAN U . -2.65 -39.77 -7.29
C3 MAN U . -1.28 -40.43 -7.22
C4 MAN U . -1.40 -41.92 -7.63
C5 MAN U . -1.91 -41.99 -9.06
C6 MAN U . -2.05 -43.40 -9.58
O2 MAN U . -3.44 -40.39 -6.27
O3 MAN U . -0.62 -40.24 -5.95
O4 MAN U . -0.13 -42.55 -7.53
O5 MAN U . -3.21 -41.37 -9.09
O6 MAN U . -2.24 -43.33 -10.99
C1 MAN U . -0.98 -41.23 -4.96
C2 MAN U . -0.99 -40.54 -3.58
C3 MAN U . 0.44 -40.24 -3.13
C4 MAN U . 1.34 -41.48 -3.25
C5 MAN U . 1.28 -42.01 -4.69
C6 MAN U . 2.11 -43.27 -4.89
O2 MAN U . -1.53 -41.39 -2.57
O3 MAN U . 0.48 -39.73 -1.80
O4 MAN U . 2.67 -41.15 -2.91
O5 MAN U . -0.08 -42.32 -5.01
O6 MAN U . 2.07 -43.61 -6.27
C1 MAN U . 2.05 -36.96 -12.16
C2 MAN U . 2.60 -35.53 -12.47
C3 MAN U . 2.40 -35.22 -13.95
C4 MAN U . 2.51 -36.50 -14.78
C5 MAN U . 1.32 -37.43 -14.45
C6 MAN U . 1.60 -38.88 -14.75
O2 MAN U . 4.01 -35.45 -12.24
O3 MAN U . 3.34 -34.25 -14.41
O4 MAN U . 2.48 -36.18 -16.16
O5 MAN U . 0.98 -37.33 -13.04
O6 MAN U . 2.23 -38.96 -16.03
C1 NAG V . -25.16 -21.11 -12.58
C2 NAG V . -23.98 -20.80 -13.50
C3 NAG V . -24.49 -20.40 -14.89
C4 NAG V . -25.42 -21.47 -15.43
C5 NAG V . -26.54 -21.77 -14.44
C6 NAG V . -27.43 -22.90 -14.86
C7 NAG V . -21.91 -19.48 -13.36
C8 NAG V . -21.20 -18.36 -12.67
N2 NAG V . -23.15 -19.74 -12.93
O3 NAG V . -23.38 -20.23 -15.76
O4 NAG V . -26.00 -21.03 -16.66
O5 NAG V . -25.96 -22.14 -13.17
O6 NAG V . -26.67 -24.02 -15.31
O7 NAG V . -21.38 -20.13 -14.25
C1 NAG V . -25.17 -21.49 -17.75
C2 NAG V . -26.02 -21.52 -19.01
C3 NAG V . -25.17 -21.96 -20.20
C4 NAG V . -23.94 -21.07 -20.33
C5 NAG V . -23.18 -21.04 -19.00
C6 NAG V . -22.00 -20.08 -19.02
C7 NAG V . -28.43 -21.93 -18.75
C8 NAG V . -29.49 -22.98 -18.59
N2 NAG V . -27.18 -22.39 -18.86
O3 NAG V . -25.95 -21.90 -21.39
O4 NAG V . -23.07 -21.57 -21.33
O5 NAG V . -24.05 -20.62 -17.94
O6 NAG V . -22.40 -18.79 -19.48
O7 NAG V . -28.69 -20.74 -18.77
C1 BMA V . -23.50 -21.11 -22.63
C2 BMA V . -22.28 -21.17 -23.59
C3 BMA V . -22.75 -20.91 -25.03
C4 BMA V . -23.91 -21.85 -25.39
C5 BMA V . -25.06 -21.57 -24.42
C6 BMA V . -26.30 -22.43 -24.68
O2 BMA V . -21.69 -22.46 -23.54
O3 BMA V . -21.67 -20.97 -26.00
O4 BMA V . -24.35 -21.62 -26.72
O5 BMA V . -24.59 -21.89 -23.09
O6 BMA V . -27.26 -21.65 -25.39
C1 MAN V . -21.28 -22.31 -26.34
C2 MAN V . -19.73 -22.39 -26.30
C3 MAN V . -19.13 -21.68 -27.51
C4 MAN V . -19.79 -22.15 -28.82
C5 MAN V . -21.30 -21.91 -28.73
C6 MAN V . -22.04 -22.36 -29.97
O2 MAN V . -19.27 -23.75 -26.38
O3 MAN V . -17.72 -21.86 -27.59
O4 MAN V . -19.27 -21.42 -29.92
O5 MAN V . -21.82 -22.67 -27.61
O6 MAN V . -21.38 -21.82 -31.10
C1 MAN V . -28.02 -20.82 -24.49
C2 MAN V . -29.25 -21.63 -23.97
C3 MAN V . -30.29 -21.79 -25.08
C4 MAN V . -30.62 -20.44 -25.72
C5 MAN V . -29.32 -19.81 -26.25
C6 MAN V . -29.55 -18.44 -26.89
O2 MAN V . -29.92 -20.94 -22.92
O3 MAN V . -31.48 -22.41 -24.60
O4 MAN V . -31.53 -20.62 -26.80
O5 MAN V . -28.42 -19.62 -25.14
O6 MAN V . -29.90 -17.53 -25.85
C1 NAG W . -3.89 -5.98 42.26
C2 NAG W . -4.42 -5.64 43.65
C3 NAG W . -4.59 -6.92 44.46
C4 NAG W . -5.42 -7.96 43.69
C5 NAG W . -4.97 -8.09 42.23
C6 NAG W . -5.97 -8.84 41.38
C7 NAG W . -3.89 -3.49 44.71
C8 NAG W . -2.85 -2.68 45.41
N2 NAG W . -3.52 -4.72 44.34
O3 NAG W . -5.22 -6.61 45.69
O4 NAG W . -5.22 -9.21 44.34
O5 NAG W . -4.81 -6.81 41.61
O6 NAG W . -5.31 -9.75 40.50
O7 NAG W . -5.03 -3.06 44.51
C1 NAG W . -6.42 -10.00 44.46
C2 NAG W . -5.98 -11.46 44.32
C3 NAG W . -7.17 -12.39 44.53
C4 NAG W . -7.94 -12.08 45.80
C5 NAG W . -8.26 -10.58 45.89
C6 NAG W . -8.82 -10.14 47.21
C7 NAG W . -4.45 -12.63 42.80
C8 NAG W . -3.95 -12.73 41.39
N2 NAG W . -5.37 -11.69 43.03
O3 NAG W . -6.70 -13.74 44.57
O4 NAG W . -9.12 -12.86 45.73
O5 NAG W . -7.05 -9.81 45.71
O6 NAG W . -8.41 -8.83 47.55
O7 NAG W . -4.04 -13.36 43.69
C1 BMA W . -10.07 -12.88 46.83
C2 BMA W . -11.00 -14.07 46.54
C3 BMA W . -12.10 -14.09 47.59
C4 BMA W . -11.47 -14.14 49.00
C5 BMA W . -10.52 -12.92 49.15
C6 BMA W . -9.87 -12.82 50.53
O2 BMA W . -10.29 -15.30 46.67
O3 BMA W . -13.05 -15.14 47.39
O4 BMA W . -12.49 -14.09 49.98
O5 BMA W . -9.50 -13.02 48.13
O6 BMA W . -9.66 -11.41 50.90
C1 MAN W . -10.82 -10.58 51.25
C2 MAN W . -11.85 -11.34 52.13
C3 MAN W . -12.98 -10.40 52.49
C4 MAN W . -13.68 -9.89 51.22
C5 MAN W . -12.69 -9.30 50.17
C6 MAN W . -12.30 -7.86 50.44
O2 MAN W . -11.28 -11.76 53.38
O3 MAN W . -12.54 -9.30 53.28
O4 MAN W . -14.41 -10.97 50.61
O5 MAN W . -11.45 -10.08 50.05
O6 MAN W . -12.88 -7.05 49.41
C1 MAN W . -14.27 -6.83 49.71
C2 MAN W . -15.10 -7.19 48.45
C3 MAN W . -14.88 -6.14 47.36
C4 MAN W . -15.11 -4.73 47.90
C5 MAN W . -14.19 -4.50 49.11
C6 MAN W . -14.38 -3.14 49.74
O2 MAN W . -16.50 -7.18 48.72
O3 MAN W . -15.73 -6.38 46.24
O4 MAN W . -14.82 -3.78 46.89
O5 MAN W . -14.49 -5.48 50.12
O6 MAN W . -13.53 -3.06 50.88
C1 MAN W . -13.80 -14.79 46.20
C2 MAN W . -15.33 -14.84 46.53
C3 MAN W . -16.14 -14.91 45.24
C4 MAN W . -15.31 -14.45 44.03
C5 MAN W . -14.10 -15.39 43.85
C6 MAN W . -13.01 -14.85 42.90
O2 MAN W . -15.75 -13.64 47.20
O3 MAN W . -17.34 -14.15 45.33
O4 MAN W . -16.11 -14.49 42.87
O5 MAN W . -13.47 -15.67 45.13
O6 MAN W . -12.70 -13.51 43.27
C1 NAG X . 31.43 1.67 37.59
C2 NAG X . 31.73 1.57 39.10
C3 NAG X . 32.91 2.46 39.47
C4 NAG X . 34.11 2.17 38.58
C5 NAG X . 33.70 2.27 37.11
C6 NAG X . 34.82 1.89 36.16
C7 NAG X . 30.43 1.60 41.18
C8 NAG X . 29.17 2.07 41.85
N2 NAG X . 30.57 1.92 39.90
O3 NAG X . 33.28 2.25 40.83
O4 NAG X . 35.14 3.11 38.83
O5 NAG X . 32.62 1.38 36.84
O6 NAG X . 35.35 0.61 36.48
O7 NAG X . 31.29 0.97 41.78
C1 NAG X . 36.30 2.42 39.33
C2 NAG X . 37.50 3.36 39.24
C3 NAG X . 38.75 2.69 39.80
C4 NAG X . 38.48 2.17 41.21
C5 NAG X . 37.25 1.28 41.22
C6 NAG X . 36.85 0.84 42.61
C7 NAG X . 37.06 4.80 37.30
C8 NAG X . 37.41 5.11 35.87
N2 NAG X . 37.72 3.79 37.86
O3 NAG X . 39.82 3.62 39.81
O4 NAG X . 39.60 1.44 41.67
O5 NAG X . 36.12 1.99 40.67
O6 NAG X . 37.93 0.18 43.27
O7 NAG X . 36.19 5.43 37.90
C1 BMA X . 40.45 2.32 42.43
C2 BMA X . 40.64 1.72 43.85
C3 BMA X . 41.66 2.54 44.63
C4 BMA X . 42.94 2.76 43.81
C5 BMA X . 42.60 3.38 42.46
C6 BMA X . 43.82 3.59 41.57
O2 BMA X . 41.13 0.40 43.78
O3 BMA X . 41.98 1.93 45.87
O4 BMA X . 43.83 3.62 44.51
O5 BMA X . 41.71 2.48 41.77
O6 BMA X . 44.80 4.28 42.33
C1 NAG Y . 26.73 21.83 31.72
C2 NAG Y . 27.67 22.99 31.38
C3 NAG Y . 28.93 22.92 32.24
C4 NAG Y . 28.56 22.85 33.72
C5 NAG Y . 27.60 21.67 33.95
C6 NAG Y . 27.12 21.57 35.37
C7 NAG Y . 28.17 24.03 29.18
C8 NAG Y . 27.95 25.38 29.80
N2 NAG Y . 28.02 22.97 29.97
O3 NAG Y . 29.75 24.05 32.01
O4 NAG Y . 29.73 22.66 34.50
O5 NAG Y . 26.45 21.84 33.12
O6 NAG Y . 26.07 20.62 35.50
O7 NAG Y . 28.47 23.93 27.99
C1 BMA Y . 30.18 23.91 35.08
C2 BMA Y . 31.71 23.80 35.29
C3 BMA Y . 32.28 25.13 35.81
C4 BMA Y . 31.77 26.33 34.99
C5 BMA Y . 30.24 26.29 34.90
C6 BMA Y . 29.65 27.42 34.08
O2 BMA Y . 32.37 23.53 34.06
O3 BMA Y . 33.70 25.12 35.81
O4 BMA Y . 32.17 27.55 35.61
O5 BMA Y . 29.88 25.05 34.28
O6 BMA Y . 28.26 27.16 33.89
C1 NAG Z . -8.66 9.34 32.15
C2 NAG Z . -7.95 8.81 33.40
C3 NAG Z . -8.86 8.97 34.62
C4 NAG Z . -9.32 10.41 34.74
C5 NAG Z . -9.92 10.91 33.43
C6 NAG Z . -10.26 12.38 33.45
C7 NAG Z . -6.68 6.80 33.98
C8 NAG Z . -6.40 5.36 33.65
N2 NAG Z . -7.57 7.42 33.21
O3 NAG Z . -8.14 8.58 35.78
O4 NAG Z . -10.30 10.52 35.78
O5 NAG Z . -9.00 10.71 32.35
O6 NAG Z . -9.56 13.08 32.43
O7 NAG Z . -6.12 7.37 34.92
C1 NAG Z . -9.68 11.00 36.99
C2 NAG Z . -10.63 11.98 37.67
C3 NAG Z . -10.03 12.48 38.97
C4 NAG Z . -9.66 11.31 39.86
C5 NAG Z . -8.75 10.34 39.11
C6 NAG Z . -8.44 9.09 39.91
C7 NAG Z . -12.18 13.60 36.64
C8 NAG Z . -12.31 14.74 35.69
N2 NAG Z . -10.94 13.10 36.78
O3 NAG Z . -10.97 13.32 39.63
O4 NAG Z . -8.97 11.78 41.03
O5 NAG Z . -9.38 9.92 37.89
O6 NAG Z . -9.55 8.20 39.92
O7 NAG Z . -13.13 13.14 37.25
C1 BMA Z . -9.74 11.40 42.19
C2 BMA Z . -8.76 11.16 43.36
C3 BMA Z . -9.55 10.89 44.65
C4 BMA Z . -10.64 11.96 44.85
C5 BMA Z . -11.53 12.05 43.60
C6 BMA Z . -12.63 13.09 43.72
O2 BMA Z . -7.96 12.31 43.59
O3 BMA Z . -8.74 10.82 45.85
O4 BMA Z . -11.44 11.64 45.98
O5 BMA Z . -10.69 12.41 42.50
O6 BMA Z . -12.39 13.88 44.89
C1 MAN Z . -12.80 15.23 44.64
C2 MAN Z . -11.56 16.01 44.09
C3 MAN Z . -10.54 16.21 45.21
C4 MAN Z . -11.22 16.89 46.42
C5 MAN Z . -12.35 15.97 46.91
C6 MAN Z . -13.09 16.54 48.10
O2 MAN Z . -11.93 17.32 43.66
O3 MAN Z . -9.35 16.88 44.76
O4 MAN Z . -10.28 17.09 47.45
O5 MAN Z . -13.31 15.81 45.84
O6 MAN Z . -14.00 15.54 48.58
C1 MAN Z . -9.44 18.33 44.87
C2 MAN Z . -8.97 18.93 43.53
C3 MAN Z . -7.47 18.77 43.37
C4 MAN Z . -6.72 19.27 44.61
C5 MAN Z . -7.25 18.53 45.84
C6 MAN Z . -6.60 18.98 47.14
O2 MAN Z . -9.22 20.34 43.48
O3 MAN Z . -6.98 19.46 42.20
O4 MAN Z . -5.33 19.03 44.48
O5 MAN Z . -8.66 18.78 45.97
O6 MAN Z . -7.03 18.11 48.18
C1 MAN Z . -7.42 10.29 45.62
C2 MAN Z . -7.49 8.75 45.49
C3 MAN Z . -7.82 8.13 46.85
C4 MAN Z . -6.86 8.64 47.92
C5 MAN Z . -6.92 10.16 47.98
C6 MAN Z . -5.95 10.75 48.99
O2 MAN Z . -6.23 8.20 45.12
O3 MAN Z . -7.80 6.70 46.79
O4 MAN Z . -7.21 8.10 49.18
O5 MAN Z . -6.56 10.69 46.68
O6 MAN Z . -6.14 10.07 50.23
C1 NAG AA . -28.81 -4.14 30.59
C2 NAG AA . -27.82 -4.57 31.66
C3 NAG AA . -28.25 -5.89 32.30
C4 NAG AA . -29.69 -5.81 32.76
C5 NAG AA . -30.60 -5.32 31.63
C6 NAG AA . -32.02 -5.08 32.07
C7 NAG AA . -25.38 -4.21 31.70
C8 NAG AA . -24.08 -4.44 30.99
N2 NAG AA . -26.47 -4.69 31.11
O3 NAG AA . -27.40 -6.19 33.40
O4 NAG AA . -30.12 -7.12 33.15
O5 NAG AA . -30.11 -4.06 31.14
O6 NAG AA . -32.08 -4.38 33.31
O7 NAG AA . -25.44 -3.62 32.77
C1 NAG AA . -31.03 -7.12 34.26
C2 NAG AA . -31.40 -8.58 34.53
C3 NAG AA . -32.35 -8.66 35.72
C4 NAG AA . -31.74 -7.96 36.92
C5 NAG AA . -31.39 -6.52 36.56
C6 NAG AA . -30.70 -5.79 37.68
C7 NAG AA . -31.27 -9.66 32.32
C8 NAG AA . -32.05 -10.26 31.19
N2 NAG AA . -32.00 -9.19 33.35
O3 NAG AA . -32.60 -10.03 36.02
O4 NAG AA . -32.66 -7.98 38.02
O5 NAG AA . -30.48 -6.53 35.44
O6 NAG AA . -31.63 -5.37 38.67
O7 NAG AA . -30.05 -9.59 32.32
C1 BMA AA . -32.27 -9.07 38.88
C2 BMA AA . -31.79 -8.47 40.22
C3 BMA AA . -31.43 -9.61 41.17
C4 BMA AA . -32.55 -10.66 41.25
C5 BMA AA . -32.96 -11.13 39.85
C6 BMA AA . -34.12 -12.10 39.86
O2 BMA AA . -32.82 -7.73 40.85
O3 BMA AA . -31.12 -9.12 42.48
O4 BMA AA . -32.11 -11.78 42.02
O5 BMA AA . -33.34 -9.98 39.09
O6 BMA AA . -34.53 -12.32 38.52
C1 NAG BA . 7.12 32.29 6.08
C2 NAG BA . 7.54 33.69 5.61
C3 NAG BA . 7.92 34.55 6.82
C4 NAG BA . 6.79 34.57 7.83
C5 NAG BA . 6.39 33.15 8.21
C6 NAG BA . 5.18 33.09 9.12
C7 NAG BA . 8.82 34.54 3.71
C8 NAG BA . 10.00 34.34 2.81
N2 NAG BA . 8.63 33.63 4.66
O3 NAG BA . 8.21 35.87 6.38
O4 NAG BA . 7.18 35.27 9.00
O5 NAG BA . 6.04 32.40 7.03
O6 NAG BA . 4.64 34.38 9.34
O7 NAG BA . 8.06 35.50 3.57
C1 NAG CA . 22.47 28.78 0.67
C2 NAG CA . 22.10 29.79 -0.41
C3 NAG CA . 23.12 30.94 -0.42
C4 NAG CA . 23.26 31.55 0.96
C5 NAG CA . 23.58 30.46 1.98
C6 NAG CA . 23.63 30.98 3.40
C7 NAG CA . 21.32 29.67 -2.73
C8 NAG CA . 21.36 28.88 -4.01
N2 NAG CA . 22.04 29.16 -1.72
O3 NAG CA . 22.70 31.93 -1.35
O4 NAG CA . 24.30 32.52 0.97
O5 NAG CA . 22.58 29.44 1.94
O6 NAG CA . 22.44 31.67 3.73
O7 NAG CA . 20.67 30.70 -2.62
C1 NAG DA . 15.84 22.06 -19.42
C2 NAG DA . 16.21 22.73 -18.08
C3 NAG DA . 17.07 23.96 -18.36
C4 NAG DA . 18.30 23.58 -19.18
C5 NAG DA . 17.85 22.89 -20.47
C6 NAG DA . 19.00 22.39 -21.31
C7 NAG DA . 14.94 23.13 -15.99
C8 NAG DA . 16.17 22.73 -15.20
N2 NAG DA . 15.03 23.09 -17.32
O3 NAG DA . 17.49 24.59 -17.15
O4 NAG DA . 19.04 24.74 -19.51
O5 NAG DA . 17.04 21.74 -20.16
O6 NAG DA . 18.57 21.88 -22.55
O7 NAG DA . 13.91 23.47 -15.42
C1 NAG EA . 26.66 14.20 -20.90
C2 NAG EA . 25.79 14.44 -22.15
C3 NAG EA . 25.85 13.22 -23.07
C4 NAG EA . 27.30 12.89 -23.40
C5 NAG EA . 28.11 12.70 -22.12
C6 NAG EA . 29.58 12.47 -22.36
C7 NAG EA . 23.60 15.60 -22.36
C8 NAG EA . 24.19 16.39 -23.51
N2 NAG EA . 24.41 14.71 -21.76
O3 NAG EA . 25.13 13.48 -24.26
O4 NAG EA . 27.36 11.69 -24.16
O5 NAG EA . 28.00 13.89 -21.31
O6 NAG EA . 29.79 11.35 -23.20
O7 NAG EA . 22.45 15.78 -21.98
C1 NAG FA . 32.61 8.75 -10.32
C2 NAG FA . 33.64 9.81 -9.90
C3 NAG FA . 34.87 9.73 -10.80
C4 NAG FA . 35.43 8.32 -10.80
C5 NAG FA . 34.35 7.34 -11.24
C6 NAG FA . 34.79 5.90 -11.19
C7 NAG FA . 33.29 12.14 -9.08
C8 NAG FA . 34.23 11.83 -7.95
N2 NAG FA . 33.06 11.14 -9.96
O3 NAG FA . 35.86 10.65 -10.36
O4 NAG FA . 36.56 8.22 -11.67
O5 NAG FA . 33.23 7.45 -10.35
O6 NAG FA . 33.88 5.10 -10.46
O7 NAG FA . 32.76 13.23 -9.19
C1 NAG GA . 0.55 8.95 -23.38
C2 NAG GA . 1.12 8.20 -24.59
C3 NAG GA . 0.48 8.72 -25.88
C4 NAG GA . -1.04 8.65 -25.77
C5 NAG GA . -1.52 9.37 -24.52
C6 NAG GA . -3.01 9.25 -24.29
C7 NAG GA . 3.20 9.51 -24.70
C8 NAG GA . 4.69 9.45 -24.76
N2 NAG GA . 2.56 8.33 -24.65
O3 NAG GA . 0.93 7.91 -26.97
O4 NAG GA . -1.63 9.25 -26.92
O5 NAG GA . -0.88 8.82 -23.36
O6 NAG GA . -3.59 10.51 -23.98
O7 NAG GA . 2.59 10.58 -24.70
C1 NAG HA . -12.28 16.67 -26.21
C2 NAG HA . -11.80 16.53 -27.65
C3 NAG HA . -11.98 17.85 -28.40
C4 NAG HA . -13.41 18.34 -28.29
C5 NAG HA . -13.83 18.41 -26.82
C6 NAG HA . -15.29 18.77 -26.63
C7 NAG HA . -10.04 14.82 -27.73
C8 NAG HA . -8.56 14.56 -27.76
N2 NAG HA . -10.41 16.11 -27.70
O3 NAG HA . -11.64 17.66 -29.77
O4 NAG HA . -13.54 19.63 -28.87
O5 NAG HA . -13.65 17.13 -26.20
O6 NAG HA . -15.71 18.53 -25.30
O7 NAG HA . -10.86 13.91 -27.73
C1 NAG IA . 9.58 -20.14 -23.75
C2 NAG IA . 9.63 -21.18 -24.88
C3 NAG IA . 10.19 -20.54 -26.15
C4 NAG IA . 9.40 -19.30 -26.52
C5 NAG IA . 9.36 -18.34 -25.32
C6 NAG IA . 8.49 -17.12 -25.58
C7 NAG IA . 10.28 -23.53 -25.07
C8 NAG IA . 11.17 -24.63 -24.54
N2 NAG IA . 10.42 -22.34 -24.49
O3 NAG IA . 10.13 -21.49 -27.22
O4 NAG IA . 10.01 -18.64 -27.62
O5 NAG IA . 8.81 -19.00 -24.18
O6 NAG IA . 7.22 -17.49 -26.10
O7 NAG IA . 9.47 -23.74 -25.96
C1 NAG JA . 29.67 -27.99 7.30
C2 NAG JA . 30.82 -28.18 6.31
C3 NAG JA . 31.62 -29.43 6.66
C4 NAG JA . 32.06 -29.40 8.11
C5 NAG JA . 30.87 -29.17 9.02
C6 NAG JA . 31.25 -29.01 10.48
C7 NAG JA . 29.92 -27.17 4.25
C8 NAG JA . 29.46 -27.43 2.85
N2 NAG JA . 30.34 -28.24 4.94
O3 NAG JA . 32.75 -29.53 5.80
O4 NAG JA . 32.69 -30.63 8.45
O5 NAG JA . 30.18 -27.96 8.64
O6 NAG JA . 31.86 -27.75 10.71
O7 NAG JA . 29.93 -26.05 4.75
C1 NAG KA . 24.17 -25.24 -14.89
C2 NAG KA . 23.65 -26.45 -15.70
C3 NAG KA . 24.78 -27.08 -16.51
C4 NAG KA . 25.50 -26.05 -17.35
C5 NAG KA . 25.98 -24.91 -16.47
C6 NAG KA . 26.63 -23.78 -17.24
C7 NAG KA . 22.49 -28.57 -15.26
C8 NAG KA . 21.93 -29.48 -14.21
N2 NAG KA . 23.04 -27.43 -14.81
O3 NAG KA . 24.26 -28.10 -17.37
O4 NAG KA . 26.62 -26.63 -18.00
O5 NAG KA . 24.85 -24.34 -15.78
O6 NAG KA . 25.79 -22.64 -17.28
O7 NAG KA . 22.45 -28.86 -16.45
C1 NAG LA . 12.25 -37.57 -0.62
C2 NAG LA . 13.16 -37.22 -1.80
C3 NAG LA . 13.55 -38.49 -2.54
C4 NAG LA . 14.17 -39.50 -1.57
C5 NAG LA . 13.23 -39.75 -0.40
C6 NAG LA . 13.83 -40.65 0.65
C7 NAG LA . 13.12 -35.41 -3.52
C8 NAG LA . 14.64 -35.40 -3.54
N2 NAG LA . 12.52 -36.27 -2.69
O3 NAG LA . 14.47 -38.22 -3.59
O4 NAG LA . 14.43 -40.73 -2.25
O5 NAG LA . 12.91 -38.51 0.25
O6 NAG LA . 12.88 -41.57 1.17
O7 NAG LA . 12.48 -34.65 -4.24
C1 NAG MA . 21.15 -37.31 7.43
C2 NAG MA . 20.25 -38.56 7.34
C3 NAG MA . 19.34 -38.65 8.56
C4 NAG MA . 20.18 -38.60 9.83
C5 NAG MA . 21.05 -37.36 9.83
C6 NAG MA . 21.99 -37.28 11.02
C7 NAG MA . 18.61 -37.55 5.80
C8 NAG MA . 17.89 -37.70 4.49
N2 NAG MA . 19.46 -38.53 6.12
O3 NAG MA . 18.61 -39.87 8.51
O4 NAG MA . 19.32 -38.57 10.97
O5 NAG MA . 21.88 -37.35 8.66
O6 NAG MA . 21.87 -38.44 11.85
O7 NAG MA . 18.46 -36.56 6.52
C1 NAG NA . -3.62 -35.22 8.49
C2 NAG NA . -3.02 -34.98 9.87
C3 NAG NA . -3.92 -35.58 10.95
C4 NAG NA . -5.35 -35.06 10.80
C5 NAG NA . -5.85 -35.29 9.38
C6 NAG NA . -7.21 -34.68 9.12
C7 NAG NA . -1.38 -36.80 9.72
C8 NAG NA . 0.06 -37.19 9.87
N2 NAG NA . -1.68 -35.52 9.97
O3 NAG NA . -3.42 -35.25 12.23
O4 NAG NA . -6.21 -35.73 11.71
O5 NAG NA . -4.94 -34.69 8.43
O6 NAG NA . -7.57 -34.78 7.74
O7 NAG NA . -2.24 -37.61 9.40
C1 NAG OA . -15.14 -37.21 2.46
C2 NAG OA . -16.20 -37.97 3.28
C3 NAG OA . -17.24 -38.58 2.34
C4 NAG OA . -17.83 -37.52 1.43
C5 NAG OA . -16.72 -36.78 0.69
C6 NAG OA . -17.23 -35.63 -0.15
C7 NAG OA . -15.15 -38.77 5.34
C8 NAG OA . -14.54 -39.94 6.05
N2 NAG OA . -15.59 -38.99 4.10
O3 NAG OA . -18.28 -39.19 3.12
O4 NAG OA . -18.70 -38.12 0.48
O5 NAG OA . -15.79 -36.22 1.64
O6 NAG OA . -17.75 -36.08 -1.39
O7 NAG OA . -15.25 -37.66 5.88
C1 NAG PA . 2.14 -8.60 47.33
C2 NAG PA . 1.23 -8.28 48.54
C3 NAG PA . 1.48 -9.28 49.67
C4 NAG PA . 1.36 -10.71 49.15
C5 NAG PA . 2.29 -10.91 47.96
C6 NAG PA . 2.17 -12.29 47.35
C7 NAG PA . 0.62 -6.31 49.88
C8 NAG PA . 1.00 -4.91 50.26
N2 NAG PA . 1.44 -6.93 49.01
O3 NAG PA . 0.53 -9.07 50.71
O4 NAG PA . 1.71 -11.63 50.19
O5 NAG PA . 1.98 -9.97 46.94
O6 NAG PA . 0.82 -12.58 47.01
O7 NAG PA . -0.36 -6.88 50.36
C1 NAG QA . 15.29 0.75 47.34
C2 NAG QA . 14.62 1.59 48.44
C3 NAG QA . 15.56 1.73 49.64
C4 NAG QA . 16.01 0.35 50.11
C5 NAG QA . 16.62 -0.43 48.95
C6 NAG QA . 17.01 -1.84 49.32
C7 NAG QA . 13.10 3.50 48.24
C8 NAG QA . 12.88 4.85 47.64
N2 NAG QA . 14.25 2.89 47.94
O3 NAG QA . 14.88 2.39 50.69
O4 NAG QA . 16.99 0.49 51.15
O5 NAG QA . 15.68 -0.52 47.87
O6 NAG QA . 15.90 -2.56 49.87
O7 NAG QA . 12.27 2.98 48.99
C1 NAG RA . 5.07 18.30 42.66
C2 NAG RA . 4.91 16.99 43.43
C3 NAG RA . 5.65 17.06 44.77
C4 NAG RA . 7.11 17.44 44.55
C5 NAG RA . 7.19 18.73 43.74
C6 NAG RA . 8.61 19.11 43.38
C7 NAG RA . 2.96 15.47 43.63
C8 NAG RA . 3.88 14.31 43.33
N2 NAG RA . 3.50 16.69 43.65
O3 NAG RA . 5.56 15.83 45.46
O4 NAG RA . 7.76 17.62 45.80
O5 NAG RA . 6.48 18.59 42.50
O6 NAG RA . 8.92 20.44 43.79
O7 NAG RA . 1.76 15.29 43.83
C1 NAG SA . 14.63 25.03 37.73
C2 NAG SA . 13.65 25.94 38.47
C3 NAG SA . 12.94 26.88 37.49
C4 NAG SA . 13.97 27.64 36.65
C5 NAG SA . 14.93 26.67 35.99
C6 NAG SA . 16.05 27.36 35.24
C7 NAG SA . 11.87 24.26 38.67
C8 NAG SA . 10.94 23.56 39.61
N2 NAG SA . 12.69 25.17 39.22
O3 NAG SA . 12.13 27.79 38.21
O4 NAG SA . 13.31 28.41 35.65
O5 NAG SA . 15.55 25.83 36.98
O6 NAG SA . 15.59 28.54 34.61
O7 NAG SA . 11.89 24.02 37.47
C1 NAG TA . 24.71 17.04 31.23
C2 NAG TA . 25.89 16.56 32.07
C3 NAG TA . 26.88 17.70 32.30
C4 NAG TA . 27.30 18.28 30.95
C5 NAG TA . 26.06 18.71 30.17
C6 NAG TA . 26.40 19.23 28.79
C7 NAG TA . 24.67 16.70 34.21
C8 NAG TA . 24.31 15.96 35.47
N2 NAG TA . 25.44 16.01 33.34
O3 NAG TA . 28.02 17.20 32.99
O4 NAG TA . 28.16 19.40 31.16
O5 NAG TA . 25.19 17.60 30.00
O6 NAG TA . 25.22 19.64 28.09
O7 NAG TA . 24.32 17.84 34.00
C1 NAG UA . -8.94 22.43 29.43
C2 NAG UA . -8.09 22.77 28.21
C3 NAG UA . -8.87 23.64 27.24
C4 NAG UA . -10.21 22.99 26.89
C5 NAG UA . -10.97 22.65 28.17
C6 NAG UA . -12.26 21.90 27.90
C7 NAG UA . -6.81 24.54 29.34
C8 NAG UA . -5.44 25.07 29.65
N2 NAG UA . -6.85 23.42 28.60
O3 NAG UA . -8.11 23.85 26.06
O4 NAG UA . -10.99 23.87 26.09
O5 NAG UA . -10.17 21.81 29.01
O6 NAG UA . -13.25 22.24 28.86
O7 NAG UA . -7.83 25.09 29.74
C1 NAG VA . -22.79 19.00 30.95
C2 NAG VA . -22.81 20.47 31.37
C3 NAG VA . -23.02 20.58 32.87
C4 NAG VA . -24.27 19.81 33.30
C5 NAG VA . -24.19 18.37 32.80
C6 NAG VA . -25.45 17.59 33.07
C7 NAG VA . -21.46 21.81 29.82
C8 NAG VA . -20.12 22.44 29.57
N2 NAG VA . -21.58 21.15 30.98
O3 NAG VA . -23.15 21.95 33.24
O4 NAG VA . -24.38 19.81 34.72
O5 NAG VA . -24.00 18.37 31.37
O6 NAG VA . -25.35 16.25 32.56
O7 NAG VA . -22.36 21.87 29.00
C1 NAG WA . 5.65 -29.70 -39.58
C2 NAG WA . 6.88 -28.92 -40.02
C3 NAG WA . 7.42 -29.48 -41.33
C4 NAG WA . 7.66 -30.98 -41.20
C5 NAG WA . 6.39 -31.68 -40.71
C6 NAG WA . 6.59 -33.16 -40.46
C7 NAG WA . 6.68 -26.63 -39.15
C8 NAG WA . 6.33 -25.21 -39.48
N2 NAG WA . 6.58 -27.50 -40.16
O3 NAG WA . 8.64 -28.82 -41.67
O4 NAG WA . 8.03 -31.52 -42.47
O5 NAG WA . 5.96 -31.10 -39.47
O6 NAG WA . 7.15 -33.39 -39.17
O7 NAG WA . 7.04 -26.97 -38.03
C1 NAG XA . 2.17 51.22 2.93
C2 NAG XA . 3.21 51.35 4.04
C3 NAG XA . 3.65 52.80 4.21
C4 NAG XA . 4.09 53.38 2.87
C5 NAG XA . 3.01 53.17 1.82
C6 NAG XA . 3.43 53.61 0.43
C7 NAG XA . 2.84 49.54 5.66
C8 NAG XA . 2.26 49.16 6.99
N2 NAG XA . 2.71 50.82 5.30
O3 NAG XA . 4.70 52.88 5.16
O4 NAG XA . 4.36 54.77 3.00
O5 NAG XA . 2.68 51.78 1.72
O6 NAG XA . 4.79 53.27 0.16
O7 NAG XA . 3.41 48.72 4.95
#